data_4J4T
#
_entry.id   4J4T
#
_cell.length_a   85.398
_cell.length_b   123.349
_cell.length_c   202.653
_cell.angle_alpha   90.00
_cell.angle_beta   90.00
_cell.angle_gamma   90.00
#
_symmetry.space_group_name_H-M   'P 21 21 21'
#
loop_
_entity.id
_entity.type
_entity.pdbx_description
1 polymer 'Enoyl-[acyl-carrier-protein] reductase [NADH]'
2 non-polymer NICOTINAMIDE-ADENINE-DINUCLEOTIDE
3 non-polymer 1-(1,3-benzodioxol-5-ylmethyl)-5,6,7,8-tetrahydro-1H-naphtho[2,3-d]imidazole
4 non-polymer GLYCEROL
5 non-polymer 'SODIUM ION'
6 non-polymer 'ACETATE ION'
7 water water
#
_entity_poly.entity_id   1
_entity_poly.type   'polypeptide(L)'
_entity_poly.pdbx_seq_one_letter_code
;MGSSHHHHHHSSGLVPRGSHMGFLAGKKILITGLLSNKSIAYGIAKAMHREGAELAFTYVGQFKDRVEKLCAEFNPAAVL
PCDVISDQEIKDLFVELGKVWDGLDAIVHSIAFAPRDQLEGNFIDCVTREGFSIAHDISAYSFAALAKEGRSMMKNRNAS
MVALTYIGAEKAMPSYNTMGVAKASLEATVRYTALALGEDGIKVNAVSAGPIKTLAASGISNFKKMLDYNAMVSPLKKNV
DIMEVGNTVAFLCSDMATGITGEVVHVDAGYHCVSMGNVL
;
_entity_poly.pdbx_strand_id   A,B,C,D,E,F,G,H
#
loop_
_chem_comp.id
_chem_comp.type
_chem_comp.name
_chem_comp.formula
1JU non-polymer 1-(1,3-benzodioxol-5-ylmethyl)-5,6,7,8-tetrahydro-1H-naphtho[2,3-d]imidazole 'C19 H18 N2 O2'
ACT non-polymer 'ACETATE ION' 'C2 H3 O2 -1'
GOL non-polymer GLYCEROL 'C3 H8 O3'
NA non-polymer 'SODIUM ION' 'Na 1'
NAD non-polymer NICOTINAMIDE-ADENINE-DINUCLEOTIDE 'C21 H27 N7 O14 P2'
#
# COMPACT_ATOMS: atom_id res chain seq x y z
N GLY A 22 -11.47 43.25 1.65
CA GLY A 22 -11.75 41.79 1.79
C GLY A 22 -13.07 41.40 1.15
N PHE A 23 -13.19 40.18 0.62
CA PHE A 23 -14.41 39.74 -0.05
C PHE A 23 -15.56 39.35 0.88
N LEU A 24 -15.34 39.46 2.20
CA LEU A 24 -16.41 39.29 3.19
C LEU A 24 -16.69 40.55 4.02
N ALA A 25 -16.19 41.69 3.55
CA ALA A 25 -16.30 42.98 4.27
C ALA A 25 -17.74 43.27 4.63
N GLY A 26 -17.97 43.46 5.93
CA GLY A 26 -19.30 43.77 6.45
C GLY A 26 -20.21 42.60 6.75
N LYS A 27 -19.91 41.41 6.23
CA LYS A 27 -20.77 40.26 6.43
C LYS A 27 -20.72 39.78 7.87
N LYS A 28 -21.88 39.46 8.42
CA LYS A 28 -22.02 39.01 9.79
C LYS A 28 -22.20 37.50 9.79
N ILE A 29 -21.21 36.83 10.39
CA ILE A 29 -21.12 35.39 10.27
C ILE A 29 -21.01 34.71 11.63
N LEU A 30 -21.89 33.73 11.86
CA LEU A 30 -21.81 32.89 13.07
C LEU A 30 -20.94 31.65 12.80
N ILE A 31 -19.97 31.40 13.68
CA ILE A 31 -19.10 30.22 13.59
C ILE A 31 -19.29 29.35 14.82
N THR A 32 -19.73 28.11 14.58
CA THR A 32 -19.81 27.13 15.65
C THR A 32 -18.54 26.25 15.61
N GLY A 33 -18.30 25.50 16.67
CA GLY A 33 -17.28 24.45 16.68
C GLY A 33 -15.84 24.87 16.95
N LEU A 34 -15.62 26.13 17.32
CA LEU A 34 -14.27 26.55 17.67
C LEU A 34 -13.88 26.01 19.06
N LEU A 35 -12.87 25.14 19.11
CA LEU A 35 -12.55 24.48 20.37
C LEU A 35 -11.07 24.53 20.79
N SER A 36 -10.17 24.50 19.80
CA SER A 36 -8.75 24.79 20.03
C SER A 36 -8.23 25.53 18.81
N ASN A 37 -6.96 25.94 18.86
CA ASN A 37 -6.33 26.57 17.70
C ASN A 37 -5.99 25.57 16.60
N LYS A 38 -6.28 24.29 16.84
CA LYS A 38 -6.25 23.28 15.76
C LYS A 38 -7.60 23.11 15.04
N SER A 39 -8.69 23.53 15.67
CA SER A 39 -10.04 23.36 15.11
C SER A 39 -10.12 23.86 13.66
N ILE A 40 -10.80 23.10 12.82
CA ILE A 40 -11.13 23.61 11.48
C ILE A 40 -11.82 24.99 11.59
N ALA A 41 -12.68 25.16 12.61
CA ALA A 41 -13.32 26.46 12.86
C ALA A 41 -12.34 27.62 13.14
N TYR A 42 -11.15 27.28 13.68
CA TYR A 42 -10.09 28.27 13.88
C TYR A 42 -9.61 28.79 12.54
N GLY A 43 -9.38 27.86 11.60
CA GLY A 43 -8.95 28.18 10.27
C GLY A 43 -10.02 28.98 9.55
N ILE A 44 -11.29 28.60 9.72
CA ILE A 44 -12.38 29.33 9.09
C ILE A 44 -12.41 30.76 9.62
N ALA A 45 -12.19 30.89 10.94
CA ALA A 45 -12.23 32.20 11.60
C ALA A 45 -11.10 33.10 11.08
N LYS A 46 -9.87 32.57 11.05
CA LYS A 46 -8.75 33.33 10.52
C LYS A 46 -9.05 33.86 9.12
N ALA A 47 -9.52 32.98 8.24
CA ALA A 47 -9.79 33.33 6.84
C ALA A 47 -10.90 34.39 6.72
N MET A 48 -11.96 34.22 7.48
CA MET A 48 -13.05 35.22 7.47
C MET A 48 -12.67 36.57 8.10
N HIS A 49 -11.82 36.54 9.12
CA HIS A 49 -11.39 37.77 9.77
C HIS A 49 -10.49 38.50 8.82
N ARG A 50 -9.56 37.78 8.20
CA ARG A 50 -8.71 38.35 7.13
C ARG A 50 -9.57 39.02 6.04
N GLU A 51 -10.72 38.44 5.73
CA GLU A 51 -11.55 38.95 4.64
C GLU A 51 -12.60 39.98 5.08
N GLY A 52 -12.48 40.43 6.34
CA GLY A 52 -13.27 41.53 6.88
C GLY A 52 -14.67 41.19 7.40
N ALA A 53 -14.92 39.91 7.65
CA ALA A 53 -16.16 39.50 8.22
C ALA A 53 -16.25 39.96 9.69
N GLU A 54 -17.47 40.22 10.16
CA GLU A 54 -17.74 40.38 11.58
C GLU A 54 -18.24 39.05 12.11
N LEU A 55 -17.61 38.59 13.18
CA LEU A 55 -17.79 37.23 13.63
C LEU A 55 -18.47 37.10 15.00
N ALA A 56 -19.21 36.02 15.15
CA ALA A 56 -19.77 35.61 16.43
C ALA A 56 -19.43 34.14 16.62
N PHE A 57 -19.32 33.69 17.87
CA PHE A 57 -18.93 32.32 18.14
C PHE A 57 -19.81 31.65 19.17
N THR A 58 -20.01 30.35 19.01
CA THR A 58 -20.70 29.57 20.04
C THR A 58 -19.74 28.60 20.73
N TYR A 59 -20.16 28.10 21.89
CA TYR A 59 -19.41 27.11 22.68
C TYR A 59 -20.38 26.21 23.42
N VAL A 60 -19.91 25.03 23.79
CA VAL A 60 -20.71 24.15 24.64
C VAL A 60 -20.31 24.37 26.09
N GLY A 61 -21.33 24.40 26.96
CA GLY A 61 -21.24 24.82 28.37
C GLY A 61 -19.89 25.01 29.03
N GLN A 62 -19.17 23.90 29.22
CA GLN A 62 -17.94 23.88 30.02
C GLN A 62 -16.81 24.78 29.49
N PHE A 63 -16.83 25.05 28.18
CA PHE A 63 -15.68 25.63 27.47
C PHE A 63 -15.72 27.15 27.24
N LYS A 64 -16.68 27.82 27.89
CA LYS A 64 -16.82 29.27 27.84
C LYS A 64 -15.50 30.05 27.88
N ASP A 65 -14.68 29.84 28.91
CA ASP A 65 -13.42 30.60 29.07
C ASP A 65 -12.38 30.27 28.00
N ARG A 66 -12.23 28.97 27.71
CA ARG A 66 -11.34 28.50 26.64
C ARG A 66 -11.64 29.21 25.30
N VAL A 67 -12.91 29.19 24.90
CA VAL A 67 -13.36 29.74 23.65
C VAL A 67 -13.25 31.26 23.61
N GLU A 68 -13.63 31.92 24.69
CA GLU A 68 -13.50 33.36 24.78
C GLU A 68 -12.06 33.79 24.53
N LYS A 69 -11.11 33.05 25.10
CA LYS A 69 -9.67 33.36 24.91
C LYS A 69 -9.24 33.13 23.48
N LEU A 70 -9.66 32.00 22.92
CA LEU A 70 -9.36 31.70 21.54
C LEU A 70 -9.88 32.70 20.53
N CYS A 71 -11.13 33.11 20.63
CA CYS A 71 -11.62 33.96 19.56
C CYS A 71 -11.44 35.46 19.83
N ALA A 72 -10.77 35.82 20.92
CA ALA A 72 -10.57 37.24 21.27
C ALA A 72 -9.87 37.99 20.17
N GLU A 73 -8.84 37.37 19.59
CA GLU A 73 -8.11 37.94 18.44
C GLU A 73 -8.99 38.30 17.21
N PHE A 74 -10.18 37.73 17.11
CA PHE A 74 -11.06 38.03 15.98
C PHE A 74 -12.10 39.14 16.27
N ASN A 75 -11.95 39.81 17.42
CA ASN A 75 -12.84 40.89 17.86
C ASN A 75 -14.35 40.53 17.70
N PRO A 76 -14.79 39.41 18.34
CA PRO A 76 -16.12 38.86 18.12
C PRO A 76 -17.23 39.78 18.59
N ALA A 77 -18.32 39.89 17.84
CA ALA A 77 -19.50 40.67 18.31
C ALA A 77 -20.25 39.98 19.45
N ALA A 78 -20.14 38.66 19.51
CA ALA A 78 -20.77 37.88 20.57
C ALA A 78 -20.04 36.54 20.74
N VAL A 79 -20.05 36.01 21.94
CA VAL A 79 -19.57 34.68 22.20
C VAL A 79 -20.63 34.06 23.08
N LEU A 80 -21.39 33.12 22.53
CA LEU A 80 -22.64 32.67 23.12
C LEU A 80 -22.68 31.17 23.31
N PRO A 81 -23.36 30.70 24.38
CA PRO A 81 -23.48 29.26 24.57
C PRO A 81 -24.43 28.61 23.57
N CYS A 82 -24.04 27.47 23.02
CA CYS A 82 -24.96 26.67 22.25
C CYS A 82 -24.61 25.19 22.17
N ASP A 83 -25.29 24.40 22.99
CA ASP A 83 -25.24 22.94 22.91
C ASP A 83 -26.41 22.48 22.01
N VAL A 84 -26.07 21.99 20.82
CA VAL A 84 -27.06 21.67 19.81
C VAL A 84 -27.93 20.46 20.15
N ILE A 85 -27.68 19.85 21.31
CA ILE A 85 -28.60 18.88 21.88
C ILE A 85 -29.93 19.56 22.24
N SER A 86 -29.85 20.87 22.50
CA SER A 86 -30.97 21.60 23.06
C SER A 86 -31.68 22.53 22.10
N ASP A 87 -32.95 22.26 21.80
CA ASP A 87 -33.77 23.22 21.02
C ASP A 87 -33.84 24.61 21.63
N GLN A 88 -34.01 24.65 22.96
CA GLN A 88 -34.05 25.95 23.67
C GLN A 88 -32.77 26.79 23.49
N GLU A 89 -31.61 26.21 23.78
CA GLU A 89 -30.36 26.92 23.58
C GLU A 89 -30.23 27.42 22.12
N ILE A 90 -30.60 26.59 21.16
CA ILE A 90 -30.50 27.03 19.74
C ILE A 90 -31.41 28.23 19.49
N LYS A 91 -32.61 28.18 20.05
CA LYS A 91 -33.58 29.27 19.93
C LYS A 91 -33.00 30.56 20.60
N ASP A 92 -32.45 30.39 21.79
CA ASP A 92 -31.90 31.52 22.56
C ASP A 92 -30.67 32.12 21.90
N LEU A 93 -29.93 31.28 21.17
CA LEU A 93 -28.77 31.77 20.43
C LEU A 93 -29.19 32.86 19.45
N PHE A 94 -30.28 32.63 18.73
CA PHE A 94 -30.70 33.63 17.75
C PHE A 94 -31.42 34.86 18.34
N VAL A 95 -32.11 34.65 19.46
CA VAL A 95 -32.61 35.77 20.25
C VAL A 95 -31.44 36.71 20.67
N GLU A 96 -30.38 36.15 21.26
CA GLU A 96 -29.27 36.96 21.74
C GLU A 96 -28.49 37.60 20.61
N LEU A 97 -28.31 36.84 19.55
CA LEU A 97 -27.63 37.32 18.37
C LEU A 97 -28.43 38.42 17.67
N GLY A 98 -29.75 38.28 17.64
CA GLY A 98 -30.63 39.35 17.10
C GLY A 98 -30.55 40.69 17.85
N LYS A 99 -30.08 40.65 19.08
CA LYS A 99 -29.92 41.87 19.87
C LYS A 99 -28.67 42.64 19.45
N VAL A 100 -27.67 41.97 18.88
CA VAL A 100 -26.51 42.71 18.41
C VAL A 100 -26.51 42.94 16.90
N TRP A 101 -27.15 42.06 16.13
CA TRP A 101 -27.18 42.20 14.66
C TRP A 101 -28.58 42.26 14.16
N ASP A 102 -28.82 43.05 13.11
CA ASP A 102 -30.17 43.14 12.54
C ASP A 102 -30.50 41.95 11.67
N GLY A 103 -29.60 41.65 10.74
CA GLY A 103 -29.67 40.40 10.01
C GLY A 103 -28.41 39.55 10.22
N LEU A 104 -28.41 38.35 9.65
CA LEU A 104 -27.27 37.45 9.68
C LEU A 104 -26.88 37.04 8.25
N ASP A 105 -25.60 37.14 7.93
CA ASP A 105 -25.14 36.71 6.59
C ASP A 105 -24.80 35.22 6.43
N ALA A 106 -24.22 34.59 7.46
CA ALA A 106 -23.87 33.19 7.32
C ALA A 106 -23.84 32.40 8.63
N ILE A 107 -24.13 31.11 8.51
CA ILE A 107 -23.88 30.17 9.59
C ILE A 107 -22.86 29.15 9.14
N VAL A 108 -21.81 28.98 9.93
CA VAL A 108 -20.81 27.91 9.71
C VAL A 108 -21.05 26.80 10.73
N HIS A 109 -21.41 25.62 10.23
CA HIS A 109 -21.64 24.44 11.07
C HIS A 109 -20.39 23.61 11.05
N SER A 110 -19.70 23.49 12.19
CA SER A 110 -18.41 22.76 12.24
C SER A 110 -18.40 21.94 13.51
N ILE A 111 -19.43 21.07 13.60
CA ILE A 111 -19.74 20.35 14.82
C ILE A 111 -20.00 18.91 14.47
N ALA A 112 -19.38 17.99 15.22
CA ALA A 112 -19.73 16.57 15.11
C ALA A 112 -19.58 15.88 16.47
N PHE A 113 -20.34 14.82 16.69
CA PHE A 113 -20.17 13.96 17.84
C PHE A 113 -20.80 12.58 17.65
N ALA A 114 -20.06 11.56 18.04
CA ALA A 114 -20.60 10.24 18.26
C ALA A 114 -19.91 9.73 19.52
N PRO A 115 -20.62 8.92 20.32
CA PRO A 115 -19.95 8.32 21.47
C PRO A 115 -18.72 7.53 21.02
N ARG A 116 -17.68 7.58 21.83
CA ARG A 116 -16.41 6.88 21.61
C ARG A 116 -16.53 5.45 21.10
N ASP A 117 -17.42 4.65 21.71
CA ASP A 117 -17.66 3.25 21.31
C ASP A 117 -18.17 3.06 19.85
N GLN A 118 -18.69 4.13 19.24
CA GLN A 118 -19.23 4.07 17.89
C GLN A 118 -18.13 4.18 16.84
N LEU A 119 -16.89 4.31 17.29
CA LEU A 119 -15.82 4.75 16.39
C LEU A 119 -14.59 3.89 16.23
N GLU A 120 -14.54 2.72 16.80
CA GLU A 120 -13.48 1.82 16.33
C GLU A 120 -13.97 0.41 16.25
N GLY A 121 -13.24 -0.41 15.49
CA GLY A 121 -13.64 -1.79 15.31
C GLY A 121 -14.70 -1.97 14.23
N ASN A 122 -15.32 -3.15 14.23
CA ASN A 122 -16.28 -3.56 13.25
C ASN A 122 -17.57 -2.73 13.39
N PHE A 123 -18.01 -2.10 12.30
CA PHE A 123 -19.25 -1.30 12.34
C PHE A 123 -20.43 -2.02 13.02
N ILE A 124 -20.71 -3.24 12.58
CA ILE A 124 -21.85 -4.01 13.05
C ILE A 124 -21.72 -4.43 14.54
N ASP A 125 -20.54 -4.90 14.93
CA ASP A 125 -20.25 -5.13 16.37
C ASP A 125 -20.47 -3.92 17.27
N CYS A 126 -20.05 -2.75 16.80
CA CYS A 126 -20.02 -1.56 17.63
C CYS A 126 -21.29 -0.68 17.58
N VAL A 127 -21.99 -0.62 16.44
CA VAL A 127 -23.16 0.28 16.32
C VAL A 127 -24.23 -0.07 17.38
N THR A 128 -24.77 0.95 18.05
CA THR A 128 -25.89 0.76 18.99
C THR A 128 -27.03 1.71 18.59
N ARG A 129 -28.25 1.39 19.00
CA ARG A 129 -29.40 2.23 18.69
C ARG A 129 -29.19 3.67 19.17
N GLU A 130 -28.67 3.79 20.40
CA GLU A 130 -28.51 5.09 21.06
C GLU A 130 -27.33 5.88 20.50
N GLY A 131 -26.19 5.21 20.32
CA GLY A 131 -25.05 5.83 19.67
C GLY A 131 -25.35 6.34 18.27
N PHE A 132 -26.09 5.56 17.51
CA PHE A 132 -26.58 5.95 16.17
C PHE A 132 -27.46 7.21 16.28
N SER A 133 -28.37 7.20 17.25
CA SER A 133 -29.28 8.31 17.45
C SER A 133 -28.57 9.62 17.78
N ILE A 134 -27.63 9.53 18.72
CA ILE A 134 -26.89 10.66 19.22
C ILE A 134 -26.01 11.24 18.11
N ALA A 135 -25.29 10.39 17.40
CA ALA A 135 -24.43 10.84 16.29
C ALA A 135 -25.22 11.63 15.26
N HIS A 136 -26.38 11.12 14.86
CA HIS A 136 -27.23 11.85 13.89
C HIS A 136 -27.79 13.11 14.49
N ASP A 137 -28.15 13.06 15.77
CA ASP A 137 -28.76 14.23 16.44
C ASP A 137 -27.82 15.46 16.38
N ILE A 138 -26.57 15.22 16.76
CA ILE A 138 -25.60 16.27 16.95
C ILE A 138 -24.87 16.59 15.66
N SER A 139 -24.65 15.58 14.82
CA SER A 139 -23.85 15.72 13.60
C SER A 139 -24.65 16.10 12.38
N ALA A 140 -25.95 15.76 12.36
CA ALA A 140 -26.77 16.01 11.19
C ALA A 140 -27.98 16.89 11.47
N TYR A 141 -28.83 16.47 12.41
CA TYR A 141 -30.04 17.22 12.71
C TYR A 141 -29.78 18.68 13.09
N SER A 142 -28.68 18.88 13.81
CA SER A 142 -28.30 20.19 14.31
C SER A 142 -28.15 21.21 13.22
N PHE A 143 -27.73 20.79 12.01
CA PHE A 143 -27.62 21.68 10.86
C PHE A 143 -29.00 22.27 10.48
N ALA A 144 -30.03 21.43 10.46
CA ALA A 144 -31.35 21.89 10.07
C ALA A 144 -31.92 22.73 11.20
N ALA A 145 -31.50 22.42 12.43
CA ALA A 145 -32.03 23.14 13.56
C ALA A 145 -31.52 24.59 13.51
N LEU A 146 -30.23 24.77 13.28
CA LEU A 146 -29.67 26.10 13.10
C LEU A 146 -30.36 26.79 11.94
N ALA A 147 -30.63 26.04 10.87
CA ALA A 147 -31.24 26.61 9.68
C ALA A 147 -32.63 27.13 10.05
N LYS A 148 -33.33 26.34 10.85
CA LYS A 148 -34.69 26.59 11.24
C LYS A 148 -34.79 27.87 12.06
N GLU A 149 -33.85 28.04 12.99
CA GLU A 149 -33.92 29.16 13.92
C GLU A 149 -33.26 30.40 13.38
N GLY A 150 -32.34 30.23 12.44
CA GLY A 150 -31.59 31.36 11.86
C GLY A 150 -32.24 31.92 10.61
N ARG A 151 -33.14 31.15 10.04
CA ARG A 151 -33.82 31.52 8.80
C ARG A 151 -34.33 32.98 8.72
N SER A 152 -35.06 33.45 9.72
CA SER A 152 -35.61 34.81 9.60
C SER A 152 -34.55 35.93 9.60
N MET A 153 -33.42 35.72 10.26
CA MET A 153 -32.35 36.71 10.20
C MET A 153 -31.59 36.71 8.86
N MET A 154 -31.71 35.59 8.12
CA MET A 154 -30.93 35.35 6.92
C MET A 154 -31.66 35.69 5.62
N LYS A 155 -32.99 35.80 5.74
CA LYS A 155 -33.88 36.15 4.61
C LYS A 155 -33.29 37.25 3.73
N ASN A 156 -33.25 36.99 2.43
CA ASN A 156 -33.03 38.02 1.39
C ASN A 156 -31.80 38.94 1.51
N ARG A 157 -30.63 38.34 1.72
CA ARG A 157 -29.40 39.13 1.75
C ARG A 157 -28.24 38.33 1.18
N ASN A 158 -28.53 37.47 0.20
CA ASN A 158 -27.56 36.49 -0.28
C ASN A 158 -26.84 35.82 0.89
N ALA A 159 -27.61 35.22 1.79
CA ALA A 159 -27.04 34.54 2.95
C ALA A 159 -26.46 33.15 2.60
N SER A 160 -25.72 32.58 3.56
CA SER A 160 -24.96 31.34 3.32
C SER A 160 -25.01 30.41 4.52
N MET A 161 -25.08 29.11 4.26
CA MET A 161 -24.72 28.11 5.27
C MET A 161 -23.64 27.19 4.71
N VAL A 162 -22.75 26.72 5.58
CA VAL A 162 -21.71 25.79 5.19
C VAL A 162 -21.52 24.78 6.29
N ALA A 163 -21.58 23.51 5.93
CA ALA A 163 -21.33 22.42 6.86
C ALA A 163 -19.99 21.71 6.55
N LEU A 164 -19.35 21.22 7.58
CA LEU A 164 -18.14 20.40 7.38
C LEU A 164 -18.48 18.96 7.36
N THR A 165 -18.02 18.29 6.30
CA THR A 165 -18.28 16.87 6.13
C THR A 165 -17.00 16.09 5.79
N TYR A 166 -17.12 14.78 5.56
CA TYR A 166 -15.98 13.91 5.34
C TYR A 166 -16.41 12.78 4.39
N ILE A 167 -15.45 12.25 3.64
CA ILE A 167 -15.70 11.28 2.58
C ILE A 167 -16.22 9.95 3.11
N GLY A 168 -16.09 9.73 4.42
CA GLY A 168 -16.75 8.60 5.06
C GLY A 168 -18.24 8.59 4.83
N ALA A 169 -18.81 9.74 4.45
CA ALA A 169 -20.23 9.81 4.07
C ALA A 169 -20.52 9.07 2.80
N GLU A 170 -19.57 9.07 1.86
CA GLU A 170 -19.74 8.49 0.54
C GLU A 170 -19.29 7.02 0.43
N LYS A 171 -18.28 6.66 1.22
CA LYS A 171 -17.65 5.33 1.20
C LYS A 171 -17.61 4.68 2.58
N ALA A 172 -17.69 3.35 2.61
CA ALA A 172 -17.42 2.61 3.82
C ALA A 172 -15.91 2.68 4.12
N MET A 173 -15.55 3.15 5.30
CA MET A 173 -14.16 3.24 5.72
C MET A 173 -13.99 2.51 7.03
N PRO A 174 -12.77 1.99 7.32
CA PRO A 174 -12.56 1.41 8.67
C PRO A 174 -12.73 2.48 9.74
N SER A 175 -13.21 2.09 10.92
CA SER A 175 -13.33 2.95 12.10
C SER A 175 -14.38 4.06 12.06
N TYR A 176 -14.52 4.76 10.95
CA TYR A 176 -15.38 5.91 10.91
C TYR A 176 -16.83 5.57 11.22
N ASN A 177 -17.25 4.39 10.78
CA ASN A 177 -18.46 3.72 11.27
C ASN A 177 -19.69 4.63 11.35
N THR A 178 -20.27 4.73 12.54
CA THR A 178 -21.48 5.49 12.77
C THR A 178 -21.33 6.94 12.34
N MET A 179 -20.12 7.49 12.45
CA MET A 179 -19.92 8.86 11.98
C MET A 179 -20.10 8.97 10.47
N GLY A 180 -19.69 7.92 9.75
CA GLY A 180 -19.86 7.87 8.31
C GLY A 180 -21.34 8.01 7.95
N VAL A 181 -22.15 7.21 8.65
CA VAL A 181 -23.58 7.18 8.40
C VAL A 181 -24.18 8.55 8.72
N ALA A 182 -23.78 9.13 9.86
CA ALA A 182 -24.23 10.46 10.24
C ALA A 182 -23.83 11.54 9.23
N LYS A 183 -22.60 11.48 8.75
CA LYS A 183 -22.17 12.42 7.68
C LYS A 183 -23.04 12.29 6.40
N ALA A 184 -23.48 11.06 6.11
CA ALA A 184 -24.30 10.84 4.94
C ALA A 184 -25.66 11.52 5.13
N SER A 185 -26.19 11.41 6.34
CA SER A 185 -27.39 12.11 6.78
C SER A 185 -27.19 13.63 6.78
N LEU A 186 -26.02 14.08 7.21
CA LEU A 186 -25.68 15.53 7.11
C LEU A 186 -25.72 16.03 5.67
N GLU A 187 -25.15 15.29 4.73
CA GLU A 187 -25.03 15.80 3.36
C GLU A 187 -26.41 15.90 2.69
N ALA A 188 -27.31 14.98 3.07
CA ALA A 188 -28.66 14.97 2.54
C ALA A 188 -29.41 16.12 3.12
N THR A 189 -29.15 16.37 4.41
CA THR A 189 -29.69 17.53 5.11
C THR A 189 -29.29 18.85 4.42
N VAL A 190 -28.01 18.97 4.09
CA VAL A 190 -27.54 20.12 3.31
C VAL A 190 -28.33 20.33 1.99
N ARG A 191 -28.63 19.24 1.29
CA ARG A 191 -29.35 19.34 0.00
C ARG A 191 -30.81 19.76 0.21
N TYR A 192 -31.50 19.12 1.15
CA TYR A 192 -32.89 19.48 1.49
C TYR A 192 -32.99 20.87 2.14
N THR A 193 -31.95 21.26 2.88
CA THR A 193 -31.89 22.61 3.40
C THR A 193 -31.66 23.60 2.26
N ALA A 194 -30.92 23.17 1.23
CA ALA A 194 -30.64 24.05 0.14
C ALA A 194 -31.92 24.29 -0.64
N LEU A 195 -32.72 23.24 -0.78
CA LEU A 195 -33.94 23.33 -1.50
C LEU A 195 -34.90 24.22 -0.72
N ALA A 196 -34.94 24.01 0.60
CA ALA A 196 -35.94 24.67 1.45
C ALA A 196 -35.67 26.17 1.62
N LEU A 197 -34.38 26.53 1.63
CA LEU A 197 -33.98 27.92 1.88
C LEU A 197 -33.66 28.77 0.64
N GLY A 198 -33.52 28.15 -0.53
CA GLY A 198 -33.09 28.91 -1.70
C GLY A 198 -34.05 30.01 -2.16
N GLU A 199 -35.33 29.84 -1.88
CA GLU A 199 -36.28 30.89 -2.21
C GLU A 199 -36.08 32.15 -1.36
N ASP A 200 -35.39 32.01 -0.22
CA ASP A 200 -34.97 33.18 0.58
C ASP A 200 -33.59 33.71 0.16
N GLY A 201 -33.10 33.24 -0.98
CA GLY A 201 -31.76 33.58 -1.43
C GLY A 201 -30.60 32.99 -0.61
N ILE A 202 -30.85 31.96 0.19
CA ILE A 202 -29.82 31.42 1.06
C ILE A 202 -29.15 30.25 0.35
N LYS A 203 -27.83 30.30 0.23
CA LYS A 203 -27.11 29.16 -0.34
C LYS A 203 -26.52 28.28 0.75
N VAL A 204 -26.54 26.97 0.52
CA VAL A 204 -26.29 25.98 1.55
C VAL A 204 -25.37 24.93 0.94
N ASN A 205 -24.18 24.76 1.52
CA ASN A 205 -23.17 23.91 0.90
C ASN A 205 -22.34 23.26 1.96
N ALA A 206 -21.46 22.35 1.55
CA ALA A 206 -20.66 21.60 2.48
C ALA A 206 -19.25 21.51 1.96
N VAL A 207 -18.29 21.44 2.88
CA VAL A 207 -16.90 21.30 2.50
C VAL A 207 -16.45 19.97 3.08
N SER A 208 -15.92 19.12 2.21
CA SER A 208 -15.53 17.78 2.59
C SER A 208 -14.03 17.81 2.80
N ALA A 209 -13.60 17.88 4.05
CA ALA A 209 -12.16 18.02 4.32
C ALA A 209 -11.45 16.71 4.33
N GLY A 210 -10.21 16.68 3.88
CA GLY A 210 -9.31 15.58 4.17
C GLY A 210 -9.01 15.57 5.65
N PRO A 211 -8.47 14.45 6.16
CA PRO A 211 -8.22 14.32 7.62
C PRO A 211 -7.18 15.34 8.09
N ILE A 212 -7.44 15.91 9.27
CA ILE A 212 -6.60 16.95 9.91
C ILE A 212 -6.50 16.60 11.40
N LYS A 213 -5.31 16.69 11.96
CA LYS A 213 -5.08 16.35 13.35
C LYS A 213 -5.64 17.46 14.25
N THR A 214 -6.90 17.33 14.62
CA THR A 214 -7.59 18.25 15.51
C THR A 214 -8.00 17.44 16.75
N LEU A 215 -8.71 18.06 17.69
CA LEU A 215 -9.21 17.35 18.86
C LEU A 215 -10.19 16.23 18.50
N ALA A 216 -10.78 16.30 17.31
CA ALA A 216 -11.59 15.20 16.77
C ALA A 216 -10.76 13.93 16.54
N ALA A 217 -9.48 14.11 16.28
CA ALA A 217 -8.54 13.00 16.08
C ALA A 217 -8.08 12.35 17.36
N SER A 218 -8.31 12.98 18.49
CA SER A 218 -7.67 12.54 19.75
C SER A 218 -8.11 11.14 20.24
N GLY A 219 -9.34 10.75 19.98
CA GLY A 219 -9.77 9.38 20.29
C GLY A 219 -9.11 8.28 19.44
N ILE A 220 -8.67 8.65 18.23
CA ILE A 220 -8.39 7.70 17.15
C ILE A 220 -6.93 7.27 17.09
N SER A 221 -6.64 6.06 17.57
CA SER A 221 -5.28 5.54 17.48
C SER A 221 -4.97 5.25 16.01
N ASN A 222 -3.74 5.55 15.63
CA ASN A 222 -3.31 5.40 14.23
C ASN A 222 -3.83 6.48 13.30
N PHE A 223 -4.36 7.58 13.85
CA PHE A 223 -4.84 8.69 13.04
C PHE A 223 -3.71 9.15 12.13
N LYS A 224 -2.50 9.15 12.67
CA LYS A 224 -1.31 9.58 11.91
C LYS A 224 -1.08 8.77 10.61
N LYS A 225 -1.55 7.53 10.62
CA LYS A 225 -1.41 6.68 9.46
C LYS A 225 -2.47 6.95 8.41
N MET A 226 -3.70 7.24 8.83
CA MET A 226 -4.70 7.73 7.87
C MET A 226 -4.13 8.96 7.18
N LEU A 227 -3.43 9.78 7.96
CA LEU A 227 -2.86 11.00 7.48
C LEU A 227 -1.73 10.73 6.49
N ASP A 228 -0.83 9.80 6.83
CA ASP A 228 0.25 9.44 5.92
C ASP A 228 -0.26 8.77 4.65
N TYR A 229 -1.26 7.93 4.80
CA TYR A 229 -1.88 7.32 3.65
C TYR A 229 -2.44 8.38 2.73
N ASN A 230 -3.17 9.34 3.30
CA ASN A 230 -3.74 10.41 2.45
C ASN A 230 -2.65 11.16 1.66
N ALA A 231 -1.54 11.45 2.33
CA ALA A 231 -0.49 12.19 1.66
C ALA A 231 0.17 11.36 0.56
N MET A 232 0.20 10.04 0.73
CA MET A 232 0.83 9.16 -0.26
CA MET A 232 0.85 9.20 -0.27
C MET A 232 -0.04 8.97 -1.49
N VAL A 233 -1.33 8.84 -1.27
CA VAL A 233 -2.27 8.45 -2.31
C VAL A 233 -2.90 9.61 -3.08
N SER A 234 -3.07 10.74 -2.41
CA SER A 234 -3.62 11.95 -3.06
C SER A 234 -2.77 12.45 -4.25
N PRO A 235 -3.42 13.00 -5.29
CA PRO A 235 -2.72 13.63 -6.40
C PRO A 235 -1.70 14.67 -5.95
N LEU A 236 -2.02 15.49 -4.94
CA LEU A 236 -1.11 16.55 -4.55
C LEU A 236 0.00 16.17 -3.55
N LYS A 237 0.00 14.93 -3.07
CA LYS A 237 1.10 14.42 -2.21
C LYS A 237 1.30 15.28 -0.95
N LYS A 238 0.20 15.59 -0.28
CA LYS A 238 0.27 16.40 0.93
C LYS A 238 -1.03 16.25 1.68
N ASN A 239 -1.03 16.74 2.93
CA ASN A 239 -2.20 16.80 3.77
C ASN A 239 -2.75 18.21 3.75
N VAL A 240 -4.07 18.36 3.70
CA VAL A 240 -4.64 19.72 3.76
C VAL A 240 -4.45 20.28 5.17
N ASP A 241 -4.49 21.60 5.29
CA ASP A 241 -4.51 22.25 6.58
C ASP A 241 -5.76 23.13 6.77
N ILE A 242 -5.92 23.63 8.01
CA ILE A 242 -7.12 24.36 8.38
C ILE A 242 -7.35 25.63 7.57
N MET A 243 -6.26 26.22 7.05
CA MET A 243 -6.36 27.40 6.17
C MET A 243 -6.90 27.08 4.76
N GLU A 244 -6.48 25.94 4.21
CA GLU A 244 -7.07 25.47 2.96
C GLU A 244 -8.57 25.23 3.09
N VAL A 245 -8.99 24.65 4.23
CA VAL A 245 -10.40 24.44 4.47
C VAL A 245 -11.08 25.77 4.72
N GLY A 246 -10.55 26.54 5.68
CA GLY A 246 -11.02 27.88 6.01
C GLY A 246 -11.24 28.79 4.81
N ASN A 247 -10.23 28.88 3.94
CA ASN A 247 -10.37 29.70 2.74
C ASN A 247 -11.54 29.30 1.85
N THR A 248 -11.80 28.00 1.77
CA THR A 248 -12.89 27.50 0.97
C THR A 248 -14.25 27.82 1.59
N VAL A 249 -14.36 27.62 2.91
CA VAL A 249 -15.57 27.96 3.61
C VAL A 249 -15.82 29.45 3.40
N ALA A 250 -14.79 30.26 3.66
CA ALA A 250 -14.89 31.71 3.42
C ALA A 250 -15.45 32.04 2.02
N PHE A 251 -14.87 31.41 0.99
CA PHE A 251 -15.34 31.65 -0.36
C PHE A 251 -16.84 31.35 -0.48
N LEU A 252 -17.24 30.22 0.09
CA LEU A 252 -18.62 29.78 -0.01
C LEU A 252 -19.62 30.67 0.74
N CYS A 253 -19.11 31.59 1.54
CA CYS A 253 -19.93 32.61 2.17
C CYS A 253 -19.84 33.97 1.49
N SER A 254 -19.24 34.05 0.32
CA SER A 254 -19.08 35.36 -0.37
C SER A 254 -20.05 35.53 -1.52
N ASP A 255 -20.21 36.77 -1.96
CA ASP A 255 -21.04 37.08 -3.14
C ASP A 255 -20.49 36.44 -4.43
N MET A 256 -19.24 35.97 -4.36
CA MET A 256 -18.62 35.31 -5.52
C MET A 256 -19.21 33.93 -5.74
N ALA A 257 -19.70 33.29 -4.68
CA ALA A 257 -20.27 31.97 -4.80
C ALA A 257 -21.80 31.93 -4.90
N THR A 258 -22.44 33.05 -5.24
CA THR A 258 -23.91 33.06 -5.31
C THR A 258 -24.54 32.10 -6.32
N GLY A 259 -23.74 31.43 -7.14
CA GLY A 259 -24.34 30.44 -8.06
C GLY A 259 -24.21 29.00 -7.58
N ILE A 260 -23.66 28.84 -6.37
CA ILE A 260 -23.36 27.52 -5.83
C ILE A 260 -24.25 27.20 -4.65
N THR A 261 -25.04 26.11 -4.72
CA THR A 261 -25.83 25.65 -3.57
C THR A 261 -26.07 24.15 -3.65
N GLY A 262 -26.34 23.52 -2.52
CA GLY A 262 -26.46 22.07 -2.50
C GLY A 262 -25.18 21.31 -2.86
N GLU A 263 -24.03 21.98 -2.79
CA GLU A 263 -22.80 21.37 -3.27
C GLU A 263 -21.89 20.81 -2.15
N VAL A 264 -21.11 19.76 -2.45
CA VAL A 264 -20.00 19.32 -1.59
C VAL A 264 -18.68 19.58 -2.29
N VAL A 265 -17.85 20.44 -1.71
CA VAL A 265 -16.55 20.75 -2.31
C VAL A 265 -15.46 20.00 -1.52
N HIS A 266 -14.75 19.10 -2.18
CA HIS A 266 -13.69 18.34 -1.50
C HIS A 266 -12.46 19.15 -1.33
N VAL A 267 -12.08 19.41 -0.10
CA VAL A 267 -10.79 20.08 0.13
C VAL A 267 -9.88 19.03 0.76
N ASP A 268 -9.27 18.19 -0.07
CA ASP A 268 -8.64 16.98 0.45
C ASP A 268 -7.41 16.56 -0.32
N ALA A 269 -6.78 17.54 -0.97
CA ALA A 269 -5.60 17.30 -1.80
C ALA A 269 -5.92 16.33 -2.95
N GLY A 270 -7.20 16.23 -3.31
CA GLY A 270 -7.65 15.32 -4.38
C GLY A 270 -7.88 13.85 -4.03
N TYR A 271 -7.70 13.47 -2.77
CA TYR A 271 -8.00 12.11 -2.33
C TYR A 271 -9.24 11.54 -3.02
N HIS A 272 -10.28 12.35 -3.14
CA HIS A 272 -11.60 11.86 -3.54
C HIS A 272 -11.69 11.34 -4.94
N CYS A 273 -10.81 11.77 -5.82
CA CYS A 273 -10.88 11.41 -7.23
C CYS A 273 -9.97 10.23 -7.66
N VAL A 274 -9.21 9.64 -6.74
CA VAL A 274 -8.31 8.53 -7.10
C VAL A 274 -8.76 7.18 -6.58
N SER A 275 -8.33 6.15 -7.28
CA SER A 275 -8.52 4.80 -6.79
C SER A 275 -7.21 4.04 -6.93
N MET A 276 -6.82 3.35 -5.87
CA MET A 276 -5.64 2.48 -5.82
C MET A 276 -4.27 3.16 -5.71
N GLY A 277 -3.91 3.98 -6.70
CA GLY A 277 -2.57 4.56 -6.71
C GLY A 277 -1.49 3.53 -7.03
N ASN A 278 -0.27 4.02 -7.13
CA ASN A 278 0.89 3.19 -7.49
C ASN A 278 1.42 2.34 -6.34
N VAL A 279 1.34 2.88 -5.15
CA VAL A 279 1.84 2.19 -3.98
C VAL A 279 0.69 1.42 -3.38
N LEU A 280 0.68 0.11 -3.62
CA LEU A 280 -0.45 -0.72 -3.19
C LEU A 280 -0.37 -1.10 -1.71
N GLY B 22 -5.74 42.14 -4.85
CA GLY B 22 -6.46 41.02 -5.56
C GLY B 22 -5.86 39.65 -5.22
N PHE B 23 -6.69 38.61 -5.09
CA PHE B 23 -6.18 37.27 -4.73
C PHE B 23 -5.49 36.51 -5.88
N LEU B 24 -5.44 37.12 -7.07
CA LEU B 24 -4.67 36.61 -8.19
C LEU B 24 -3.52 37.54 -8.60
N ALA B 25 -3.17 38.47 -7.73
CA ALA B 25 -2.10 39.45 -8.03
C ALA B 25 -0.81 38.76 -8.49
N GLY B 26 -0.36 39.11 -9.68
CA GLY B 26 0.91 38.61 -10.20
C GLY B 26 0.81 37.31 -11.00
N LYS B 27 -0.27 36.55 -10.80
CA LYS B 27 -0.40 35.27 -11.49
C LYS B 27 -0.60 35.43 -13.00
N LYS B 28 0.10 34.59 -13.77
CA LYS B 28 0.06 34.61 -15.22
C LYS B 28 -0.85 33.52 -15.73
N ILE B 29 -1.95 33.92 -16.35
CA ILE B 29 -3.00 32.98 -16.66
C ILE B 29 -3.37 33.10 -18.12
N LEU B 30 -3.37 31.94 -18.80
CA LEU B 30 -3.85 31.80 -20.15
C LEU B 30 -5.34 31.45 -20.16
N ILE B 31 -6.12 32.22 -20.92
CA ILE B 31 -7.54 32.00 -21.12
C ILE B 31 -7.86 31.66 -22.59
N THR B 32 -8.44 30.47 -22.80
CA THR B 32 -8.88 30.09 -24.12
C THR B 32 -10.39 30.36 -24.21
N GLY B 33 -10.93 30.36 -25.40
CA GLY B 33 -12.37 30.37 -25.59
C GLY B 33 -13.11 31.68 -25.50
N LEU B 34 -12.40 32.80 -25.49
CA LEU B 34 -13.07 34.10 -25.47
C LEU B 34 -13.56 34.49 -26.86
N LEU B 35 -14.87 34.54 -27.05
CA LEU B 35 -15.38 34.75 -28.40
C LEU B 35 -16.31 35.96 -28.57
N SER B 36 -17.12 36.21 -27.56
CA SER B 36 -17.93 37.43 -27.52
C SER B 36 -17.97 37.91 -26.07
N ASN B 37 -18.63 39.03 -25.82
CA ASN B 37 -18.79 39.53 -24.45
C ASN B 37 -19.85 38.74 -23.65
N LYS B 38 -20.47 37.77 -24.32
CA LYS B 38 -21.33 36.79 -23.68
C LYS B 38 -20.58 35.52 -23.23
N SER B 39 -19.39 35.27 -23.77
CA SER B 39 -18.62 34.06 -23.49
C SER B 39 -18.41 33.89 -22.01
N ILE B 40 -18.54 32.67 -21.52
CA ILE B 40 -18.11 32.37 -20.16
C ILE B 40 -16.67 32.86 -19.92
N ALA B 41 -15.81 32.73 -20.94
CA ALA B 41 -14.42 33.20 -20.84
C ALA B 41 -14.33 34.70 -20.61
N TYR B 42 -15.33 35.47 -21.09
CA TYR B 42 -15.38 36.90 -20.85
C TYR B 42 -15.55 37.17 -19.35
N GLY B 43 -16.53 36.47 -18.73
CA GLY B 43 -16.75 36.53 -17.31
C GLY B 43 -15.50 36.08 -16.54
N ILE B 44 -14.82 35.03 -17.02
CA ILE B 44 -13.60 34.57 -16.34
C ILE B 44 -12.55 35.65 -16.35
N ALA B 45 -12.42 36.29 -17.52
CA ALA B 45 -11.47 37.37 -17.73
C ALA B 45 -11.77 38.54 -16.79
N LYS B 46 -13.00 39.05 -16.80
CA LYS B 46 -13.35 40.14 -15.89
C LYS B 46 -12.95 39.83 -14.45
N ALA B 47 -13.34 38.65 -13.97
CA ALA B 47 -13.06 38.27 -12.59
C ALA B 47 -11.55 38.21 -12.31
N MET B 48 -10.78 37.65 -13.26
CA MET B 48 -9.34 37.50 -13.06
C MET B 48 -8.60 38.83 -13.15
N HIS B 49 -9.07 39.70 -14.04
CA HIS B 49 -8.50 41.04 -14.20
C HIS B 49 -8.74 41.85 -12.95
N ARG B 50 -9.97 41.79 -12.44
CA ARG B 50 -10.35 42.43 -11.17
C ARG B 50 -9.46 41.96 -10.02
N GLU B 51 -9.06 40.70 -10.05
CA GLU B 51 -8.24 40.14 -8.98
C GLU B 51 -6.74 40.25 -9.21
N GLY B 52 -6.35 41.01 -10.24
CA GLY B 52 -4.94 41.35 -10.50
C GLY B 52 -4.08 40.35 -11.29
N ALA B 53 -4.73 39.41 -11.95
CA ALA B 53 -4.04 38.46 -12.80
C ALA B 53 -3.49 39.17 -14.05
N GLU B 54 -2.35 38.70 -14.55
CA GLU B 54 -1.89 39.03 -15.89
C GLU B 54 -2.40 37.96 -16.84
N LEU B 55 -3.04 38.41 -17.92
CA LEU B 55 -3.77 37.55 -18.79
C LEU B 55 -3.18 37.45 -20.22
N ALA B 56 -3.32 36.25 -20.79
CA ALA B 56 -3.05 36.00 -22.20
C ALA B 56 -4.29 35.35 -22.79
N PHE B 57 -4.51 35.50 -24.08
CA PHE B 57 -5.69 34.91 -24.71
C PHE B 57 -5.36 34.20 -26.00
N THR B 58 -6.16 33.19 -26.33
CA THR B 58 -6.05 32.51 -27.60
C THR B 58 -7.34 32.68 -28.43
N TYR B 59 -7.22 32.45 -29.73
CA TYR B 59 -8.34 32.56 -30.67
C TYR B 59 -8.13 31.53 -31.79
N VAL B 60 -9.24 31.17 -32.45
CA VAL B 60 -9.16 30.31 -33.63
C VAL B 60 -9.12 31.20 -34.86
N GLY B 61 -8.23 30.83 -35.78
CA GLY B 61 -7.86 31.59 -36.98
C GLY B 61 -8.65 32.83 -37.38
N GLN B 62 -9.89 32.62 -37.83
CA GLN B 62 -10.69 33.70 -38.43
C GLN B 62 -10.98 34.88 -37.51
N PHE B 63 -10.95 34.64 -36.19
CA PHE B 63 -11.46 35.59 -35.21
C PHE B 63 -10.43 36.52 -34.56
N LYS B 64 -9.20 36.51 -35.09
CA LYS B 64 -8.10 37.34 -34.60
C LYS B 64 -8.53 38.77 -34.20
N ASP B 65 -9.13 39.51 -35.13
CA ASP B 65 -9.50 40.92 -34.89
C ASP B 65 -10.58 41.09 -33.84
N ARG B 66 -11.62 40.24 -33.95
CA ARG B 66 -12.72 40.17 -32.98
C ARG B 66 -12.17 40.02 -31.55
N VAL B 67 -11.33 39.02 -31.36
CA VAL B 67 -10.79 38.69 -30.05
C VAL B 67 -9.86 39.77 -29.53
N GLU B 68 -9.00 40.27 -30.39
CA GLU B 68 -8.09 41.33 -30.01
C GLU B 68 -8.81 42.55 -29.47
N LYS B 69 -9.90 42.97 -30.13
CA LYS B 69 -10.75 44.06 -29.61
C LYS B 69 -11.33 43.70 -28.24
N LEU B 70 -11.96 42.52 -28.15
CA LEU B 70 -12.59 42.09 -26.91
C LEU B 70 -11.64 42.12 -25.75
N CYS B 71 -10.46 41.51 -25.87
CA CYS B 71 -9.62 41.42 -24.67
C CYS B 71 -8.68 42.57 -24.43
N ALA B 72 -8.70 43.59 -25.29
CA ALA B 72 -7.92 44.79 -25.10
C ALA B 72 -8.12 45.37 -23.69
N GLU B 73 -9.37 45.48 -23.25
CA GLU B 73 -9.69 46.00 -21.91
C GLU B 73 -9.00 45.25 -20.76
N PHE B 74 -8.46 44.07 -21.02
CA PHE B 74 -7.79 43.31 -19.97
C PHE B 74 -6.27 43.39 -19.98
N ASN B 75 -5.72 44.31 -20.78
CA ASN B 75 -4.27 44.49 -20.79
C ASN B 75 -3.55 43.17 -21.05
N PRO B 76 -3.89 42.46 -22.15
CA PRO B 76 -3.30 41.13 -22.32
C PRO B 76 -1.81 41.18 -22.62
N ALA B 77 -1.04 40.26 -22.05
CA ALA B 77 0.39 40.15 -22.37
C ALA B 77 0.61 39.55 -23.78
N ALA B 78 -0.38 38.78 -24.25
CA ALA B 78 -0.31 38.15 -25.56
C ALA B 78 -1.73 37.77 -26.02
N VAL B 79 -1.94 37.83 -27.32
CA VAL B 79 -3.16 37.31 -27.93
C VAL B 79 -2.71 36.46 -29.12
N LEU B 80 -2.87 35.15 -29.00
CA LEU B 80 -2.18 34.20 -29.83
C LEU B 80 -3.14 33.23 -30.46
N PRO B 81 -2.86 32.79 -31.71
CA PRO B 81 -3.73 31.78 -32.33
C PRO B 81 -3.59 30.42 -31.68
N CYS B 82 -4.70 29.70 -31.52
CA CYS B 82 -4.65 28.31 -31.12
C CYS B 82 -5.91 27.56 -31.46
N ASP B 83 -5.84 26.82 -32.58
CA ASP B 83 -6.89 25.87 -32.97
C ASP B 83 -6.49 24.49 -32.44
N VAL B 84 -7.20 24.04 -31.40
CA VAL B 84 -6.85 22.82 -30.67
C VAL B 84 -7.01 21.54 -31.48
N ILE B 85 -7.46 21.67 -32.72
CA ILE B 85 -7.40 20.58 -33.69
C ILE B 85 -5.94 20.23 -34.04
N SER B 86 -5.05 21.23 -33.88
CA SER B 86 -3.69 21.14 -34.35
C SER B 86 -2.64 20.98 -33.24
N ASP B 87 -1.97 19.83 -33.21
CA ASP B 87 -0.84 19.66 -32.29
C ASP B 87 0.23 20.74 -32.44
N GLN B 88 0.52 21.13 -33.68
CA GLN B 88 1.54 22.15 -33.97
C GLN B 88 1.21 23.54 -33.37
N GLU B 89 0.00 24.04 -33.62
CA GLU B 89 -0.46 25.29 -33.03
C GLU B 89 -0.41 25.27 -31.51
N ILE B 90 -0.79 24.16 -30.88
CA ILE B 90 -0.75 24.05 -29.42
C ILE B 90 0.70 24.13 -28.94
N LYS B 91 1.59 23.46 -29.66
CA LYS B 91 3.02 23.50 -29.35
C LYS B 91 3.55 24.94 -29.49
N ASP B 92 3.15 25.60 -30.58
CA ASP B 92 3.63 26.94 -30.88
C ASP B 92 3.09 27.99 -29.93
N LEU B 93 1.89 27.75 -29.42
CA LEU B 93 1.30 28.60 -28.40
C LEU B 93 2.24 28.72 -27.19
N PHE B 94 2.79 27.61 -26.73
CA PHE B 94 3.65 27.66 -25.54
C PHE B 94 5.07 28.17 -25.84
N VAL B 95 5.51 27.98 -27.06
CA VAL B 95 6.76 28.58 -27.51
C VAL B 95 6.68 30.13 -27.50
N GLU B 96 5.62 30.69 -28.09
CA GLU B 96 5.39 32.13 -28.09
C GLU B 96 5.09 32.71 -26.71
N LEU B 97 4.28 32.01 -25.93
CA LEU B 97 3.99 32.42 -24.57
C LEU B 97 5.26 32.40 -23.72
N GLY B 98 6.12 31.41 -23.93
CA GLY B 98 7.38 31.30 -23.20
C GLY B 98 8.34 32.45 -23.47
N LYS B 99 8.11 33.17 -24.57
CA LYS B 99 8.91 34.35 -24.90
C LYS B 99 8.51 35.60 -24.10
N VAL B 100 7.25 35.68 -23.67
CA VAL B 100 6.85 36.79 -22.80
C VAL B 100 6.85 36.45 -21.30
N TRP B 101 6.58 35.19 -20.94
CA TRP B 101 6.54 34.78 -19.52
C TRP B 101 7.57 33.73 -19.21
N ASP B 102 8.16 33.77 -18.01
CA ASP B 102 9.10 32.71 -17.60
C ASP B 102 8.38 31.42 -17.21
N GLY B 103 7.39 31.57 -16.35
CA GLY B 103 6.51 30.46 -16.01
C GLY B 103 5.05 30.82 -16.28
N LEU B 104 4.17 29.86 -16.07
CA LEU B 104 2.74 30.02 -16.27
C LEU B 104 2.03 29.56 -15.00
N ASP B 105 1.13 30.38 -14.50
CA ASP B 105 0.35 30.00 -13.31
C ASP B 105 -0.92 29.18 -13.58
N ALA B 106 -1.67 29.51 -14.64
CA ALA B 106 -2.88 28.76 -14.90
C ALA B 106 -3.28 28.66 -16.37
N ILE B 107 -4.01 27.58 -16.70
CA ILE B 107 -4.67 27.47 -17.97
C ILE B 107 -6.16 27.34 -17.74
N VAL B 108 -6.94 28.18 -18.43
CA VAL B 108 -8.38 28.07 -18.41
C VAL B 108 -8.84 27.51 -19.73
N HIS B 109 -9.46 26.33 -19.68
CA HIS B 109 -10.01 25.66 -20.85
C HIS B 109 -11.48 25.97 -20.94
N SER B 110 -11.90 26.70 -21.97
CA SER B 110 -13.32 27.08 -22.10
C SER B 110 -13.70 26.93 -23.55
N ILE B 111 -13.57 25.69 -24.03
CA ILE B 111 -13.65 25.35 -25.44
C ILE B 111 -14.53 24.11 -25.56
N ALA B 112 -15.49 24.14 -26.48
CA ALA B 112 -16.23 22.94 -26.86
C ALA B 112 -16.64 23.03 -28.33
N PHE B 113 -16.82 21.87 -28.96
CA PHE B 113 -17.37 21.79 -30.31
C PHE B 113 -17.88 20.39 -30.63
N ALA B 114 -19.10 20.33 -31.17
CA ALA B 114 -19.57 19.16 -31.90
C ALA B 114 -20.25 19.68 -33.15
N PRO B 115 -20.18 18.91 -34.25
CA PRO B 115 -20.92 19.35 -35.43
C PRO B 115 -22.38 19.50 -35.08
N ARG B 116 -23.00 20.47 -35.72
CA ARG B 116 -24.42 20.80 -35.55
C ARG B 116 -25.36 19.58 -35.53
N ASP B 117 -25.15 18.61 -36.42
CA ASP B 117 -26.03 17.43 -36.52
C ASP B 117 -25.95 16.49 -35.30
N GLN B 118 -24.93 16.67 -34.47
CA GLN B 118 -24.74 15.83 -33.30
C GLN B 118 -25.58 16.31 -32.12
N LEU B 119 -26.39 17.36 -32.35
CA LEU B 119 -26.90 18.15 -31.25
C LEU B 119 -28.40 18.37 -31.19
N GLU B 120 -29.17 17.79 -32.07
CA GLU B 120 -30.61 17.78 -31.79
C GLU B 120 -31.25 16.47 -32.21
N GLY B 121 -32.42 16.19 -31.66
CA GLY B 121 -33.12 14.94 -31.94
C GLY B 121 -32.60 13.77 -31.14
N ASN B 122 -32.96 12.58 -31.58
CA ASN B 122 -32.64 11.34 -30.92
C ASN B 122 -31.13 11.06 -30.98
N PHE B 123 -30.52 10.80 -29.82
CA PHE B 123 -29.07 10.52 -29.77
C PHE B 123 -28.63 9.46 -30.76
N ILE B 124 -29.27 8.30 -30.70
CA ILE B 124 -28.91 7.17 -31.55
C ILE B 124 -29.13 7.43 -33.07
N ASP B 125 -30.25 8.08 -33.44
CA ASP B 125 -30.44 8.56 -34.82
C ASP B 125 -29.34 9.50 -35.33
N CYS B 126 -28.93 10.45 -34.49
CA CYS B 126 -28.04 11.50 -34.90
C CYS B 126 -26.54 11.22 -34.73
N VAL B 127 -26.17 10.38 -33.75
CA VAL B 127 -24.73 10.17 -33.50
C VAL B 127 -24.05 9.58 -34.74
N THR B 128 -22.88 10.09 -35.11
CA THR B 128 -22.08 9.47 -36.16
C THR B 128 -20.65 9.23 -35.63
N ARG B 129 -19.92 8.30 -36.25
CA ARG B 129 -18.54 7.98 -35.86
C ARG B 129 -17.65 9.22 -35.88
N GLU B 130 -17.78 10.02 -36.94
CA GLU B 130 -16.94 11.20 -37.14
C GLU B 130 -17.32 12.34 -36.20
N GLY B 131 -18.63 12.61 -36.10
CA GLY B 131 -19.14 13.60 -35.13
C GLY B 131 -18.69 13.31 -33.68
N PHE B 132 -18.80 12.05 -33.30
CA PHE B 132 -18.36 11.58 -32.00
C PHE B 132 -16.85 11.83 -31.84
N SER B 133 -16.07 11.49 -32.85
CA SER B 133 -14.65 11.70 -32.81
C SER B 133 -14.25 13.17 -32.63
N ILE B 134 -14.91 14.04 -33.39
CA ILE B 134 -14.56 15.44 -33.47
C ILE B 134 -14.92 16.07 -32.15
N ALA B 135 -16.11 15.77 -31.66
CA ALA B 135 -16.55 16.35 -30.40
C ALA B 135 -15.55 16.00 -29.28
N HIS B 136 -15.12 14.75 -29.21
CA HIS B 136 -14.14 14.34 -28.18
C HIS B 136 -12.82 14.98 -28.38
N ASP B 137 -12.40 15.05 -29.64
CA ASP B 137 -11.10 15.67 -30.00
C ASP B 137 -10.97 17.12 -29.50
N ILE B 138 -12.00 17.92 -29.78
CA ILE B 138 -11.97 19.35 -29.49
C ILE B 138 -12.43 19.66 -28.06
N SER B 139 -13.38 18.87 -27.56
CA SER B 139 -14.00 19.13 -26.25
C SER B 139 -13.27 18.47 -25.08
N ALA B 140 -12.56 17.38 -25.33
CA ALA B 140 -11.98 16.61 -24.23
C ALA B 140 -10.48 16.44 -24.37
N TYR B 141 -10.04 15.86 -25.49
CA TYR B 141 -8.62 15.64 -25.70
C TYR B 141 -7.82 16.94 -25.58
N SER B 142 -8.43 18.02 -26.04
CA SER B 142 -7.71 19.29 -26.11
C SER B 142 -7.20 19.75 -24.75
N PHE B 143 -7.95 19.39 -23.69
CA PHE B 143 -7.55 19.70 -22.33
C PHE B 143 -6.22 19.03 -21.96
N ALA B 144 -6.07 17.74 -22.28
CA ALA B 144 -4.85 17.02 -21.96
C ALA B 144 -3.73 17.57 -22.83
N ALA B 145 -4.07 18.05 -24.04
CA ALA B 145 -3.06 18.55 -24.97
C ALA B 145 -2.42 19.83 -24.44
N LEU B 146 -3.26 20.78 -24.03
CA LEU B 146 -2.79 21.98 -23.31
C LEU B 146 -1.99 21.62 -22.07
N ALA B 147 -2.45 20.62 -21.32
CA ALA B 147 -1.74 20.15 -20.13
C ALA B 147 -0.35 19.66 -20.50
N LYS B 148 -0.29 18.83 -21.54
CA LYS B 148 0.95 18.24 -22.06
C LYS B 148 1.97 19.29 -22.48
N GLU B 149 1.51 20.32 -23.18
CA GLU B 149 2.45 21.33 -23.69
C GLU B 149 2.73 22.47 -22.71
N GLY B 150 1.80 22.67 -21.77
CA GLY B 150 1.94 23.72 -20.76
C GLY B 150 2.72 23.28 -19.53
N ARG B 151 2.80 21.96 -19.34
CA ARG B 151 3.36 21.38 -18.13
C ARG B 151 4.70 21.97 -17.65
N SER B 152 5.69 22.11 -18.53
CA SER B 152 7.00 22.58 -18.06
C SER B 152 6.99 24.04 -17.60
N MET B 153 6.11 24.86 -18.16
CA MET B 153 5.98 26.26 -17.69
C MET B 153 5.29 26.35 -16.32
N MET B 154 4.51 25.32 -15.99
CA MET B 154 3.66 25.31 -14.81
C MET B 154 4.26 24.60 -13.60
N LYS B 155 5.32 23.83 -13.84
CA LYS B 155 6.05 23.10 -12.77
C LYS B 155 6.25 23.96 -11.52
N ASN B 156 5.88 23.42 -10.36
CA ASN B 156 6.28 23.92 -9.05
C ASN B 156 6.03 25.38 -8.71
N ARG B 157 4.81 25.85 -8.93
CA ARG B 157 4.44 27.20 -8.56
C ARG B 157 2.99 27.26 -8.15
N ASN B 158 2.50 26.20 -7.49
CA ASN B 158 1.06 26.05 -7.21
C ASN B 158 0.22 26.45 -8.44
N ALA B 159 0.54 25.86 -9.59
CA ALA B 159 -0.20 26.17 -10.81
C ALA B 159 -1.61 25.57 -10.83
N SER B 160 -2.42 25.99 -11.81
CA SER B 160 -3.82 25.56 -11.89
C SER B 160 -4.27 25.30 -13.32
N MET B 161 -5.17 24.31 -13.49
CA MET B 161 -5.97 24.21 -14.71
C MET B 161 -7.45 24.11 -14.30
N VAL B 162 -8.31 24.70 -15.11
CA VAL B 162 -9.75 24.63 -14.92
C VAL B 162 -10.43 24.47 -16.26
N ALA B 163 -11.30 23.46 -16.35
CA ALA B 163 -12.10 23.21 -17.54
C ALA B 163 -13.58 23.56 -17.28
N LEU B 164 -14.27 24.01 -18.32
CA LEU B 164 -15.73 24.21 -18.21
C LEU B 164 -16.50 23.00 -18.68
N THR B 165 -17.42 22.52 -17.84
CA THR B 165 -18.16 21.30 -18.16
C THR B 165 -19.66 21.56 -17.93
N TYR B 166 -20.49 20.53 -18.15
CA TYR B 166 -21.95 20.68 -18.03
C TYR B 166 -22.51 19.35 -17.53
N ILE B 167 -23.65 19.45 -16.84
CA ILE B 167 -24.26 18.31 -16.17
C ILE B 167 -24.71 17.22 -17.16
N GLY B 168 -24.82 17.56 -18.44
CA GLY B 168 -25.05 16.58 -19.48
C GLY B 168 -24.00 15.49 -19.50
N ALA B 169 -22.84 15.73 -18.87
CA ALA B 169 -21.81 14.70 -18.64
C ALA B 169 -22.29 13.61 -17.72
N GLU B 170 -23.08 13.97 -16.72
CA GLU B 170 -23.51 13.03 -15.67
C GLU B 170 -24.86 12.37 -15.94
N LYS B 171 -25.73 13.05 -16.68
CA LYS B 171 -27.09 12.56 -16.98
C LYS B 171 -27.40 12.56 -18.47
N ALA B 172 -28.21 11.62 -18.92
CA ALA B 172 -28.78 11.73 -20.23
C ALA B 172 -29.79 12.90 -20.27
N MET B 173 -29.59 13.84 -21.20
CA MET B 173 -30.50 14.96 -21.41
C MET B 173 -30.93 15.00 -22.85
N PRO B 174 -32.12 15.58 -23.15
CA PRO B 174 -32.49 15.73 -24.56
C PRO B 174 -31.49 16.68 -25.26
N SER B 175 -31.29 16.47 -26.57
CA SER B 175 -30.46 17.32 -27.43
C SER B 175 -28.95 17.32 -27.21
N TYR B 176 -28.51 17.36 -25.97
CA TYR B 176 -27.10 17.53 -25.68
C TYR B 176 -26.25 16.39 -26.22
N ASN B 177 -26.81 15.18 -26.23
CA ASN B 177 -26.34 14.08 -27.04
C ASN B 177 -24.83 13.89 -27.00
N THR B 178 -24.20 14.02 -28.16
CA THR B 178 -22.80 13.72 -28.32
C THR B 178 -21.98 14.62 -27.40
N MET B 179 -22.47 15.84 -27.16
CA MET B 179 -21.72 16.75 -26.29
C MET B 179 -21.72 16.24 -24.87
N GLY B 180 -22.79 15.56 -24.49
CA GLY B 180 -22.86 14.99 -23.14
C GLY B 180 -21.77 13.94 -22.96
N VAL B 181 -21.59 13.11 -24.00
CA VAL B 181 -20.62 12.03 -23.94
C VAL B 181 -19.23 12.64 -23.89
N ALA B 182 -19.01 13.66 -24.73
CA ALA B 182 -17.70 14.34 -24.75
C ALA B 182 -17.38 14.99 -23.40
N LYS B 183 -18.40 15.61 -22.80
CA LYS B 183 -18.21 16.21 -21.47
C LYS B 183 -17.85 15.16 -20.43
N ALA B 184 -18.39 13.96 -20.57
CA ALA B 184 -18.07 12.89 -19.65
C ALA B 184 -16.61 12.47 -19.80
N SER B 185 -16.16 12.45 -21.04
CA SER B 185 -14.76 12.19 -21.38
C SER B 185 -13.87 13.36 -20.89
N LEU B 186 -14.37 14.59 -20.99
CA LEU B 186 -13.66 15.75 -20.42
C LEU B 186 -13.44 15.63 -18.92
N GLU B 187 -14.48 15.24 -18.19
CA GLU B 187 -14.38 15.23 -16.72
C GLU B 187 -13.38 14.17 -16.25
N ALA B 188 -13.30 13.07 -16.99
CA ALA B 188 -12.43 11.97 -16.67
C ALA B 188 -11.02 12.42 -16.97
N THR B 189 -10.89 13.17 -18.06
CA THR B 189 -9.60 13.73 -18.47
C THR B 189 -9.10 14.64 -17.34
N VAL B 190 -9.99 15.49 -16.82
CA VAL B 190 -9.66 16.33 -15.66
C VAL B 190 -9.11 15.52 -14.47
N ARG B 191 -9.76 14.41 -14.13
CA ARG B 191 -9.29 13.55 -13.04
C ARG B 191 -7.92 12.91 -13.31
N TYR B 192 -7.74 12.29 -14.49
CA TYR B 192 -6.44 11.70 -14.86
C TYR B 192 -5.34 12.77 -15.01
N THR B 193 -5.72 13.96 -15.47
CA THR B 193 -4.78 15.07 -15.54
C THR B 193 -4.41 15.52 -14.13
N ALA B 194 -5.39 15.53 -13.22
CA ALA B 194 -5.11 15.88 -11.83
C ALA B 194 -4.12 14.92 -11.22
N LEU B 195 -4.27 13.64 -11.55
CA LEU B 195 -3.40 12.62 -10.99
C LEU B 195 -2.00 12.76 -11.56
N ALA B 196 -1.92 13.03 -12.85
CA ALA B 196 -0.66 13.09 -13.60
C ALA B 196 0.16 14.32 -13.28
N LEU B 197 -0.52 15.42 -12.98
CA LEU B 197 0.17 16.70 -12.73
C LEU B 197 0.38 17.09 -11.26
N GLY B 198 -0.30 16.41 -10.33
CA GLY B 198 -0.29 16.81 -8.92
C GLY B 198 1.09 16.77 -8.29
N GLU B 199 1.93 15.86 -8.76
CA GLU B 199 3.30 15.84 -8.25
C GLU B 199 4.15 17.07 -8.61
N ASP B 200 3.75 17.82 -9.65
CA ASP B 200 4.34 19.12 -10.00
C ASP B 200 3.65 20.28 -9.26
N GLY B 201 2.82 19.95 -8.29
CA GLY B 201 2.00 20.94 -7.57
C GLY B 201 0.84 21.57 -8.34
N ILE B 202 0.48 21.00 -9.50
CA ILE B 202 -0.55 21.60 -10.36
C ILE B 202 -1.90 21.03 -9.96
N LYS B 203 -2.85 21.92 -9.66
CA LYS B 203 -4.21 21.52 -9.36
C LYS B 203 -5.13 21.65 -10.60
N VAL B 204 -6.04 20.69 -10.75
CA VAL B 204 -6.76 20.51 -11.98
C VAL B 204 -8.20 20.25 -11.65
N ASN B 205 -9.08 21.15 -12.09
CA ASN B 205 -10.47 21.10 -11.67
C ASN B 205 -11.39 21.53 -12.77
N ALA B 206 -12.69 21.39 -12.54
CA ALA B 206 -13.69 21.72 -13.55
C ALA B 206 -14.82 22.47 -12.90
N VAL B 207 -15.49 23.32 -13.69
CA VAL B 207 -16.62 24.05 -13.20
C VAL B 207 -17.80 23.67 -14.10
N SER B 208 -18.84 23.15 -13.49
CA SER B 208 -19.99 22.69 -14.20
C SER B 208 -21.02 23.82 -14.21
N ALA B 209 -21.10 24.56 -15.31
CA ALA B 209 -21.99 25.72 -15.32
C ALA B 209 -23.40 25.33 -15.66
N GLY B 210 -24.37 25.97 -15.01
CA GLY B 210 -25.74 25.96 -15.54
C GLY B 210 -25.78 26.60 -16.93
N PRO B 211 -26.87 26.40 -17.69
CA PRO B 211 -26.98 26.98 -19.04
C PRO B 211 -26.94 28.50 -19.00
N ILE B 212 -26.25 29.08 -19.98
CA ILE B 212 -26.11 30.53 -20.15
C ILE B 212 -26.24 30.81 -21.65
N LYS B 213 -26.94 31.90 -21.99
CA LYS B 213 -27.18 32.23 -23.40
C LYS B 213 -25.92 32.86 -24.02
N THR B 214 -25.02 32.00 -24.49
CA THR B 214 -23.78 32.44 -25.13
C THR B 214 -23.89 32.04 -26.60
N LEU B 215 -22.85 32.30 -27.37
CA LEU B 215 -22.81 31.83 -28.75
C LEU B 215 -22.94 30.30 -28.91
N ALA B 216 -22.60 29.56 -27.86
CA ALA B 216 -22.82 28.10 -27.84
C ALA B 216 -24.30 27.74 -27.91
N ALA B 217 -25.14 28.66 -27.45
CA ALA B 217 -26.59 28.48 -27.45
C ALA B 217 -27.24 28.76 -28.80
N SER B 218 -26.49 29.37 -29.70
CA SER B 218 -27.09 29.92 -30.91
C SER B 218 -27.67 28.86 -31.86
N GLY B 219 -27.09 27.66 -31.88
CA GLY B 219 -27.66 26.57 -32.69
C GLY B 219 -28.98 26.01 -32.15
N ILE B 220 -29.20 26.16 -30.84
CA ILE B 220 -30.18 25.38 -30.10
C ILE B 220 -31.54 26.07 -30.00
N SER B 221 -32.57 25.43 -30.55
CA SER B 221 -33.95 25.97 -30.46
C SER B 221 -34.61 25.67 -29.10
N ASN B 222 -35.41 26.61 -28.62
CA ASN B 222 -35.98 26.56 -27.27
C ASN B 222 -34.87 26.50 -26.19
N PHE B 223 -33.71 27.11 -26.47
CA PHE B 223 -32.64 27.19 -25.47
C PHE B 223 -33.16 27.98 -24.30
N LYS B 224 -33.89 29.05 -24.62
CA LYS B 224 -34.57 29.87 -23.64
C LYS B 224 -35.44 29.03 -22.70
N LYS B 225 -35.96 27.91 -23.21
CA LYS B 225 -36.76 26.94 -22.43
C LYS B 225 -35.93 26.17 -21.43
N MET B 226 -34.77 25.65 -21.82
CA MET B 226 -33.88 25.04 -20.85
C MET B 226 -33.61 26.04 -19.74
N LEU B 227 -33.47 27.30 -20.15
CA LEU B 227 -33.13 28.36 -19.23
C LEU B 227 -34.25 28.61 -18.22
N ASP B 228 -35.49 28.74 -18.70
CA ASP B 228 -36.63 28.94 -17.82
C ASP B 228 -36.88 27.74 -16.90
N TYR B 229 -36.71 26.55 -17.45
CA TYR B 229 -36.81 25.36 -16.64
C TYR B 229 -35.81 25.41 -15.50
N ASN B 230 -34.55 25.69 -15.82
CA ASN B 230 -33.52 25.79 -14.81
C ASN B 230 -33.88 26.76 -13.68
N ALA B 231 -34.40 27.93 -14.04
CA ALA B 231 -34.76 28.94 -13.04
C ALA B 231 -35.95 28.49 -12.21
N MET B 232 -36.82 27.69 -12.80
CA MET B 232 -38.00 27.19 -12.09
CA MET B 232 -37.99 27.20 -12.09
C MET B 232 -37.65 26.07 -11.10
N VAL B 233 -36.83 25.11 -11.52
CA VAL B 233 -36.54 23.97 -10.64
C VAL B 233 -35.38 24.14 -9.67
N SER B 234 -34.43 25.01 -9.98
CA SER B 234 -33.30 25.22 -9.08
C SER B 234 -33.71 25.73 -7.69
N PRO B 235 -32.96 25.32 -6.63
CA PRO B 235 -33.18 25.84 -5.30
C PRO B 235 -33.14 27.37 -5.29
N LEU B 236 -32.26 28.00 -6.06
CA LEU B 236 -32.13 29.45 -5.97
C LEU B 236 -33.06 30.26 -6.90
N LYS B 237 -33.85 29.58 -7.72
CA LYS B 237 -34.89 30.26 -8.55
C LYS B 237 -34.31 31.35 -9.46
N LYS B 238 -33.20 31.04 -10.13
CA LYS B 238 -32.57 32.01 -11.01
C LYS B 238 -31.66 31.23 -11.95
N ASN B 239 -31.15 31.95 -12.96
CA ASN B 239 -30.14 31.46 -13.87
C ASN B 239 -28.79 32.05 -13.45
N VAL B 240 -27.73 31.25 -13.51
CA VAL B 240 -26.40 31.77 -13.24
C VAL B 240 -25.94 32.71 -14.37
N ASP B 241 -24.99 33.57 -14.08
CA ASP B 241 -24.41 34.40 -15.11
C ASP B 241 -22.87 34.23 -15.21
N ILE B 242 -22.27 34.83 -16.24
CA ILE B 242 -20.84 34.61 -16.50
C ILE B 242 -19.93 35.02 -15.34
N MET B 243 -20.37 35.99 -14.54
CA MET B 243 -19.63 36.44 -13.35
C MET B 243 -19.63 35.42 -12.21
N GLU B 244 -20.77 34.80 -11.97
CA GLU B 244 -20.80 33.69 -11.02
C GLU B 244 -19.86 32.57 -11.41
N VAL B 245 -19.83 32.25 -12.71
CA VAL B 245 -18.93 31.22 -13.20
C VAL B 245 -17.49 31.71 -13.11
N GLY B 246 -17.22 32.87 -13.71
CA GLY B 246 -15.92 33.52 -13.67
C GLY B 246 -15.28 33.66 -12.30
N ASN B 247 -16.06 34.09 -11.32
CA ASN B 247 -15.56 34.22 -9.97
C ASN B 247 -15.09 32.90 -9.40
N THR B 248 -15.80 31.82 -9.74
CA THR B 248 -15.48 30.49 -9.25
C THR B 248 -14.22 29.96 -9.90
N VAL B 249 -14.12 30.12 -11.23
CA VAL B 249 -12.90 29.78 -11.96
C VAL B 249 -11.70 30.55 -11.40
N ALA B 250 -11.89 31.87 -11.20
CA ALA B 250 -10.86 32.68 -10.58
C ALA B 250 -10.41 32.07 -9.23
N PHE B 251 -11.37 31.79 -8.35
CA PHE B 251 -11.04 31.17 -7.07
C PHE B 251 -10.19 29.90 -7.25
N LEU B 252 -10.62 29.03 -8.17
CA LEU B 252 -9.92 27.76 -8.43
C LEU B 252 -8.49 27.90 -8.97
N CYS B 253 -8.10 29.12 -9.35
CA CYS B 253 -6.76 29.43 -9.74
C CYS B 253 -5.99 30.21 -8.64
N SER B 254 -6.51 30.26 -7.42
CA SER B 254 -5.82 31.04 -6.38
C SER B 254 -5.14 30.14 -5.31
N ASP B 255 -4.27 30.75 -4.51
CA ASP B 255 -3.58 29.99 -3.44
C ASP B 255 -4.57 29.53 -2.35
N MET B 256 -5.76 30.10 -2.38
CA MET B 256 -6.81 29.72 -1.45
C MET B 256 -7.35 28.33 -1.76
N ALA B 257 -7.29 27.91 -3.02
CA ALA B 257 -7.81 26.62 -3.46
C ALA B 257 -6.76 25.50 -3.56
N THR B 258 -5.58 25.69 -2.98
CA THR B 258 -4.51 24.69 -3.12
C THR B 258 -4.82 23.31 -2.56
N GLY B 259 -5.91 23.13 -1.83
CA GLY B 259 -6.29 21.80 -1.38
C GLY B 259 -7.33 21.11 -2.24
N ILE B 260 -7.77 21.78 -3.30
CA ILE B 260 -8.78 21.25 -4.20
C ILE B 260 -8.19 20.83 -5.56
N THR B 261 -8.39 19.56 -5.96
CA THR B 261 -7.95 19.08 -7.27
C THR B 261 -8.81 17.89 -7.70
N GLY B 262 -8.97 17.69 -9.01
CA GLY B 262 -9.82 16.61 -9.48
C GLY B 262 -11.30 16.83 -9.18
N GLU B 263 -11.67 18.07 -8.88
CA GLU B 263 -13.03 18.33 -8.45
C GLU B 263 -13.88 18.99 -9.54
N VAL B 264 -15.20 18.74 -9.49
CA VAL B 264 -16.20 19.45 -10.35
C VAL B 264 -17.10 20.25 -9.40
N VAL B 265 -17.05 21.57 -9.54
CA VAL B 265 -17.85 22.47 -8.74
C VAL B 265 -19.05 22.95 -9.58
N HIS B 266 -20.27 22.63 -9.18
CA HIS B 266 -21.45 23.06 -9.96
C HIS B 266 -21.76 24.48 -9.67
N VAL B 267 -21.75 25.31 -10.69
CA VAL B 267 -22.17 26.70 -10.51
C VAL B 267 -23.46 26.81 -11.35
N ASP B 268 -24.57 26.38 -10.77
CA ASP B 268 -25.79 26.17 -11.54
C ASP B 268 -27.07 26.52 -10.75
N ALA B 269 -26.92 27.39 -9.76
CA ALA B 269 -28.02 27.77 -8.87
C ALA B 269 -28.60 26.56 -8.14
N GLY B 270 -27.78 25.51 -7.99
CA GLY B 270 -28.20 24.26 -7.33
C GLY B 270 -29.04 23.25 -8.14
N TYR B 271 -29.24 23.49 -9.43
CA TYR B 271 -29.90 22.51 -10.30
C TYR B 271 -29.47 21.05 -10.06
N HIS B 272 -28.17 20.83 -9.81
CA HIS B 272 -27.60 19.47 -9.74
C HIS B 272 -28.09 18.66 -8.59
N CYS B 273 -28.55 19.32 -7.52
CA CYS B 273 -28.94 18.59 -6.29
C CYS B 273 -30.43 18.27 -6.13
N VAL B 274 -31.27 18.72 -7.07
CA VAL B 274 -32.70 18.52 -6.90
C VAL B 274 -33.22 17.44 -7.87
N SER B 275 -34.30 16.77 -7.48
CA SER B 275 -35.02 15.94 -8.43
C SER B 275 -36.50 16.30 -8.44
N MET B 276 -37.07 16.38 -9.64
CA MET B 276 -38.52 16.60 -9.88
C MET B 276 -39.11 17.97 -9.52
N GLY B 277 -39.22 18.28 -8.24
CA GLY B 277 -39.81 19.59 -7.81
C GLY B 277 -41.35 19.62 -7.68
N ASN B 278 -41.88 20.78 -7.29
CA ASN B 278 -43.32 20.96 -7.05
C ASN B 278 -44.14 21.18 -8.32
N VAL B 279 -43.51 21.79 -9.31
CA VAL B 279 -44.13 22.09 -10.61
C VAL B 279 -43.69 21.01 -11.58
N LEU B 280 -44.57 20.06 -11.84
CA LEU B 280 -44.21 18.92 -12.66
C LEU B 280 -44.36 19.24 -14.16
N GLY C 22 -35.39 -23.49 -9.55
CA GLY C 22 -35.36 -22.05 -9.11
C GLY C 22 -33.98 -21.64 -8.63
N PHE C 23 -33.59 -20.39 -8.88
CA PHE C 23 -32.23 -19.96 -8.49
C PHE C 23 -32.09 -19.60 -7.00
N LEU C 24 -33.17 -19.74 -6.22
CA LEU C 24 -33.12 -19.63 -4.76
C LEU C 24 -33.53 -20.92 -4.05
N ALA C 25 -33.49 -22.04 -4.78
CA ALA C 25 -33.90 -23.34 -4.22
C ALA C 25 -33.17 -23.65 -2.93
N GLY C 26 -33.94 -23.87 -1.87
CA GLY C 26 -33.34 -24.23 -0.59
C GLY C 26 -32.94 -23.09 0.32
N LYS C 27 -32.81 -21.88 -0.23
CA LYS C 27 -32.35 -20.75 0.58
C LYS C 27 -33.42 -20.29 1.56
N LYS C 28 -32.98 -20.00 2.78
CA LYS C 28 -33.87 -19.58 3.87
C LYS C 28 -33.79 -18.06 4.04
N ILE C 29 -34.91 -17.41 3.75
CA ILE C 29 -34.92 -15.98 3.65
C ILE C 29 -36.01 -15.38 4.51
N LEU C 30 -35.63 -14.38 5.31
CA LEU C 30 -36.53 -13.63 6.15
C LEU C 30 -36.94 -12.37 5.40
N ILE C 31 -38.24 -12.16 5.29
CA ILE C 31 -38.82 -10.94 4.65
C ILE C 31 -39.55 -10.10 5.69
N THR C 32 -39.14 -8.84 5.84
CA THR C 32 -39.84 -7.90 6.70
C THR C 32 -40.73 -7.03 5.83
N GLY C 33 -41.61 -6.27 6.45
CA GLY C 33 -42.39 -5.27 5.72
C GLY C 33 -43.59 -5.69 4.89
N LEU C 34 -43.96 -6.96 4.91
CA LEU C 34 -45.15 -7.39 4.16
C LEU C 34 -46.45 -6.91 4.83
N LEU C 35 -47.21 -6.04 4.19
CA LEU C 35 -48.34 -5.45 4.90
C LEU C 35 -49.65 -5.57 4.11
N SER C 36 -49.57 -5.47 2.78
CA SER C 36 -50.75 -5.71 1.95
C SER C 36 -50.24 -6.40 0.70
N ASN C 37 -51.15 -6.79 -0.19
CA ASN C 37 -50.76 -7.37 -1.48
C ASN C 37 -50.20 -6.32 -2.45
N LYS C 38 -50.19 -5.05 -2.02
CA LYS C 38 -49.52 -3.98 -2.78
C LYS C 38 -48.05 -3.80 -2.34
N SER C 39 -47.71 -4.32 -1.17
CA SER C 39 -46.38 -4.11 -0.59
C SER C 39 -45.28 -4.55 -1.53
N ILE C 40 -44.23 -3.77 -1.63
CA ILE C 40 -43.01 -4.21 -2.32
C ILE C 40 -42.58 -5.59 -1.79
N ALA C 41 -42.77 -5.83 -0.49
CA ALA C 41 -42.42 -7.12 0.09
C ALA C 41 -43.27 -8.25 -0.47
N TYR C 42 -44.50 -7.95 -0.88
CA TYR C 42 -45.37 -8.95 -1.48
C TYR C 42 -44.76 -9.40 -2.83
N GLY C 43 -44.31 -8.43 -3.64
CA GLY C 43 -43.61 -8.73 -4.87
C GLY C 43 -42.32 -9.49 -4.62
N ILE C 44 -41.60 -9.14 -3.55
CA ILE C 44 -40.34 -9.85 -3.25
C ILE C 44 -40.67 -11.29 -2.89
N ALA C 45 -41.73 -11.49 -2.10
CA ALA C 45 -42.17 -12.81 -1.70
C ALA C 45 -42.58 -13.68 -2.89
N LYS C 46 -43.48 -13.18 -3.75
CA LYS C 46 -43.84 -13.92 -4.97
C LYS C 46 -42.61 -14.37 -5.75
N ALA C 47 -41.69 -13.44 -6.00
CA ALA C 47 -40.51 -13.73 -6.79
C ALA C 47 -39.61 -14.80 -6.13
N MET C 48 -39.44 -14.71 -4.81
CA MET C 48 -38.61 -15.67 -4.09
C MET C 48 -39.29 -17.05 -3.97
N HIS C 49 -40.62 -17.04 -3.89
CA HIS C 49 -41.36 -18.29 -3.75
C HIS C 49 -41.29 -19.02 -5.08
N ARG C 50 -41.55 -18.29 -6.16
CA ARG C 50 -41.35 -18.81 -7.51
C ARG C 50 -39.95 -19.39 -7.71
N GLU C 51 -38.92 -18.80 -7.12
CA GLU C 51 -37.56 -19.32 -7.29
C GLU C 51 -37.14 -20.37 -6.26
N GLY C 52 -38.11 -20.84 -5.48
CA GLY C 52 -37.92 -21.97 -4.57
C GLY C 52 -37.29 -21.68 -3.22
N ALA C 53 -37.32 -20.40 -2.81
CA ALA C 53 -36.89 -20.03 -1.46
C ALA C 53 -37.86 -20.54 -0.38
N GLU C 54 -37.31 -20.86 0.79
CA GLU C 54 -38.13 -21.01 2.00
C GLU C 54 -38.17 -19.68 2.73
N LEU C 55 -39.39 -19.25 3.02
CA LEU C 55 -39.64 -17.91 3.51
C LEU C 55 -40.13 -17.83 4.95
N ALA C 56 -39.69 -16.79 5.67
CA ALA C 56 -40.23 -16.43 6.97
C ALA C 56 -40.65 -14.97 6.90
N PHE C 57 -41.65 -14.60 7.69
CA PHE C 57 -42.15 -13.22 7.67
C PHE C 57 -42.25 -12.58 9.06
N THR C 58 -42.10 -11.25 9.10
CA THR C 58 -42.32 -10.52 10.33
C THR C 58 -43.48 -9.54 10.15
N TYR C 59 -44.02 -9.08 11.28
CA TYR C 59 -45.13 -8.14 11.33
C TYR C 59 -45.01 -7.26 12.57
N VAL C 60 -45.57 -6.05 12.50
CA VAL C 60 -45.68 -5.22 13.69
C VAL C 60 -46.99 -5.57 14.43
N GLY C 61 -46.89 -5.66 15.76
CA GLY C 61 -47.97 -6.02 16.69
C GLY C 61 -49.39 -6.21 16.18
N GLN C 62 -50.04 -5.10 15.82
CA GLN C 62 -51.48 -5.11 15.51
C GLN C 62 -51.86 -5.97 14.30
N PHE C 63 -50.91 -6.18 13.40
CA PHE C 63 -51.20 -6.74 12.08
C PHE C 63 -50.99 -8.25 11.92
N LYS C 64 -50.84 -8.93 13.05
CA LYS C 64 -50.64 -10.39 13.08
C LYS C 64 -51.56 -11.18 12.14
N ASP C 65 -52.87 -10.97 12.26
CA ASP C 65 -53.85 -11.73 11.47
C ASP C 65 -53.80 -11.40 9.99
N ARG C 66 -53.76 -10.10 9.70
CA ARG C 66 -53.61 -9.57 8.34
C ARG C 66 -52.43 -10.26 7.63
N VAL C 67 -51.26 -10.18 8.26
CA VAL C 67 -50.02 -10.71 7.68
C VAL C 67 -50.02 -12.24 7.53
N GLU C 68 -50.52 -12.93 8.55
CA GLU C 68 -50.67 -14.39 8.49
C GLU C 68 -51.49 -14.89 7.32
N LYS C 69 -52.62 -14.22 7.03
CA LYS C 69 -53.43 -14.48 5.83
C LYS C 69 -52.63 -14.20 4.58
N LEU C 70 -52.04 -13.00 4.48
CA LEU C 70 -51.31 -12.64 3.28
C LEU C 70 -50.24 -13.65 2.93
N CYS C 71 -49.41 -14.02 3.90
CA CYS C 71 -48.23 -14.81 3.57
C CYS C 71 -48.48 -16.32 3.56
N ALA C 72 -49.71 -16.73 3.89
CA ALA C 72 -50.08 -18.14 3.86
C ALA C 72 -49.77 -18.83 2.51
N GLU C 73 -50.10 -18.15 1.41
CA GLU C 73 -49.82 -18.66 0.06
C GLU C 73 -48.34 -18.97 -0.20
N PHE C 74 -47.45 -18.49 0.64
CA PHE C 74 -46.02 -18.73 0.46
C PHE C 74 -45.42 -19.85 1.31
N ASN C 75 -46.30 -20.63 1.97
CA ASN C 75 -45.91 -21.72 2.87
C ASN C 75 -44.81 -21.31 3.84
N PRO C 76 -45.04 -20.24 4.63
CA PRO C 76 -43.98 -19.68 5.49
C PRO C 76 -43.53 -20.64 6.59
N ALA C 77 -42.21 -20.75 6.83
CA ALA C 77 -41.69 -21.53 7.95
C ALA C 77 -41.98 -20.87 9.30
N ALA C 78 -42.14 -19.56 9.33
CA ALA C 78 -42.49 -18.83 10.54
C ALA C 78 -43.12 -17.49 10.17
N VAL C 79 -43.99 -16.99 11.02
CA VAL C 79 -44.53 -15.65 10.88
C VAL C 79 -44.44 -15.07 12.30
N LEU C 80 -43.52 -14.13 12.47
CA LEU C 80 -43.08 -13.70 13.78
C LEU C 80 -43.23 -12.20 13.99
N PRO C 81 -43.52 -11.76 15.24
CA PRO C 81 -43.60 -10.32 15.49
C PRO C 81 -42.22 -9.68 15.45
N CYS C 82 -42.12 -8.50 14.84
CA CYS C 82 -40.94 -7.68 15.01
C CYS C 82 -41.19 -6.20 14.77
N ASP C 83 -41.28 -5.44 15.87
CA ASP C 83 -41.31 -3.99 15.80
C ASP C 83 -39.90 -3.47 16.03
N VAL C 84 -39.29 -2.98 14.95
CA VAL C 84 -37.85 -2.61 14.94
C VAL C 84 -37.51 -1.42 15.84
N ILE C 85 -38.52 -0.86 16.51
CA ILE C 85 -38.31 0.11 17.58
C ILE C 85 -37.66 -0.55 18.81
N SER C 86 -37.82 -1.85 18.92
CA SER C 86 -37.47 -2.61 20.11
C SER C 86 -36.27 -3.51 19.88
N ASP C 87 -35.18 -3.25 20.56
CA ASP C 87 -34.03 -4.17 20.58
C ASP C 87 -34.40 -5.57 21.02
N GLN C 88 -35.25 -5.68 22.04
CA GLN C 88 -35.70 -6.98 22.54
C GLN C 88 -36.43 -7.83 21.47
N GLU C 89 -37.44 -7.26 20.82
CA GLU C 89 -38.15 -7.98 19.76
C GLU C 89 -37.24 -8.43 18.65
N ILE C 90 -36.28 -7.59 18.26
CA ILE C 90 -35.30 -7.97 17.21
C ILE C 90 -34.47 -9.17 17.68
N LYS C 91 -34.02 -9.13 18.91
CA LYS C 91 -33.26 -10.22 19.50
C LYS C 91 -34.10 -11.52 19.52
N ASP C 92 -35.36 -11.40 19.96
CA ASP C 92 -36.28 -12.56 20.06
C ASP C 92 -36.68 -13.12 18.70
N LEU C 93 -36.70 -12.25 17.70
CA LEU C 93 -36.93 -12.71 16.33
C LEU C 93 -35.90 -13.77 15.91
N PHE C 94 -34.64 -13.52 16.18
CA PHE C 94 -33.62 -14.48 15.79
C PHE C 94 -33.52 -15.68 16.70
N VAL C 95 -33.95 -15.53 17.95
CA VAL C 95 -34.06 -16.67 18.85
C VAL C 95 -35.14 -17.65 18.34
N GLU C 96 -36.30 -17.12 17.99
CA GLU C 96 -37.39 -17.95 17.49
C GLU C 96 -37.11 -18.54 16.13
N LEU C 97 -36.52 -17.72 15.26
CA LEU C 97 -36.14 -18.17 13.94
C LEU C 97 -35.10 -19.28 14.01
N GLY C 98 -34.17 -19.17 14.96
CA GLY C 98 -33.11 -20.17 15.17
C GLY C 98 -33.64 -21.52 15.66
N LYS C 99 -34.88 -21.54 16.12
CA LYS C 99 -35.55 -22.78 16.48
C LYS C 99 -36.11 -23.55 15.29
N VAL C 100 -36.43 -22.86 14.19
CA VAL C 100 -36.87 -23.58 13.00
C VAL C 100 -35.77 -23.77 11.96
N TRP C 101 -34.83 -22.84 11.85
CA TRP C 101 -33.73 -22.95 10.87
C TRP C 101 -32.38 -23.03 11.53
N ASP C 102 -31.44 -23.78 10.96
CA ASP C 102 -30.10 -23.85 11.54
C ASP C 102 -29.30 -22.60 11.18
N GLY C 103 -29.33 -22.23 9.90
CA GLY C 103 -28.74 -20.99 9.45
C GLY C 103 -29.75 -20.16 8.69
N LEU C 104 -29.32 -18.97 8.28
CA LEU C 104 -30.16 -18.05 7.55
C LEU C 104 -29.40 -17.63 6.30
N ASP C 105 -30.07 -17.67 5.16
CA ASP C 105 -29.45 -17.19 3.93
C ASP C 105 -29.59 -15.70 3.64
N ALA C 106 -30.72 -15.09 3.96
CA ALA C 106 -30.93 -13.70 3.60
C ALA C 106 -31.90 -12.96 4.52
N ILE C 107 -31.66 -11.66 4.64
CA ILE C 107 -32.63 -10.77 5.25
C ILE C 107 -33.05 -9.74 4.23
N VAL C 108 -34.35 -9.60 4.05
CA VAL C 108 -34.90 -8.52 3.23
C VAL C 108 -35.47 -7.44 4.14
N HIS C 109 -34.91 -6.22 4.07
CA HIS C 109 -35.37 -5.08 4.84
C HIS C 109 -36.27 -4.24 3.95
N SER C 110 -37.56 -4.21 4.25
CA SER C 110 -38.49 -3.42 3.44
C SER C 110 -39.41 -2.66 4.37
N ILE C 111 -38.80 -1.76 5.14
CA ILE C 111 -39.45 -1.08 6.26
C ILE C 111 -39.04 0.39 6.23
N ALA C 112 -40.00 1.27 6.36
CA ALA C 112 -39.72 2.70 6.55
C ALA C 112 -40.83 3.33 7.38
N PHE C 113 -40.47 4.40 8.08
CA PHE C 113 -41.44 5.21 8.82
C PHE C 113 -40.87 6.59 9.18
N ALA C 114 -41.69 7.62 8.95
CA ALA C 114 -41.51 8.92 9.52
C ALA C 114 -42.90 9.41 9.91
N PRO C 115 -43.01 10.16 11.02
CA PRO C 115 -44.30 10.73 11.35
C PRO C 115 -44.84 11.55 10.18
N ARG C 116 -46.15 11.50 10.02
CA ARG C 116 -46.88 12.22 8.97
C ARG C 116 -46.44 13.69 8.76
N ASP C 117 -46.21 14.42 9.85
CA ASP C 117 -45.81 15.83 9.73
C ASP C 117 -44.42 16.04 9.11
N GLN C 118 -43.62 14.98 9.06
CA GLN C 118 -42.28 15.07 8.46
C GLN C 118 -42.28 14.99 6.95
N LEU C 119 -43.48 14.91 6.36
CA LEU C 119 -43.57 14.48 4.99
C LEU C 119 -44.35 15.34 4.02
N GLU C 120 -44.81 16.50 4.41
CA GLU C 120 -45.24 17.41 3.37
C GLU C 120 -44.83 18.85 3.67
N GLY C 121 -44.81 19.69 2.65
CA GLY C 121 -44.43 21.11 2.82
C GLY C 121 -42.93 21.34 2.83
N ASN C 122 -42.55 22.53 3.30
CA ASN C 122 -41.16 22.94 3.32
C ASN C 122 -40.35 22.11 4.34
N PHE C 123 -39.23 21.54 3.89
CA PHE C 123 -38.39 20.70 4.75
C PHE C 123 -38.04 21.35 6.05
N ILE C 124 -37.54 22.58 5.98
CA ILE C 124 -37.10 23.31 7.16
C ILE C 124 -38.24 23.70 8.12
N ASP C 125 -39.37 24.14 7.57
CA ASP C 125 -40.59 24.34 8.37
C ASP C 125 -41.05 23.11 9.12
N CYS C 126 -40.95 21.95 8.49
CA CYS C 126 -41.59 20.74 8.98
C CYS C 126 -40.69 19.85 9.83
N VAL C 127 -39.38 19.84 9.53
CA VAL C 127 -38.48 18.92 10.22
C VAL C 127 -38.50 19.20 11.72
N THR C 128 -38.56 18.15 12.54
CA THR C 128 -38.43 18.31 14.01
C THR C 128 -37.34 17.37 14.53
N ARG C 129 -36.75 17.68 15.68
CA ARG C 129 -35.72 16.84 16.25
C ARG C 129 -36.23 15.40 16.42
N GLU C 130 -37.45 15.25 16.96
CA GLU C 130 -38.02 13.94 17.25
C GLU C 130 -38.39 13.17 16.00
N GLY C 131 -39.07 13.84 15.07
CA GLY C 131 -39.42 13.22 13.79
C GLY C 131 -38.20 12.78 12.96
N PHE C 132 -37.16 13.59 12.97
CA PHE C 132 -35.85 13.23 12.42
C PHE C 132 -35.31 11.97 13.09
N SER C 133 -35.32 11.96 14.41
CA SER C 133 -34.82 10.83 15.18
C SER C 133 -35.55 9.52 14.88
N ILE C 134 -36.88 9.59 14.87
CA ILE C 134 -37.74 8.42 14.69
C ILE C 134 -37.55 7.88 13.29
N ALA C 135 -37.60 8.77 12.29
CA ALA C 135 -37.40 8.35 10.90
C ALA C 135 -36.10 7.58 10.73
N HIS C 136 -35.01 8.08 11.29
CA HIS C 136 -33.69 7.40 11.20
C HIS C 136 -33.69 6.11 11.95
N ASP C 137 -34.30 6.10 13.13
CA ASP C 137 -34.36 4.93 13.99
C ASP C 137 -34.98 3.72 13.27
N ILE C 138 -36.15 3.94 12.68
CA ILE C 138 -36.95 2.91 12.04
C ILE C 138 -36.54 2.64 10.60
N SER C 139 -36.06 3.66 9.90
CA SER C 139 -35.80 3.54 8.48
C SER C 139 -34.36 3.21 8.17
N ALA C 140 -33.45 3.48 9.09
CA ALA C 140 -32.02 3.29 8.82
C ALA C 140 -31.35 2.40 9.88
N TYR C 141 -31.47 2.79 11.15
CA TYR C 141 -30.79 2.05 12.21
C TYR C 141 -31.24 0.59 12.21
N SER C 142 -32.52 0.40 11.90
CA SER C 142 -33.12 -0.92 11.96
C SER C 142 -32.41 -1.93 11.08
N PHE C 143 -31.87 -1.46 9.96
CA PHE C 143 -31.11 -2.33 9.06
C PHE C 143 -29.86 -2.92 9.75
N ALA C 144 -29.12 -2.08 10.49
CA ALA C 144 -27.90 -2.53 11.18
C ALA C 144 -28.29 -3.42 12.36
N ALA C 145 -29.44 -3.14 12.96
CA ALA C 145 -29.91 -3.92 14.08
C ALA C 145 -30.21 -5.35 13.63
N LEU C 146 -30.92 -5.49 12.50
CA LEU C 146 -31.15 -6.82 11.91
C LEU C 146 -29.83 -7.52 11.58
N ALA C 147 -28.91 -6.77 10.99
CA ALA C 147 -27.59 -7.28 10.66
C ALA C 147 -26.91 -7.80 11.92
N LYS C 148 -26.98 -7.00 12.99
CA LYS C 148 -26.32 -7.28 14.25
C LYS C 148 -26.82 -8.59 14.86
N GLU C 149 -28.14 -8.79 14.85
CA GLU C 149 -28.74 -9.94 15.51
C GLU C 149 -28.85 -11.15 14.58
N GLY C 150 -28.82 -10.93 13.28
CA GLY C 150 -28.89 -12.04 12.32
C GLY C 150 -27.52 -12.58 11.91
N ARG C 151 -26.47 -11.83 12.21
CA ARG C 151 -25.10 -12.15 11.78
C ARG C 151 -24.65 -13.62 12.02
N SER C 152 -24.83 -14.14 13.24
CA SER C 152 -24.33 -15.49 13.53
C SER C 152 -25.06 -16.59 12.74
N MET C 153 -26.34 -16.39 12.43
CA MET C 153 -27.07 -17.32 11.58
C MET C 153 -26.64 -17.28 10.10
N MET C 154 -26.04 -16.17 9.70
CA MET C 154 -25.66 -15.89 8.31
C MET C 154 -24.21 -16.18 7.95
N LYS C 155 -23.35 -16.30 8.94
CA LYS C 155 -21.92 -16.62 8.77
C LYS C 155 -21.70 -17.69 7.72
N ASN C 156 -20.83 -17.40 6.74
CA ASN C 156 -20.23 -18.38 5.85
C ASN C 156 -21.16 -19.29 5.03
N ARG C 157 -22.14 -18.70 4.38
CA ARG C 157 -23.00 -19.48 3.49
C ARG C 157 -23.42 -18.65 2.30
N ASN C 158 -22.54 -17.75 1.85
CA ASN C 158 -22.93 -16.79 0.82
C ASN C 158 -24.27 -16.13 1.16
N ALA C 159 -24.34 -15.57 2.35
CA ALA C 159 -25.57 -14.94 2.77
C ALA C 159 -25.78 -13.55 2.12
N SER C 160 -26.98 -12.99 2.29
CA SER C 160 -27.37 -11.74 1.64
C SER C 160 -28.22 -10.84 2.53
N MET C 161 -28.04 -9.54 2.37
CA MET C 161 -29.01 -8.57 2.88
C MET C 161 -29.36 -7.63 1.74
N VAL C 162 -30.63 -7.20 1.72
CA VAL C 162 -31.10 -6.23 0.75
C VAL C 162 -32.05 -5.23 1.43
N ALA C 163 -31.80 -3.93 1.21
CA ALA C 163 -32.66 -2.89 1.74
C ALA C 163 -33.38 -2.21 0.60
N LEU C 164 -34.57 -1.70 0.85
CA LEU C 164 -35.25 -0.89 -0.13
C LEU C 164 -35.04 0.55 0.14
N THR C 165 -34.64 1.30 -0.89
CA THR C 165 -34.34 2.73 -0.75
C THR C 165 -35.02 3.52 -1.86
N TYR C 166 -34.83 4.84 -1.89
CA TYR C 166 -35.51 5.70 -2.86
C TYR C 166 -34.58 6.85 -3.19
N ILE C 167 -34.71 7.40 -4.40
CA ILE C 167 -33.77 8.41 -4.95
C ILE C 167 -33.80 9.75 -4.19
N GLY C 168 -34.81 9.93 -3.34
CA GLY C 168 -34.85 11.04 -2.40
C GLY C 168 -33.64 11.02 -1.46
N ALA C 169 -32.97 9.87 -1.34
CA ALA C 169 -31.66 9.79 -0.63
C ALA C 169 -30.58 10.64 -1.30
N GLU C 170 -30.56 10.63 -2.64
CA GLU C 170 -29.50 11.25 -3.44
C GLU C 170 -29.78 12.70 -3.82
N LYS C 171 -31.07 13.05 -3.98
CA LYS C 171 -31.49 14.38 -4.41
C LYS C 171 -32.55 15.03 -3.50
N ALA C 172 -32.53 16.34 -3.42
CA ALA C 172 -33.58 17.05 -2.69
C ALA C 172 -34.84 17.05 -3.55
N MET C 173 -35.91 16.48 -3.01
CA MET C 173 -37.19 16.37 -3.69
C MET C 173 -38.27 17.04 -2.85
N PRO C 174 -39.36 17.50 -3.51
CA PRO C 174 -40.47 18.02 -2.69
C PRO C 174 -41.05 16.91 -1.85
N SER C 175 -41.62 17.26 -0.69
CA SER C 175 -42.35 16.36 0.22
C SER C 175 -41.56 15.27 0.92
N TYR C 176 -40.63 14.63 0.21
CA TYR C 176 -39.98 13.48 0.79
C TYR C 176 -39.18 13.83 2.06
N ASN C 177 -38.55 15.00 2.07
CA ASN C 177 -38.07 15.66 3.29
C ASN C 177 -37.25 14.74 4.21
N THR C 178 -37.76 14.55 5.43
CA THR C 178 -37.05 13.78 6.45
C THR C 178 -36.82 12.35 6.02
N MET C 179 -37.72 11.81 5.19
CA MET C 179 -37.50 10.46 4.68
C MET C 179 -36.34 10.40 3.73
N GLY C 180 -36.11 11.50 3.00
CA GLY C 180 -34.94 11.56 2.10
C GLY C 180 -33.65 11.46 2.89
N VAL C 181 -33.63 12.19 4.01
CA VAL C 181 -32.44 12.24 4.85
C VAL C 181 -32.19 10.86 5.46
N ALA C 182 -33.27 10.26 5.97
CA ALA C 182 -33.22 8.91 6.52
C ALA C 182 -32.78 7.85 5.47
N LYS C 183 -33.34 7.93 4.28
CA LYS C 183 -32.84 7.07 3.19
C LYS C 183 -31.34 7.22 2.91
N ALA C 184 -30.81 8.44 3.02
CA ALA C 184 -29.38 8.69 2.82
C ALA C 184 -28.55 7.99 3.91
N SER C 185 -29.05 8.09 5.13
CA SER C 185 -28.51 7.37 6.27
C SER C 185 -28.61 5.85 6.08
N LEU C 186 -29.74 5.39 5.51
CA LEU C 186 -29.90 3.97 5.19
C LEU C 186 -28.84 3.45 4.23
N GLU C 187 -28.60 4.21 3.14
CA GLU C 187 -27.67 3.74 2.10
C GLU C 187 -26.23 3.66 2.63
N ALA C 188 -25.89 4.58 3.54
CA ALA C 188 -24.55 4.63 4.10
C ALA C 188 -24.41 3.43 5.01
N THR C 189 -25.48 3.13 5.76
CA THR C 189 -25.58 1.97 6.64
C THR C 189 -25.39 0.70 5.84
N VAL C 190 -26.05 0.60 4.69
CA VAL C 190 -25.80 -0.52 3.77
C VAL C 190 -24.32 -0.69 3.40
N ARG C 191 -23.63 0.44 3.11
CA ARG C 191 -22.23 0.37 2.74
C ARG C 191 -21.34 -0.08 3.91
N TYR C 192 -21.53 0.56 5.08
CA TYR C 192 -20.77 0.16 6.28
C TYR C 192 -21.09 -1.25 6.74
N THR C 193 -22.35 -1.67 6.58
CA THR C 193 -22.73 -3.05 6.87
C THR C 193 -22.04 -4.00 5.89
N ALA C 194 -21.88 -3.58 4.63
CA ALA C 194 -21.24 -4.40 3.62
C ALA C 194 -19.77 -4.61 3.99
N LEU C 195 -19.15 -3.54 4.46
CA LEU C 195 -17.77 -3.60 4.84
C LEU C 195 -17.62 -4.49 6.08
N ALA C 196 -18.53 -4.35 7.05
CA ALA C 196 -18.47 -5.08 8.31
C ALA C 196 -18.74 -6.57 8.16
N LEU C 197 -19.64 -6.94 7.26
CA LEU C 197 -20.08 -8.32 7.17
C LEU C 197 -19.44 -9.14 6.07
N GLY C 198 -18.67 -8.50 5.19
CA GLY C 198 -18.14 -9.18 3.99
C GLY C 198 -17.11 -10.26 4.29
N GLU C 199 -16.43 -10.14 5.42
CA GLU C 199 -15.50 -11.19 5.82
C GLU C 199 -16.23 -12.48 6.24
N ASP C 200 -17.52 -12.39 6.57
CA ASP C 200 -18.36 -13.58 6.83
C ASP C 200 -19.05 -14.06 5.58
N GLY C 201 -18.63 -13.54 4.42
CA GLY C 201 -19.20 -13.89 3.13
C GLY C 201 -20.57 -13.28 2.85
N ILE C 202 -20.98 -12.29 3.64
CA ILE C 202 -22.35 -11.77 3.51
C ILE C 202 -22.35 -10.59 2.59
N LYS C 203 -23.20 -10.64 1.56
CA LYS C 203 -23.30 -9.48 0.67
C LYS C 203 -24.51 -8.62 1.03
N VAL C 204 -24.36 -7.29 0.85
CA VAL C 204 -25.26 -6.32 1.45
C VAL C 204 -25.50 -5.25 0.39
N ASN C 205 -26.75 -5.12 -0.03
CA ASN C 205 -27.05 -4.24 -1.14
C ASN C 205 -28.41 -3.59 -0.97
N ALA C 206 -28.71 -2.65 -1.84
CA ALA C 206 -29.98 -1.93 -1.78
C ALA C 206 -30.58 -1.84 -3.15
N VAL C 207 -31.89 -1.76 -3.19
CA VAL C 207 -32.59 -1.60 -4.43
C VAL C 207 -33.36 -0.30 -4.30
N SER C 208 -33.12 0.61 -5.22
CA SER C 208 -33.72 1.93 -5.21
C SER C 208 -34.95 1.87 -6.12
N ALA C 209 -36.14 1.76 -5.57
CA ALA C 209 -37.32 1.59 -6.42
C ALA C 209 -37.89 2.91 -6.86
N GLY C 210 -38.41 2.94 -8.07
CA GLY C 210 -39.27 4.04 -8.49
C GLY C 210 -40.50 4.06 -7.63
N PRO C 211 -41.25 5.17 -7.62
CA PRO C 211 -42.50 5.22 -6.87
C PRO C 211 -43.51 4.17 -7.31
N ILE C 212 -44.23 3.60 -6.33
CA ILE C 212 -45.22 2.54 -6.52
C ILE C 212 -46.36 2.82 -5.54
N LYS C 213 -47.60 2.68 -6.02
CA LYS C 213 -48.75 2.99 -5.18
C LYS C 213 -48.96 1.88 -4.15
N THR C 214 -48.34 1.99 -2.99
CA THR C 214 -48.47 1.01 -1.92
C THR C 214 -49.13 1.74 -0.75
N LEU C 215 -49.28 1.07 0.40
CA LEU C 215 -49.72 1.76 1.62
C LEU C 215 -48.84 2.95 2.08
N ALA C 216 -47.55 2.92 1.74
CA ALA C 216 -46.63 4.05 1.97
C ALA C 216 -47.06 5.33 1.25
N ALA C 217 -47.73 5.16 0.11
CA ALA C 217 -48.31 6.27 -0.67
C ALA C 217 -49.58 6.88 -0.10
N SER C 218 -50.21 6.20 0.84
CA SER C 218 -51.56 6.60 1.27
C SER C 218 -51.63 7.97 1.99
N GLY C 219 -50.57 8.38 2.67
CA GLY C 219 -50.55 9.75 3.22
C GLY C 219 -50.38 10.86 2.19
N ILE C 220 -49.86 10.49 1.01
CA ILE C 220 -49.24 11.42 0.07
C ILE C 220 -50.20 12.02 -0.96
N SER C 221 -50.45 13.31 -0.83
CA SER C 221 -51.25 14.05 -1.80
C SER C 221 -50.58 14.08 -3.18
N ASN C 222 -51.38 13.80 -4.21
CA ASN C 222 -50.90 13.79 -5.60
C ASN C 222 -49.75 12.81 -5.87
N PHE C 223 -49.81 11.63 -5.25
CA PHE C 223 -48.88 10.54 -5.57
C PHE C 223 -48.98 10.15 -7.05
N LYS C 224 -50.22 10.12 -7.54
CA LYS C 224 -50.52 9.77 -8.92
C LYS C 224 -49.80 10.72 -9.93
N LYS C 225 -49.77 12.01 -9.60
CA LYS C 225 -48.98 12.99 -10.36
C LYS C 225 -47.48 12.68 -10.37
N MET C 226 -46.91 12.35 -9.19
CA MET C 226 -45.47 11.98 -9.12
C MET C 226 -45.27 10.80 -10.04
N LEU C 227 -46.16 9.82 -9.90
CA LEU C 227 -46.17 8.60 -10.68
C LEU C 227 -46.20 8.90 -12.19
N ASP C 228 -47.16 9.73 -12.62
CA ASP C 228 -47.30 10.14 -14.01
C ASP C 228 -46.09 10.93 -14.51
N TYR C 229 -45.56 11.82 -13.68
CA TYR C 229 -44.29 12.49 -13.98
C TYR C 229 -43.15 11.48 -14.22
N ASN C 230 -43.04 10.47 -13.35
CA ASN C 230 -42.01 9.43 -13.54
C ASN C 230 -42.15 8.72 -14.89
N ALA C 231 -43.39 8.35 -15.24
CA ALA C 231 -43.60 7.63 -16.49
C ALA C 231 -43.26 8.53 -17.68
N MET C 232 -43.49 9.83 -17.53
CA MET C 232 -43.28 10.79 -18.62
C MET C 232 -41.80 11.01 -18.90
N VAL C 233 -41.04 11.13 -17.84
CA VAL C 233 -39.67 11.54 -17.92
C VAL C 233 -38.67 10.37 -18.05
N SER C 234 -38.99 9.21 -17.47
CA SER C 234 -38.10 8.03 -17.56
C SER C 234 -37.84 7.58 -19.01
N PRO C 235 -36.64 7.04 -19.28
CA PRO C 235 -36.32 6.45 -20.57
C PRO C 235 -37.35 5.40 -21.00
N LEU C 236 -37.82 4.55 -20.07
CA LEU C 236 -38.73 3.46 -20.45
C LEU C 236 -40.23 3.80 -20.52
N LYS C 237 -40.61 5.01 -20.15
CA LYS C 237 -41.99 5.50 -20.38
C LYS C 237 -43.01 4.64 -19.65
N LYS C 238 -42.71 4.27 -18.41
CA LYS C 238 -43.63 3.44 -17.65
C LYS C 238 -43.24 3.58 -16.19
N ASN C 239 -44.10 3.03 -15.33
CA ASN C 239 -43.86 2.95 -13.93
C ASN C 239 -43.38 1.54 -13.63
N VAL C 240 -42.50 1.37 -12.66
CA VAL C 240 -42.13 0.02 -12.26
C VAL C 240 -43.24 -0.61 -11.41
N ASP C 241 -43.22 -1.93 -11.28
CA ASP C 241 -44.17 -2.62 -10.42
C ASP C 241 -43.45 -3.52 -9.40
N ILE C 242 -44.21 -4.05 -8.44
CA ILE C 242 -43.64 -4.85 -7.37
C ILE C 242 -42.84 -6.07 -7.84
N MET C 243 -43.21 -6.64 -8.99
CA MET C 243 -42.49 -7.78 -9.54
C MET C 243 -41.13 -7.41 -10.14
N GLU C 244 -41.06 -6.25 -10.78
CA GLU C 244 -39.77 -5.76 -11.21
C GLU C 244 -38.84 -5.59 -10.03
N VAL C 245 -39.36 -5.05 -8.93
CA VAL C 245 -38.53 -4.81 -7.76
C VAL C 245 -38.21 -6.15 -7.11
N GLY C 246 -39.28 -6.93 -6.86
CA GLY C 246 -39.15 -8.28 -6.35
C GLY C 246 -38.10 -9.15 -7.01
N ASN C 247 -38.17 -9.23 -8.33
CA ASN C 247 -37.25 -10.02 -9.12
C ASN C 247 -35.78 -9.59 -8.92
N THR C 248 -35.55 -8.29 -8.78
CA THR C 248 -34.22 -7.77 -8.57
C THR C 248 -33.68 -8.11 -7.18
N VAL C 249 -34.52 -7.92 -6.15
CA VAL C 249 -34.20 -8.32 -4.80
C VAL C 249 -33.89 -9.82 -4.79
N ALA C 250 -34.76 -10.62 -5.40
CA ALA C 250 -34.51 -12.04 -5.47
C ALA C 250 -33.12 -12.33 -6.04
N PHE C 251 -32.81 -11.75 -7.20
CA PHE C 251 -31.50 -11.89 -7.83
C PHE C 251 -30.36 -11.59 -6.86
N LEU C 252 -30.47 -10.45 -6.16
CA LEU C 252 -29.48 -10.03 -5.19
C LEU C 252 -29.31 -10.94 -3.96
N CYS C 253 -30.23 -11.89 -3.78
CA CYS C 253 -30.05 -12.93 -2.78
C CYS C 253 -29.62 -14.28 -3.38
N SER C 254 -29.15 -14.30 -4.63
CA SER C 254 -28.78 -15.57 -5.25
C SER C 254 -27.25 -15.74 -5.36
N ASP C 255 -26.81 -16.97 -5.64
CA ASP C 255 -25.38 -17.25 -5.89
C ASP C 255 -24.85 -16.59 -7.16
N MET C 256 -25.78 -16.10 -7.98
CA MET C 256 -25.42 -15.39 -9.20
C MET C 256 -24.88 -13.99 -8.91
N ALA C 257 -25.25 -13.42 -7.77
CA ALA C 257 -24.83 -12.07 -7.43
C ALA C 257 -23.65 -12.02 -6.45
N THR C 258 -22.93 -13.13 -6.27
CA THR C 258 -21.90 -13.17 -5.24
C THR C 258 -20.75 -12.19 -5.44
N GLY C 259 -20.72 -11.50 -6.57
CA GLY C 259 -19.71 -10.47 -6.78
C GLY C 259 -20.17 -9.06 -6.47
N ILE C 260 -21.43 -8.93 -6.06
CA ILE C 260 -22.06 -7.62 -5.82
C ILE C 260 -22.29 -7.33 -4.33
N THR C 261 -21.78 -6.21 -3.82
CA THR C 261 -22.01 -5.81 -2.43
C THR C 261 -21.76 -4.31 -2.29
N GLY C 262 -22.43 -3.70 -1.34
CA GLY C 262 -22.37 -2.26 -1.16
C GLY C 262 -23.01 -1.51 -2.31
N GLU C 263 -23.86 -2.17 -3.07
CA GLU C 263 -24.37 -1.55 -4.28
C GLU C 263 -25.82 -1.05 -4.12
N VAL C 264 -26.17 0.03 -4.82
CA VAL C 264 -27.58 0.46 -5.01
C VAL C 264 -28.00 0.24 -6.46
N VAL C 265 -28.94 -0.67 -6.70
CA VAL C 265 -29.45 -0.93 -8.02
C VAL C 265 -30.78 -0.20 -8.22
N HIS C 266 -30.86 0.74 -9.17
CA HIS C 266 -32.11 1.47 -9.40
C HIS C 266 -33.06 0.68 -10.20
N VAL C 267 -34.22 0.41 -9.63
CA VAL C 267 -35.26 -0.25 -10.41
C VAL C 267 -36.37 0.79 -10.58
N ASP C 268 -36.22 1.65 -11.56
CA ASP C 268 -37.06 2.84 -11.62
C ASP C 268 -37.36 3.27 -13.02
N ALA C 269 -37.35 2.30 -13.96
CA ALA C 269 -37.55 2.57 -15.39
C ALA C 269 -36.52 3.58 -15.98
N GLY C 270 -35.36 3.70 -15.32
CA GLY C 270 -34.30 4.65 -15.70
C GLY C 270 -34.45 6.10 -15.24
N TYR C 271 -35.45 6.41 -14.42
CA TYR C 271 -35.58 7.77 -13.89
C TYR C 271 -34.25 8.39 -13.43
N HIS C 272 -33.41 7.56 -12.79
CA HIS C 272 -32.20 8.06 -12.15
C HIS C 272 -31.17 8.63 -13.07
N CYS C 273 -31.12 8.17 -14.31
CA CYS C 273 -30.08 8.63 -15.26
C CYS C 273 -30.45 9.83 -16.15
N VAL C 274 -31.67 10.34 -16.03
CA VAL C 274 -32.08 11.46 -16.89
C VAL C 274 -32.12 12.81 -16.19
N SER C 275 -31.81 13.86 -16.92
CA SER C 275 -32.06 15.19 -16.40
C SER C 275 -32.80 15.98 -17.42
N MET C 276 -33.65 16.89 -16.95
N MET C 276 -33.67 16.88 -16.97
CA MET C 276 -34.42 17.76 -17.84
CA MET C 276 -34.39 17.77 -17.87
C MET C 276 -35.16 16.95 -18.89
C MET C 276 -35.17 16.96 -18.89
N GLY C 277 -35.76 15.84 -18.47
CA GLY C 277 -36.49 14.96 -19.39
C GLY C 277 -37.82 15.55 -19.86
N ASN C 278 -38.29 16.60 -19.17
CA ASN C 278 -39.62 17.16 -19.40
C ASN C 278 -39.70 18.32 -20.40
N VAL C 279 -38.56 18.74 -20.93
CA VAL C 279 -38.47 19.89 -21.85
C VAL C 279 -38.38 19.44 -23.31
N LEU C 280 -39.31 19.97 -24.12
CA LEU C 280 -39.36 19.77 -25.57
C LEU C 280 -38.19 20.49 -26.28
N GLY D 22 -35.16 -22.02 -18.06
CA GLY D 22 -34.14 -20.92 -17.96
C GLY D 22 -34.79 -19.55 -18.11
N PHE D 23 -34.24 -18.53 -17.45
CA PHE D 23 -34.89 -17.19 -17.50
C PHE D 23 -34.57 -16.41 -18.75
N LEU D 24 -33.78 -17.00 -19.64
CA LEU D 24 -33.55 -16.44 -20.97
C LEU D 24 -34.05 -17.35 -22.11
N ALA D 25 -34.91 -18.32 -21.78
CA ALA D 25 -35.44 -19.28 -22.74
C ALA D 25 -36.04 -18.57 -23.94
N GLY D 26 -35.53 -18.90 -25.12
CA GLY D 26 -36.06 -18.31 -26.36
C GLY D 26 -35.40 -17.02 -26.84
N LYS D 27 -34.77 -16.28 -25.93
CA LYS D 27 -34.20 -14.98 -26.28
C LYS D 27 -33.01 -15.13 -27.21
N LYS D 28 -32.99 -14.27 -28.23
CA LYS D 28 -31.91 -14.23 -29.22
C LYS D 28 -30.92 -13.11 -28.93
N ILE D 29 -29.69 -13.50 -28.61
CA ILE D 29 -28.73 -12.60 -28.04
C ILE D 29 -27.42 -12.69 -28.78
N LEU D 30 -26.95 -11.53 -29.23
CA LEU D 30 -25.67 -11.38 -29.85
C LEU D 30 -24.60 -11.05 -28.79
N ILE D 31 -23.53 -11.85 -28.78
CA ILE D 31 -22.36 -11.63 -27.90
C ILE D 31 -21.11 -11.24 -28.71
N THR D 32 -20.55 -10.09 -28.37
CA THR D 32 -19.31 -9.66 -29.02
C THR D 32 -18.17 -9.96 -28.03
N GLY D 33 -16.92 -9.87 -28.50
CA GLY D 33 -15.75 -9.94 -27.63
C GLY D 33 -15.31 -11.30 -27.10
N LEU D 34 -15.86 -12.39 -27.61
CA LEU D 34 -15.42 -13.69 -27.15
C LEU D 34 -14.09 -14.05 -27.79
N LEU D 35 -13.04 -14.15 -27.00
CA LEU D 35 -11.69 -14.32 -27.58
C LEU D 35 -10.90 -15.51 -27.07
N SER D 36 -11.06 -15.81 -25.80
CA SER D 36 -10.50 -17.04 -25.23
C SER D 36 -11.51 -17.55 -24.21
N ASN D 37 -11.25 -18.70 -23.61
CA ASN D 37 -12.11 -19.20 -22.53
C ASN D 37 -11.88 -18.47 -21.20
N LYS D 38 -10.97 -17.48 -21.22
CA LYS D 38 -10.84 -16.53 -20.13
C LYS D 38 -11.69 -15.27 -20.31
N SER D 39 -12.18 -15.04 -21.52
CA SER D 39 -12.89 -13.79 -21.83
C SER D 39 -14.06 -13.62 -20.91
N ILE D 40 -14.33 -12.40 -20.49
CA ILE D 40 -15.61 -12.11 -19.81
C ILE D 40 -16.79 -12.59 -20.69
N ALA D 41 -16.63 -12.47 -22.01
CA ALA D 41 -17.69 -12.91 -22.93
C ALA D 41 -17.92 -14.42 -22.88
N TYR D 42 -16.88 -15.18 -22.55
CA TYR D 42 -17.03 -16.62 -22.36
C TYR D 42 -17.95 -16.92 -21.16
N GLY D 43 -17.71 -16.25 -20.03
CA GLY D 43 -18.57 -16.34 -18.88
C GLY D 43 -19.98 -15.90 -19.23
N ILE D 44 -20.15 -14.80 -19.98
CA ILE D 44 -21.51 -14.35 -20.33
C ILE D 44 -22.20 -15.45 -21.15
N ALA D 45 -21.45 -16.07 -22.05
CA ALA D 45 -21.99 -17.10 -22.90
C ALA D 45 -22.44 -18.31 -22.09
N LYS D 46 -21.55 -18.83 -21.24
CA LYS D 46 -21.93 -19.93 -20.37
C LYS D 46 -23.21 -19.61 -19.65
N ALA D 47 -23.27 -18.45 -19.01
CA ALA D 47 -24.47 -18.12 -18.23
C ALA D 47 -25.72 -18.05 -19.10
N MET D 48 -25.59 -17.47 -20.29
CA MET D 48 -26.75 -17.30 -21.14
C MET D 48 -27.19 -18.60 -21.77
N HIS D 49 -26.23 -19.47 -22.06
CA HIS D 49 -26.55 -20.81 -22.59
C HIS D 49 -27.26 -21.64 -21.54
N ARG D 50 -26.72 -21.66 -20.33
CA ARG D 50 -27.38 -22.31 -19.18
C ARG D 50 -28.82 -21.83 -19.03
N GLU D 51 -29.09 -20.56 -19.28
CA GLU D 51 -30.46 -20.02 -19.11
C GLU D 51 -31.34 -20.12 -20.37
N GLY D 52 -30.89 -20.91 -21.34
CA GLY D 52 -31.67 -21.21 -22.52
C GLY D 52 -31.72 -20.16 -23.61
N ALA D 53 -30.76 -19.24 -23.62
CA ALA D 53 -30.65 -18.26 -24.72
C ALA D 53 -30.18 -18.89 -26.04
N GLU D 54 -30.68 -18.35 -27.15
CA GLU D 54 -30.06 -18.63 -28.43
C GLU D 54 -29.00 -17.58 -28.76
N LEU D 55 -27.80 -18.05 -29.10
CA LEU D 55 -26.66 -17.17 -29.12
C LEU D 55 -26.06 -17.00 -30.52
N ALA D 56 -25.55 -15.80 -30.79
CA ALA D 56 -24.74 -15.50 -31.98
C ALA D 56 -23.44 -14.84 -31.50
N PHE D 57 -22.36 -15.00 -32.25
CA PHE D 57 -21.08 -14.42 -31.84
C PHE D 57 -20.43 -13.67 -32.98
N THR D 58 -19.67 -12.64 -32.63
CA THR D 58 -18.84 -11.96 -33.61
C THR D 58 -17.35 -12.14 -33.28
N TYR D 59 -16.50 -11.85 -34.26
CA TYR D 59 -15.05 -11.96 -34.12
C TYR D 59 -14.38 -10.92 -35.02
N VAL D 60 -13.14 -10.57 -34.69
CA VAL D 60 -12.37 -9.69 -35.54
C VAL D 60 -11.50 -10.55 -36.45
N GLY D 61 -11.49 -10.14 -37.73
CA GLY D 61 -10.87 -10.82 -38.88
C GLY D 61 -10.06 -12.06 -38.67
N GLN D 62 -8.87 -11.91 -38.09
CA GLN D 62 -7.90 -12.99 -37.97
C GLN D 62 -8.39 -14.22 -37.16
N PHE D 63 -9.33 -14.00 -36.24
CA PHE D 63 -9.64 -14.98 -35.20
C PHE D 63 -10.85 -15.90 -35.48
N LYS D 64 -11.34 -15.89 -36.71
CA LYS D 64 -12.46 -16.72 -37.14
C LYS D 64 -12.46 -18.18 -36.64
N ASP D 65 -11.38 -18.90 -36.88
CA ASP D 65 -11.28 -20.30 -36.47
C ASP D 65 -11.24 -20.50 -34.95
N ARG D 66 -10.39 -19.73 -34.27
CA ARG D 66 -10.31 -19.67 -32.78
C ARG D 66 -11.74 -19.54 -32.22
N VAL D 67 -12.47 -18.54 -32.70
CA VAL D 67 -13.76 -18.18 -32.11
C VAL D 67 -14.79 -19.26 -32.42
N GLU D 68 -14.79 -19.75 -33.65
CA GLU D 68 -15.70 -20.82 -34.01
C GLU D 68 -15.55 -22.07 -33.12
N LYS D 69 -14.31 -22.47 -32.83
CA LYS D 69 -14.05 -23.58 -31.90
C LYS D 69 -14.56 -23.27 -30.49
N LEU D 70 -14.22 -22.07 -30.02
CA LEU D 70 -14.62 -21.68 -28.68
C LEU D 70 -16.12 -21.71 -28.51
N CYS D 71 -16.88 -21.14 -29.43
CA CYS D 71 -18.30 -21.04 -29.12
CA CYS D 71 -18.32 -20.97 -29.28
C CYS D 71 -19.14 -22.20 -29.66
N ALA D 72 -18.49 -23.21 -30.20
CA ALA D 72 -19.20 -24.39 -30.71
C ALA D 72 -20.09 -25.05 -29.64
N GLU D 73 -19.53 -25.21 -28.44
CA GLU D 73 -20.28 -25.73 -27.31
C GLU D 73 -21.62 -24.98 -27.01
N PHE D 74 -21.78 -23.78 -27.52
CA PHE D 74 -22.99 -23.00 -27.27
C PHE D 74 -24.03 -23.07 -28.39
N ASN D 75 -23.84 -23.97 -29.37
CA ASN D 75 -24.74 -24.09 -30.53
C ASN D 75 -25.16 -22.79 -31.12
N PRO D 76 -24.18 -22.00 -31.57
CA PRO D 76 -24.47 -20.67 -32.05
C PRO D 76 -25.30 -20.68 -33.33
N ALA D 77 -26.25 -19.77 -33.45
CA ALA D 77 -27.04 -19.63 -34.68
C ALA D 77 -26.17 -18.98 -35.80
N ALA D 78 -25.15 -18.23 -35.39
CA ALA D 78 -24.26 -17.55 -36.33
C ALA D 78 -22.97 -17.19 -35.64
N VAL D 79 -21.88 -17.24 -36.39
CA VAL D 79 -20.60 -16.74 -35.96
C VAL D 79 -20.08 -15.86 -37.09
N LEU D 80 -20.02 -14.55 -36.84
CA LEU D 80 -19.94 -13.55 -37.91
C LEU D 80 -18.81 -12.56 -37.66
N PRO D 81 -18.14 -12.09 -38.74
CA PRO D 81 -17.08 -11.09 -38.57
C PRO D 81 -17.64 -9.71 -38.20
N CYS D 82 -17.00 -9.05 -37.24
CA CYS D 82 -17.34 -7.65 -36.98
C CYS D 82 -16.22 -6.91 -36.28
N ASP D 83 -15.46 -6.16 -37.08
CA ASP D 83 -14.46 -5.23 -36.57
C ASP D 83 -15.14 -3.86 -36.45
N VAL D 84 -15.36 -3.44 -35.20
CA VAL D 84 -16.14 -2.24 -34.93
C VAL D 84 -15.45 -0.93 -35.33
N ILE D 85 -14.25 -1.02 -35.90
CA ILE D 85 -13.64 0.09 -36.64
C ILE D 85 -14.43 0.45 -37.92
N SER D 86 -15.18 -0.53 -38.43
CA SER D 86 -15.82 -0.42 -39.72
C SER D 86 -17.33 -0.26 -39.62
N ASP D 87 -17.85 0.86 -40.06
CA ASP D 87 -19.32 1.03 -40.18
C ASP D 87 -19.96 -0.04 -41.08
N GLN D 88 -19.29 -0.40 -42.17
CA GLN D 88 -19.82 -1.39 -43.12
C GLN D 88 -19.98 -2.74 -42.45
N GLU D 89 -18.92 -3.23 -41.81
CA GLU D 89 -18.98 -4.52 -41.14
C GLU D 89 -20.10 -4.54 -40.09
N ILE D 90 -20.29 -3.45 -39.37
CA ILE D 90 -21.35 -3.40 -38.36
C ILE D 90 -22.74 -3.50 -39.05
N LYS D 91 -22.90 -2.81 -40.16
CA LYS D 91 -24.13 -2.83 -40.96
C LYS D 91 -24.39 -4.26 -41.47
N ASP D 92 -23.33 -4.89 -41.98
CA ASP D 92 -23.43 -6.23 -42.58
C ASP D 92 -23.70 -7.27 -41.53
N LEU D 93 -23.27 -7.01 -40.32
CA LEU D 93 -23.53 -7.93 -39.22
C LEU D 93 -25.04 -8.11 -39.00
N PHE D 94 -25.77 -7.00 -39.03
CA PHE D 94 -27.19 -7.08 -38.80
C PHE D 94 -27.98 -7.56 -40.02
N VAL D 95 -27.45 -7.31 -41.22
CA VAL D 95 -28.02 -7.90 -42.42
C VAL D 95 -27.95 -9.44 -42.35
N GLU D 96 -26.78 -9.98 -42.00
CA GLU D 96 -26.57 -11.43 -41.95
C GLU D 96 -27.33 -12.05 -40.81
N LEU D 97 -27.35 -11.37 -39.68
CA LEU D 97 -28.09 -11.83 -38.52
C LEU D 97 -29.57 -11.83 -38.80
N GLY D 98 -30.07 -10.82 -39.51
CA GLY D 98 -31.48 -10.73 -39.87
C GLY D 98 -31.96 -11.84 -40.79
N LYS D 99 -31.00 -12.52 -41.43
CA LYS D 99 -31.30 -13.68 -42.28
C LYS D 99 -31.59 -14.94 -41.47
N VAL D 100 -31.04 -15.07 -40.27
CA VAL D 100 -31.36 -16.22 -39.41
C VAL D 100 -32.42 -15.90 -38.33
N TRP D 101 -32.50 -14.66 -37.86
CA TRP D 101 -33.47 -14.28 -36.82
C TRP D 101 -34.42 -13.21 -37.31
N ASP D 102 -35.66 -13.24 -36.85
CA ASP D 102 -36.61 -12.20 -37.23
C ASP D 102 -36.41 -10.93 -36.43
N GLY D 103 -36.35 -11.08 -35.11
CA GLY D 103 -35.91 -10.00 -34.24
C GLY D 103 -34.67 -10.36 -33.42
N LEU D 104 -34.18 -9.38 -32.67
CA LEU D 104 -33.07 -9.57 -31.77
C LEU D 104 -33.49 -9.20 -30.35
N ASP D 105 -33.16 -10.03 -29.38
CA ASP D 105 -33.45 -9.66 -27.98
C ASP D 105 -32.37 -8.82 -27.26
N ALA D 106 -31.09 -9.08 -27.52
CA ALA D 106 -30.05 -8.39 -26.77
C ALA D 106 -28.74 -8.30 -27.50
N ILE D 107 -28.01 -7.21 -27.22
CA ILE D 107 -26.64 -7.09 -27.65
C ILE D 107 -25.73 -6.96 -26.45
N VAL D 108 -24.74 -7.84 -26.36
CA VAL D 108 -23.74 -7.74 -25.31
C VAL D 108 -22.50 -7.16 -25.92
N HIS D 109 -22.09 -5.98 -25.44
CA HIS D 109 -20.87 -5.29 -25.87
C HIS D 109 -19.77 -5.65 -24.89
N SER D 110 -18.76 -6.37 -25.34
CA SER D 110 -17.65 -6.75 -24.45
C SER D 110 -16.34 -6.58 -25.19
N ILE D 111 -16.07 -5.32 -25.53
CA ILE D 111 -15.02 -4.95 -26.48
C ILE D 111 -14.32 -3.72 -25.94
N ALA D 112 -12.99 -3.75 -25.93
CA ALA D 112 -12.22 -2.55 -25.64
C ALA D 112 -10.87 -2.62 -26.34
N PHE D 113 -10.31 -1.43 -26.63
CA PHE D 113 -9.00 -1.31 -27.23
C PHE D 113 -8.43 0.09 -27.09
N ALA D 114 -7.17 0.14 -26.66
CA ALA D 114 -6.34 1.33 -26.75
C ALA D 114 -4.94 0.83 -27.11
N PRO D 115 -4.20 1.61 -27.92
CA PRO D 115 -2.85 1.21 -28.25
C PRO D 115 -2.03 1.03 -27.00
N ARG D 116 -1.17 0.03 -27.00
CA ARG D 116 -0.26 -0.30 -25.89
C ARG D 116 0.37 0.92 -25.20
N ASP D 117 0.86 1.90 -25.96
CA ASP D 117 1.50 3.09 -25.38
C ASP D 117 0.56 4.01 -24.56
N GLN D 118 -0.75 3.83 -24.74
CA GLN D 118 -1.75 4.58 -23.99
C GLN D 118 -1.99 4.04 -22.57
N LEU D 119 -1.25 3.00 -22.17
CA LEU D 119 -1.65 2.23 -21.01
C LEU D 119 -0.62 1.99 -19.93
N GLU D 120 0.55 2.59 -20.03
CA GLU D 120 1.38 2.58 -18.82
C GLU D 120 2.08 3.92 -18.60
N GLY D 121 2.56 4.14 -17.38
CA GLY D 121 3.23 5.40 -17.06
C GLY D 121 2.28 6.57 -16.82
N ASN D 122 2.84 7.77 -16.85
CA ASN D 122 2.14 8.99 -16.55
C ASN D 122 1.12 9.31 -17.66
N PHE D 123 -0.14 9.57 -17.29
CA PHE D 123 -1.20 9.83 -18.27
C PHE D 123 -0.85 10.91 -19.25
N ILE D 124 -0.43 12.06 -18.74
CA ILE D 124 -0.04 13.20 -19.57
C ILE D 124 1.19 12.98 -20.49
N ASP D 125 2.25 12.33 -19.98
CA ASP D 125 3.37 11.86 -20.83
C ASP D 125 2.96 10.94 -21.97
N CYS D 126 2.05 9.99 -21.70
CA CYS D 126 1.72 8.94 -22.63
C CYS D 126 0.54 9.22 -23.56
N VAL D 127 -0.46 10.01 -23.13
CA VAL D 127 -1.63 10.28 -23.99
C VAL D 127 -1.26 10.94 -25.33
N THR D 128 -1.82 10.45 -26.43
CA THR D 128 -1.61 11.07 -27.74
C THR D 128 -2.99 11.35 -28.38
N ARG D 129 -3.04 12.32 -29.30
CA ARG D 129 -4.30 12.61 -29.99
C ARG D 129 -4.92 11.35 -30.64
N GLU D 130 -4.08 10.60 -31.35
CA GLU D 130 -4.52 9.42 -32.09
C GLU D 130 -4.92 8.27 -31.15
N GLY D 131 -4.10 8.02 -30.13
CA GLY D 131 -4.41 6.96 -29.13
C GLY D 131 -5.71 7.21 -28.38
N PHE D 132 -5.94 8.46 -28.06
CA PHE D 132 -7.17 8.94 -27.46
C PHE D 132 -8.36 8.69 -28.41
N SER D 133 -8.18 9.07 -29.67
CA SER D 133 -9.20 8.86 -30.69
C SER D 133 -9.59 7.39 -30.91
N ILE D 134 -8.58 6.52 -30.96
CA ILE D 134 -8.77 5.11 -31.28
C ILE D 134 -9.46 4.43 -30.09
N ALA D 135 -8.95 4.71 -28.89
CA ALA D 135 -9.55 4.17 -27.68
C ALA D 135 -11.05 4.48 -27.62
N HIS D 136 -11.42 5.72 -27.91
CA HIS D 136 -12.84 6.14 -27.84
C HIS D 136 -13.63 5.53 -28.94
N ASP D 137 -13.02 5.43 -30.11
CA ASP D 137 -13.67 4.89 -31.28
C ASP D 137 -14.14 3.45 -31.03
N ILE D 138 -13.23 2.63 -30.56
CA ILE D 138 -13.43 1.19 -30.40
C ILE D 138 -14.08 0.86 -29.07
N SER D 139 -13.83 1.66 -28.04
CA SER D 139 -14.26 1.32 -26.71
C SER D 139 -15.57 1.95 -26.32
N ALA D 140 -15.93 3.04 -26.97
CA ALA D 140 -17.13 3.80 -26.60
C ALA D 140 -18.09 3.99 -27.76
N TYR D 141 -17.60 4.61 -28.84
CA TYR D 141 -18.47 4.87 -30.00
C TYR D 141 -19.13 3.57 -30.48
N SER D 142 -18.35 2.48 -30.49
CA SER D 142 -18.80 1.20 -31.02
C SER D 142 -20.10 0.70 -30.39
N PHE D 143 -20.34 1.05 -29.13
CA PHE D 143 -21.57 0.70 -28.46
C PHE D 143 -22.79 1.40 -29.12
N ALA D 144 -22.65 2.67 -29.45
CA ALA D 144 -23.75 3.42 -30.09
C ALA D 144 -23.96 2.91 -31.52
N ALA D 145 -22.86 2.54 -32.17
CA ALA D 145 -22.91 2.03 -33.53
C ALA D 145 -23.71 0.73 -33.58
N LEU D 146 -23.43 -0.22 -32.68
CA LEU D 146 -24.25 -1.45 -32.57
C LEU D 146 -25.71 -1.11 -32.28
N ALA D 147 -25.94 -0.11 -31.44
CA ALA D 147 -27.27 0.29 -31.06
C ALA D 147 -27.98 0.82 -32.29
N LYS D 148 -27.27 1.66 -33.05
CA LYS D 148 -27.76 2.28 -34.28
C LYS D 148 -28.20 1.28 -35.34
N GLU D 149 -27.37 0.26 -35.57
CA GLU D 149 -27.66 -0.74 -36.59
C GLU D 149 -28.58 -1.87 -36.11
N GLY D 150 -28.61 -2.11 -34.80
CA GLY D 150 -29.41 -3.22 -34.24
C GLY D 150 -30.79 -2.78 -33.79
N ARG D 151 -30.99 -1.47 -33.74
CA ARG D 151 -32.23 -0.88 -33.25
C ARG D 151 -33.52 -1.47 -33.87
N SER D 152 -33.61 -1.54 -35.20
CA SER D 152 -34.84 -2.04 -35.82
C SER D 152 -35.15 -3.49 -35.47
N MET D 153 -34.14 -4.34 -35.32
CA MET D 153 -34.39 -5.75 -34.92
C MET D 153 -34.84 -5.92 -33.49
N MET D 154 -34.58 -4.90 -32.66
CA MET D 154 -34.81 -4.90 -31.21
C MET D 154 -36.08 -4.19 -30.76
N LYS D 155 -36.67 -3.41 -31.66
CA LYS D 155 -37.94 -2.71 -31.41
C LYS D 155 -38.94 -3.60 -30.70
N ASN D 156 -39.53 -3.09 -29.62
CA ASN D 156 -40.76 -3.63 -29.01
C ASN D 156 -40.82 -5.11 -28.60
N ARG D 157 -39.80 -5.57 -27.90
CA ARG D 157 -39.79 -6.94 -27.43
C ARG D 157 -39.03 -7.02 -26.12
N ASN D 158 -39.15 -5.99 -25.29
CA ASN D 158 -38.33 -5.91 -24.09
C ASN D 158 -36.88 -6.29 -24.37
N ALA D 159 -36.26 -5.58 -25.32
CA ALA D 159 -34.90 -5.89 -25.69
C ALA D 159 -33.88 -5.28 -24.71
N SER D 160 -32.61 -5.68 -24.86
CA SER D 160 -31.57 -5.30 -23.89
C SER D 160 -30.25 -5.02 -24.57
N MET D 161 -29.50 -4.07 -24.01
CA MET D 161 -28.08 -3.94 -24.31
C MET D 161 -27.34 -3.89 -22.99
N VAL D 162 -26.15 -4.49 -22.96
CA VAL D 162 -25.25 -4.45 -21.80
C VAL D 162 -23.84 -4.21 -22.28
N ALA D 163 -23.16 -3.21 -21.70
CA ALA D 163 -21.75 -2.98 -21.98
C ALA D 163 -20.89 -3.32 -20.74
N LEU D 164 -19.68 -3.78 -20.97
CA LEU D 164 -18.72 -3.99 -19.87
C LEU D 164 -17.87 -2.78 -19.63
N THR D 165 -17.77 -2.36 -18.38
CA THR D 165 -17.01 -1.13 -18.08
C THR D 165 -16.11 -1.37 -16.87
N TYR D 166 -15.33 -0.38 -16.48
CA TYR D 166 -14.40 -0.52 -15.35
C TYR D 166 -14.35 0.76 -14.51
N ILE D 167 -14.09 0.62 -13.20
CA ILE D 167 -14.10 1.74 -12.26
C ILE D 167 -13.09 2.88 -12.61
N GLY D 168 -12.04 2.55 -13.36
CA GLY D 168 -11.18 3.58 -13.97
C GLY D 168 -11.96 4.64 -14.73
N ALA D 169 -13.23 4.37 -15.09
CA ALA D 169 -14.12 5.42 -15.66
C ALA D 169 -14.40 6.52 -14.65
N GLU D 170 -14.66 6.11 -13.40
CA GLU D 170 -15.07 7.01 -12.30
C GLU D 170 -13.94 7.67 -11.54
N LYS D 171 -12.80 6.98 -11.44
CA LYS D 171 -11.63 7.43 -10.68
C LYS D 171 -10.32 7.46 -11.50
N ALA D 172 -9.41 8.35 -11.11
CA ALA D 172 -8.09 8.33 -11.72
C ALA D 172 -7.30 7.17 -11.10
N MET D 173 -6.86 6.25 -11.94
CA MET D 173 -6.06 5.12 -11.48
C MET D 173 -4.72 5.08 -12.20
N PRO D 174 -3.69 4.48 -11.57
CA PRO D 174 -2.43 4.32 -12.31
C PRO D 174 -2.66 3.42 -13.52
N SER D 175 -1.91 3.66 -14.60
CA SER D 175 -1.86 2.82 -15.83
C SER D 175 -3.08 2.85 -16.73
N TYR D 176 -4.27 2.84 -16.16
CA TYR D 176 -5.46 2.68 -16.95
C TYR D 176 -5.65 3.84 -17.91
N ASN D 177 -5.19 5.02 -17.50
CA ASN D 177 -4.98 6.19 -18.37
C ASN D 177 -6.10 6.44 -19.39
N THR D 178 -5.72 6.41 -20.67
CA THR D 178 -6.64 6.67 -21.76
C THR D 178 -7.82 5.73 -21.74
N MET D 179 -7.62 4.51 -21.29
CA MET D 179 -8.77 3.60 -21.21
C MET D 179 -9.80 4.08 -20.20
N GLY D 180 -9.33 4.70 -19.11
CA GLY D 180 -10.23 5.21 -18.10
C GLY D 180 -11.12 6.28 -18.70
N VAL D 181 -10.51 7.17 -19.49
CA VAL D 181 -11.25 8.24 -20.17
C VAL D 181 -12.29 7.64 -21.13
N ALA D 182 -11.85 6.68 -21.93
CA ALA D 182 -12.74 6.03 -22.88
C ALA D 182 -13.90 5.32 -22.17
N LYS D 183 -13.62 4.67 -21.05
CA LYS D 183 -14.67 4.03 -20.29
C LYS D 183 -15.67 5.05 -19.78
N ALA D 184 -15.20 6.26 -19.39
CA ALA D 184 -16.11 7.31 -18.97
C ALA D 184 -17.03 7.74 -20.10
N SER D 185 -16.43 7.88 -21.28
CA SER D 185 -17.17 8.12 -22.51
C SER D 185 -18.17 6.96 -22.79
N LEU D 186 -17.74 5.71 -22.59
CA LEU D 186 -18.64 4.55 -22.73
C LEU D 186 -19.86 4.64 -21.82
N GLU D 187 -19.65 4.95 -20.54
CA GLU D 187 -20.77 4.95 -19.58
C GLU D 187 -21.81 6.04 -19.88
N ALA D 188 -21.34 7.20 -20.37
CA ALA D 188 -22.21 8.28 -20.80
C ALA D 188 -22.98 7.83 -22.03
N THR D 189 -22.29 7.16 -22.96
CA THR D 189 -22.92 6.59 -24.15
C THR D 189 -24.07 5.65 -23.76
N VAL D 190 -23.80 4.74 -22.82
CA VAL D 190 -24.85 3.89 -22.24
C VAL D 190 -26.08 4.67 -21.74
N ARG D 191 -25.85 5.80 -21.04
CA ARG D 191 -26.95 6.61 -20.54
C ARG D 191 -27.74 7.27 -21.68
N TYR D 192 -27.03 7.94 -22.60
CA TYR D 192 -27.67 8.55 -23.77
C TYR D 192 -28.35 7.53 -24.71
N THR D 193 -27.77 6.34 -24.80
CA THR D 193 -28.40 5.24 -25.54
C THR D 193 -29.66 4.76 -24.81
N ALA D 194 -29.60 4.72 -23.47
CA ALA D 194 -30.76 4.34 -22.70
C ALA D 194 -31.90 5.32 -22.94
N LEU D 195 -31.57 6.60 -23.01
CA LEU D 195 -32.59 7.62 -23.21
C LEU D 195 -33.17 7.52 -24.61
N ALA D 196 -32.30 7.35 -25.62
CA ALA D 196 -32.70 7.27 -27.02
C ALA D 196 -33.52 6.03 -27.35
N LEU D 197 -33.20 4.91 -26.71
CA LEU D 197 -33.83 3.60 -27.07
C LEU D 197 -35.00 3.17 -26.21
N GLY D 198 -35.18 3.79 -25.03
CA GLY D 198 -36.23 3.36 -24.09
C GLY D 198 -37.66 3.46 -24.62
N GLU D 199 -37.90 4.36 -25.56
CA GLU D 199 -39.23 4.41 -26.16
C GLU D 199 -39.56 3.19 -27.05
N ASP D 200 -38.52 2.48 -27.52
CA ASP D 200 -38.69 1.19 -28.19
C ASP D 200 -38.69 0.02 -27.23
N GLY D 201 -38.77 0.31 -25.93
CA GLY D 201 -38.74 -0.72 -24.91
C GLY D 201 -37.37 -1.37 -24.65
N ILE D 202 -36.30 -0.74 -25.12
CA ILE D 202 -34.98 -1.36 -25.03
C ILE D 202 -34.30 -0.85 -23.79
N LYS D 203 -33.86 -1.76 -22.95
CA LYS D 203 -33.14 -1.33 -21.74
C LYS D 203 -31.64 -1.44 -21.96
N VAL D 204 -30.88 -0.48 -21.43
CA VAL D 204 -29.48 -0.33 -21.78
C VAL D 204 -28.71 -0.10 -20.52
N ASN D 205 -27.74 -0.97 -20.22
CA ASN D 205 -27.06 -0.93 -18.93
C ASN D 205 -25.62 -1.35 -19.06
N ALA D 206 -24.87 -1.21 -17.97
CA ALA D 206 -23.44 -1.55 -17.97
C ALA D 206 -23.11 -2.35 -16.74
N VAL D 207 -22.14 -3.23 -16.87
CA VAL D 207 -21.64 -3.98 -15.73
C VAL D 207 -20.18 -3.60 -15.49
N SER D 208 -19.88 -3.12 -14.30
CA SER D 208 -18.56 -2.62 -14.00
C SER D 208 -17.80 -3.76 -13.29
N ALA D 209 -16.97 -4.48 -14.04
CA ALA D 209 -16.29 -5.63 -13.46
C ALA D 209 -15.06 -5.24 -12.69
N GLY D 210 -14.81 -5.92 -11.59
CA GLY D 210 -13.48 -5.87 -10.99
C GLY D 210 -12.48 -6.51 -11.95
N PRO D 211 -11.17 -6.26 -11.72
CA PRO D 211 -10.13 -6.88 -12.56
C PRO D 211 -10.18 -8.40 -12.59
N ILE D 212 -10.00 -8.97 -13.78
CA ILE D 212 -9.99 -10.41 -14.03
C ILE D 212 -8.86 -10.65 -15.02
N LYS D 213 -8.12 -11.75 -14.81
CA LYS D 213 -6.95 -12.06 -15.64
C LYS D 213 -7.40 -12.64 -16.98
N THR D 214 -7.65 -11.76 -17.94
CA THR D 214 -8.08 -12.18 -19.27
C THR D 214 -6.96 -11.75 -20.23
N LEU D 215 -7.16 -11.94 -21.53
CA LEU D 215 -6.21 -11.46 -22.52
C LEU D 215 -5.96 -9.93 -22.47
N ALA D 216 -6.97 -9.19 -22.00
CA ALA D 216 -6.83 -7.74 -21.79
C ALA D 216 -5.73 -7.41 -20.78
N ALA D 217 -5.48 -8.33 -19.86
CA ALA D 217 -4.47 -8.18 -18.83
C ALA D 217 -3.07 -8.46 -19.34
N SER D 218 -2.95 -9.07 -20.50
CA SER D 218 -1.64 -9.59 -20.95
C SER D 218 -0.56 -8.52 -21.21
N GLY D 219 -0.96 -7.31 -21.64
CA GLY D 219 0.01 -6.22 -21.77
C GLY D 219 0.47 -5.64 -20.43
N ILE D 220 -0.35 -5.85 -19.40
CA ILE D 220 -0.33 -5.04 -18.19
C ILE D 220 0.61 -5.63 -17.15
N SER D 221 1.77 -5.01 -16.99
CA SER D 221 2.71 -5.46 -15.95
C SER D 221 2.13 -5.32 -14.53
N ASN D 222 2.38 -6.35 -13.73
CA ASN D 222 1.94 -6.38 -12.34
C ASN D 222 0.43 -6.41 -12.13
N PHE D 223 -0.29 -6.98 -13.08
CA PHE D 223 -1.74 -7.12 -13.02
C PHE D 223 -2.10 -7.94 -11.77
N LYS D 224 -1.33 -9.00 -11.55
CA LYS D 224 -1.48 -9.82 -10.35
C LYS D 224 -1.44 -8.98 -9.08
N LYS D 225 -0.59 -7.97 -9.04
CA LYS D 225 -0.61 -7.06 -7.88
C LYS D 225 -1.93 -6.30 -7.75
N MET D 226 -2.44 -5.74 -8.86
CA MET D 226 -3.75 -5.03 -8.85
C MET D 226 -4.84 -5.98 -8.33
N LEU D 227 -4.72 -7.25 -8.74
CA LEU D 227 -5.67 -8.28 -8.39
C LEU D 227 -5.64 -8.58 -6.89
N ASP D 228 -4.44 -8.82 -6.33
CA ASP D 228 -4.27 -9.04 -4.90
C ASP D 228 -4.70 -7.84 -4.05
N TYR D 229 -4.40 -6.64 -4.52
CA TYR D 229 -4.87 -5.44 -3.86
C TYR D 229 -6.42 -5.42 -3.78
N ASN D 230 -7.08 -5.71 -4.90
CA ASN D 230 -8.54 -5.77 -4.90
C ASN D 230 -9.04 -6.76 -3.85
N ALA D 231 -8.38 -7.93 -3.75
CA ALA D 231 -8.90 -8.94 -2.84
C ALA D 231 -8.67 -8.49 -1.39
N MET D 232 -7.62 -7.70 -1.17
CA MET D 232 -7.24 -7.26 0.18
C MET D 232 -8.25 -6.24 0.71
N VAL D 233 -8.62 -5.34 -0.18
CA VAL D 233 -9.33 -4.15 0.18
C VAL D 233 -10.87 -4.31 0.06
N SER D 234 -11.35 -5.14 -0.86
CA SER D 234 -12.78 -5.36 -1.04
C SER D 234 -13.47 -5.94 0.21
N PRO D 235 -14.74 -5.55 0.45
CA PRO D 235 -15.51 -6.10 1.53
C PRO D 235 -15.57 -7.64 1.49
N LEU D 236 -15.71 -8.24 0.32
CA LEU D 236 -15.81 -9.70 0.24
C LEU D 236 -14.47 -10.49 0.24
N LYS D 237 -13.34 -9.80 0.22
CA LYS D 237 -12.04 -10.49 0.37
C LYS D 237 -11.80 -11.55 -0.70
N LYS D 238 -12.09 -11.20 -1.95
CA LYS D 238 -11.91 -12.14 -3.07
C LYS D 238 -11.93 -11.33 -4.35
N ASN D 239 -11.54 -12.00 -5.43
CA ASN D 239 -11.59 -11.48 -6.79
C ASN D 239 -12.84 -12.04 -7.47
N VAL D 240 -13.50 -11.24 -8.29
CA VAL D 240 -14.65 -11.75 -9.04
C VAL D 240 -14.16 -12.64 -10.16
N ASP D 241 -15.03 -13.53 -10.64
CA ASP D 241 -14.70 -14.35 -11.82
C ASP D 241 -15.74 -14.13 -12.96
N ILE D 242 -15.46 -14.76 -14.10
CA ILE D 242 -16.27 -14.51 -15.29
C ILE D 242 -17.71 -14.94 -15.15
N MET D 243 -17.99 -15.92 -14.28
CA MET D 243 -19.33 -16.38 -14.00
C MET D 243 -20.14 -15.38 -13.16
N GLU D 244 -19.49 -14.74 -12.18
CA GLU D 244 -20.15 -13.66 -11.46
C GLU D 244 -20.55 -12.52 -12.37
N VAL D 245 -19.67 -12.17 -13.31
CA VAL D 245 -19.96 -11.14 -14.27
C VAL D 245 -21.03 -11.64 -15.25
N GLY D 246 -20.79 -12.82 -15.83
CA GLY D 246 -21.73 -13.47 -16.75
C GLY D 246 -23.16 -13.58 -16.26
N ASN D 247 -23.31 -14.10 -15.04
CA ASN D 247 -24.62 -14.17 -14.44
C ASN D 247 -25.34 -12.82 -14.34
N THR D 248 -24.57 -11.77 -14.09
CA THR D 248 -25.16 -10.45 -13.93
C THR D 248 -25.63 -9.90 -15.27
N VAL D 249 -24.75 -10.01 -16.28
CA VAL D 249 -25.08 -9.64 -17.62
C VAL D 249 -26.33 -10.40 -18.09
N ALA D 250 -26.35 -11.72 -17.85
CA ALA D 250 -27.50 -12.52 -18.17
C ALA D 250 -28.76 -11.94 -17.54
N PHE D 251 -28.72 -11.68 -16.22
CA PHE D 251 -29.86 -11.12 -15.52
C PHE D 251 -30.36 -9.83 -16.20
N LEU D 252 -29.43 -8.94 -16.51
CA LEU D 252 -29.75 -7.68 -17.17
C LEU D 252 -30.33 -7.81 -18.59
N CYS D 253 -30.28 -9.01 -19.16
CA CYS D 253 -30.98 -9.29 -20.40
C CYS D 253 -32.30 -10.06 -20.22
N SER D 254 -32.80 -10.16 -18.99
CA SER D 254 -34.01 -10.95 -18.73
C SER D 254 -35.21 -10.06 -18.46
N ASP D 255 -36.41 -10.65 -18.52
CA ASP D 255 -37.66 -9.93 -18.24
C ASP D 255 -37.77 -9.51 -16.76
N MET D 256 -36.88 -10.05 -15.93
CA MET D 256 -36.84 -9.74 -14.51
C MET D 256 -36.24 -8.36 -14.31
N ALA D 257 -35.43 -7.93 -15.26
CA ALA D 257 -34.76 -6.64 -15.18
C ALA D 257 -35.41 -5.50 -15.96
N THR D 258 -36.66 -5.64 -16.39
CA THR D 258 -37.31 -4.62 -17.20
C THR D 258 -37.49 -3.25 -16.57
N GLY D 259 -37.22 -3.10 -15.28
CA GLY D 259 -37.30 -1.79 -14.63
C GLY D 259 -35.93 -1.11 -14.50
N ILE D 260 -34.90 -1.75 -15.01
CA ILE D 260 -33.53 -1.23 -14.89
C ILE D 260 -32.96 -0.77 -16.23
N THR D 261 -32.54 0.49 -16.32
CA THR D 261 -31.90 1.01 -17.55
C THR D 261 -31.06 2.22 -17.20
N GLY D 262 -30.10 2.50 -18.03
CA GLY D 262 -29.15 3.56 -17.73
C GLY D 262 -28.31 3.29 -16.48
N GLU D 263 -28.24 2.03 -16.04
CA GLU D 263 -27.57 1.73 -14.77
C GLU D 263 -26.17 1.11 -14.94
N VAL D 264 -25.29 1.34 -13.97
CA VAL D 264 -23.97 0.65 -13.87
C VAL D 264 -23.99 -0.22 -12.62
N VAL D 265 -23.92 -1.54 -12.79
CA VAL D 265 -23.93 -2.48 -11.68
C VAL D 265 -22.49 -2.96 -11.44
N HIS D 266 -21.93 -2.69 -10.28
CA HIS D 266 -20.55 -3.09 -10.01
C HIS D 266 -20.50 -4.53 -9.63
N VAL D 267 -19.75 -5.32 -10.38
CA VAL D 267 -19.58 -6.71 -10.00
C VAL D 267 -18.08 -6.82 -9.66
N ASP D 268 -17.72 -6.44 -8.43
CA ASP D 268 -16.31 -6.22 -8.10
C ASP D 268 -15.98 -6.58 -6.67
N ALA D 269 -16.80 -7.42 -6.06
CA ALA D 269 -16.63 -7.87 -4.68
C ALA D 269 -16.73 -6.67 -3.70
N GLY D 270 -17.48 -5.64 -4.12
CA GLY D 270 -17.62 -4.41 -3.33
C GLY D 270 -16.47 -3.39 -3.34
N TYR D 271 -15.41 -3.62 -4.12
CA TYR D 271 -14.32 -2.64 -4.25
C TYR D 271 -14.81 -1.20 -4.33
N HIS D 272 -15.88 -1.00 -5.11
CA HIS D 272 -16.34 0.36 -5.43
C HIS D 272 -16.77 1.19 -4.24
N CYS D 273 -17.27 0.56 -3.17
CA CYS D 273 -17.90 1.27 -2.02
C CYS D 273 -16.97 1.55 -0.83
N VAL D 274 -15.70 1.12 -0.93
CA VAL D 274 -14.76 1.34 0.15
C VAL D 274 -13.71 2.43 -0.12
N SER D 275 -13.24 3.04 0.93
CA SER D 275 -12.11 3.92 0.80
C SER D 275 -11.15 3.65 1.92
N MET D 276 -9.87 3.91 1.68
N MET D 276 -9.87 3.90 1.72
CA MET D 276 -8.84 3.64 2.68
CA MET D 276 -8.87 3.66 2.78
C MET D 276 -9.04 2.28 3.35
C MET D 276 -9.02 2.26 3.37
N GLY D 277 -9.31 1.27 2.53
CA GLY D 277 -9.48 -0.10 3.01
C GLY D 277 -8.20 -0.87 3.35
N ASN D 278 -7.05 -0.21 3.23
CA ASN D 278 -5.78 -0.91 3.39
C ASN D 278 -5.00 -0.41 4.61
N VAL D 279 -5.58 0.54 5.34
CA VAL D 279 -4.93 1.03 6.56
C VAL D 279 -5.34 0.17 7.78
N LEU D 280 -4.33 -0.38 8.46
CA LEU D 280 -4.44 -1.14 9.71
C LEU D 280 -5.08 -0.33 10.87
N GLY E 22 9.49 -42.28 -2.42
CA GLY E 22 10.43 -41.11 -2.35
C GLY E 22 9.73 -39.75 -2.47
N PHE E 23 10.25 -38.70 -1.83
CA PHE E 23 9.57 -37.41 -1.82
C PHE E 23 9.81 -36.58 -3.07
N LEU E 24 10.56 -37.14 -4.01
CA LEU E 24 10.71 -36.53 -5.35
C LEU E 24 10.18 -37.43 -6.46
N ALA E 25 9.37 -38.43 -6.11
CA ALA E 25 8.88 -39.44 -7.06
C ALA E 25 8.21 -38.77 -8.25
N GLY E 26 8.70 -39.07 -9.44
CA GLY E 26 8.11 -38.51 -10.66
C GLY E 26 8.69 -37.19 -11.13
N LYS E 27 9.30 -36.43 -10.23
CA LYS E 27 9.83 -35.12 -10.61
C LYS E 27 11.00 -35.20 -11.59
N LYS E 28 10.99 -34.30 -12.57
CA LYS E 28 12.02 -34.26 -13.61
C LYS E 28 13.01 -33.12 -13.35
N ILE E 29 14.25 -33.52 -13.06
CA ILE E 29 15.21 -32.58 -12.52
C ILE E 29 16.49 -32.58 -13.35
N LEU E 30 16.93 -31.39 -13.73
CA LEU E 30 18.18 -31.18 -14.42
C LEU E 30 19.26 -30.84 -13.40
N ILE E 31 20.37 -31.59 -13.46
CA ILE E 31 21.54 -31.35 -12.61
C ILE E 31 22.77 -30.96 -13.45
N THR E 32 23.27 -29.76 -13.18
CA THR E 32 24.50 -29.32 -13.79
C THR E 32 25.67 -29.59 -12.82
N GLY E 33 26.88 -29.48 -13.33
CA GLY E 33 28.06 -29.48 -12.49
C GLY E 33 28.60 -30.82 -12.02
N LEU E 34 28.07 -31.93 -12.53
CA LEU E 34 28.58 -33.24 -12.12
C LEU E 34 29.89 -33.54 -12.83
N LEU E 35 30.99 -33.62 -12.08
CA LEU E 35 32.28 -33.76 -12.73
C LEU E 35 33.14 -34.93 -12.19
N SER E 36 33.05 -35.21 -10.91
CA SER E 36 33.63 -36.44 -10.37
C SER E 36 32.69 -36.97 -9.31
N ASN E 37 33.01 -38.13 -8.74
CA ASN E 37 32.21 -38.67 -7.65
C ASN E 37 32.45 -37.94 -6.34
N LYS E 38 33.29 -36.90 -6.39
CA LYS E 38 33.46 -35.99 -5.26
C LYS E 38 32.55 -34.76 -5.38
N SER E 39 32.08 -34.49 -6.58
CA SER E 39 31.30 -33.29 -6.85
C SER E 39 30.12 -33.19 -5.92
N ILE E 40 29.84 -31.99 -5.44
CA ILE E 40 28.58 -31.74 -4.74
C ILE E 40 27.39 -32.26 -5.55
N ALA E 41 27.47 -32.14 -6.87
CA ALA E 41 26.37 -32.56 -7.75
C ALA E 41 26.23 -34.09 -7.75
N TYR E 42 27.31 -34.81 -7.42
CA TYR E 42 27.25 -36.25 -7.29
C TYR E 42 26.35 -36.61 -6.07
N GLY E 43 26.60 -35.93 -4.95
CA GLY E 43 25.77 -36.09 -3.75
C GLY E 43 24.32 -35.64 -4.01
N ILE E 44 24.13 -34.59 -4.79
CA ILE E 44 22.75 -34.14 -5.10
C ILE E 44 22.02 -35.24 -5.88
N ALA E 45 22.74 -35.80 -6.86
CA ALA E 45 22.22 -36.85 -7.68
C ALA E 45 21.85 -38.11 -6.87
N LYS E 46 22.77 -38.59 -6.04
CA LYS E 46 22.48 -39.73 -5.17
C LYS E 46 21.22 -39.49 -4.36
N ALA E 47 21.14 -38.36 -3.69
CA ALA E 47 19.96 -38.01 -2.89
C ALA E 47 18.66 -38.00 -3.72
N MET E 48 18.70 -37.34 -4.87
CA MET E 48 17.51 -37.26 -5.73
C MET E 48 17.07 -38.59 -6.35
N HIS E 49 18.05 -39.41 -6.74
CA HIS E 49 17.76 -40.74 -7.27
C HIS E 49 17.15 -41.61 -6.18
N ARG E 50 17.72 -41.56 -4.97
CA ARG E 50 17.14 -42.26 -3.82
C ARG E 50 15.68 -41.86 -3.62
N GLU E 51 15.36 -40.61 -3.85
CA GLU E 51 14.01 -40.10 -3.59
C GLU E 51 13.09 -40.18 -4.81
N GLY E 52 13.52 -40.89 -5.84
CA GLY E 52 12.66 -41.21 -6.99
C GLY E 52 12.56 -40.19 -8.10
N ALA E 53 13.47 -39.21 -8.10
CA ALA E 53 13.56 -38.24 -9.20
C ALA E 53 14.01 -38.88 -10.52
N GLU E 54 13.50 -38.34 -11.61
CA GLU E 54 14.07 -38.62 -12.92
C GLU E 54 15.05 -37.52 -13.26
N LEU E 55 16.27 -37.94 -13.63
CA LEU E 55 17.39 -37.02 -13.73
C LEU E 55 17.93 -36.85 -15.14
N ALA E 56 18.40 -35.62 -15.42
CA ALA E 56 19.16 -35.30 -16.63
C ALA E 56 20.43 -34.61 -16.19
N PHE E 57 21.49 -34.75 -16.99
CA PHE E 57 22.76 -34.13 -16.63
C PHE E 57 23.38 -33.35 -17.75
N THR E 58 24.11 -32.30 -17.38
CA THR E 58 24.89 -31.56 -18.35
C THR E 58 26.39 -31.71 -18.11
N TYR E 59 27.17 -31.39 -19.14
CA TYR E 59 28.64 -31.45 -19.07
C TYR E 59 29.24 -30.37 -19.98
N VAL E 60 30.48 -29.97 -19.69
CA VAL E 60 31.19 -29.06 -20.57
C VAL E 60 32.06 -29.88 -21.53
N GLY E 61 32.09 -29.41 -22.78
CA GLY E 61 32.61 -30.13 -23.96
C GLY E 61 33.46 -31.37 -23.76
N GLN E 62 34.66 -31.15 -23.23
CA GLN E 62 35.68 -32.21 -23.16
C GLN E 62 35.24 -33.45 -22.36
N PHE E 63 34.34 -33.27 -21.40
CA PHE E 63 34.10 -34.28 -20.35
C PHE E 63 32.92 -35.22 -20.58
N LYS E 64 32.38 -35.19 -21.80
CA LYS E 64 31.27 -36.07 -22.23
C LYS E 64 31.35 -37.52 -21.73
N ASP E 65 32.45 -38.21 -22.01
CA ASP E 65 32.60 -39.62 -21.63
C ASP E 65 32.69 -39.83 -20.12
N ARG E 66 33.51 -39.00 -19.46
CA ARG E 66 33.65 -38.96 -17.99
C ARG E 66 32.25 -38.89 -17.35
N VAL E 67 31.47 -37.90 -17.78
CA VAL E 67 30.18 -37.61 -17.15
C VAL E 67 29.16 -38.72 -17.44
N GLU E 68 29.17 -39.23 -18.65
CA GLU E 68 28.25 -40.32 -19.02
C GLU E 68 28.48 -41.55 -18.16
N LYS E 69 29.75 -41.89 -17.91
CA LYS E 69 30.10 -42.99 -17.00
C LYS E 69 29.61 -42.72 -15.57
N LEU E 70 29.91 -41.52 -15.08
CA LEU E 70 29.51 -41.15 -13.73
C LEU E 70 28.03 -41.25 -13.51
N CYS E 71 27.22 -40.70 -14.38
CA CYS E 71 25.83 -40.65 -13.98
C CYS E 71 24.98 -41.80 -14.54
N ALA E 72 25.64 -42.80 -15.15
CA ALA E 72 24.97 -43.99 -15.66
C ALA E 72 24.17 -44.71 -14.58
N GLU E 73 24.75 -44.81 -13.39
CA GLU E 73 24.07 -45.40 -12.23
C GLU E 73 22.74 -44.69 -11.88
N PHE E 74 22.52 -43.48 -12.40
CA PHE E 74 21.28 -42.75 -12.08
C PHE E 74 20.20 -42.85 -13.17
N ASN E 75 20.42 -43.69 -14.18
CA ASN E 75 19.43 -43.89 -15.26
C ASN E 75 18.97 -42.56 -15.84
N PRO E 76 19.93 -41.72 -16.28
CA PRO E 76 19.57 -40.39 -16.74
C PRO E 76 18.68 -40.43 -17.98
N ALA E 77 17.68 -39.57 -18.07
CA ALA E 77 16.88 -39.45 -19.29
C ALA E 77 17.67 -38.75 -20.42
N ALA E 78 18.71 -38.02 -20.05
CA ALA E 78 19.53 -37.29 -21.02
C ALA E 78 20.84 -36.88 -20.37
N VAL E 79 21.88 -36.87 -21.17
CA VAL E 79 23.17 -36.35 -20.77
C VAL E 79 23.60 -35.43 -21.89
N LEU E 80 23.63 -34.13 -21.62
CA LEU E 80 23.63 -33.13 -22.69
C LEU E 80 24.74 -32.09 -22.48
N PRO E 81 25.35 -31.60 -23.58
CA PRO E 81 26.39 -30.58 -23.43
C PRO E 81 25.80 -29.23 -23.03
N CYS E 82 26.44 -28.57 -22.06
CA CYS E 82 26.12 -27.20 -21.74
C CYS E 82 27.25 -26.43 -21.09
N ASP E 83 27.93 -25.62 -21.91
CA ASP E 83 28.93 -24.67 -21.43
C ASP E 83 28.23 -23.34 -21.27
N VAL E 84 28.09 -22.91 -20.03
CA VAL E 84 27.25 -21.76 -19.71
C VAL E 84 27.87 -20.42 -20.17
N ILE E 85 29.02 -20.48 -20.80
CA ILE E 85 29.57 -19.33 -21.51
C ILE E 85 28.70 -18.96 -22.71
N SER E 86 27.95 -19.95 -23.21
CA SER E 86 27.29 -19.88 -24.47
C SER E 86 25.77 -19.76 -24.35
N ASP E 87 25.23 -18.64 -24.76
CA ASP E 87 23.75 -18.51 -24.85
C ASP E 87 23.11 -19.58 -25.72
N GLN E 88 23.75 -19.91 -26.85
CA GLN E 88 23.23 -20.90 -27.78
C GLN E 88 23.16 -22.30 -27.15
N GLU E 89 24.26 -22.78 -26.58
CA GLU E 89 24.24 -24.07 -25.89
C GLU E 89 23.14 -24.12 -24.83
N ILE E 90 22.95 -23.04 -24.09
CA ILE E 90 21.94 -23.02 -23.03
C ILE E 90 20.56 -23.15 -23.66
N LYS E 91 20.34 -22.45 -24.76
CA LYS E 91 19.07 -22.49 -25.48
C LYS E 91 18.83 -23.91 -26.04
N ASP E 92 19.87 -24.51 -26.60
CA ASP E 92 19.79 -25.84 -27.18
C ASP E 92 19.58 -26.92 -26.15
N LEU E 93 20.08 -26.69 -24.93
CA LEU E 93 19.87 -27.61 -23.83
C LEU E 93 18.37 -27.81 -23.57
N PHE E 94 17.62 -26.73 -23.53
CA PHE E 94 16.20 -26.85 -23.30
C PHE E 94 15.38 -27.30 -24.51
N VAL E 95 15.88 -27.06 -25.72
CA VAL E 95 15.28 -27.66 -26.91
C VAL E 95 15.40 -29.20 -26.86
N GLU E 96 16.61 -29.71 -26.56
CA GLU E 96 16.84 -31.16 -26.51
C GLU E 96 16.11 -31.83 -25.35
N LEU E 97 16.10 -31.15 -24.22
CA LEU E 97 15.44 -31.65 -23.03
C LEU E 97 13.93 -31.68 -23.25
N GLY E 98 13.40 -30.68 -23.94
CA GLY E 98 11.97 -30.62 -24.26
C GLY E 98 11.51 -31.72 -25.19
N LYS E 99 12.45 -32.41 -25.83
CA LYS E 99 12.15 -33.55 -26.67
C LYS E 99 11.92 -34.82 -25.86
N VAL E 100 12.55 -34.94 -24.69
CA VAL E 100 12.30 -36.10 -23.83
C VAL E 100 11.28 -35.84 -22.71
N TRP E 101 11.13 -34.59 -22.27
CA TRP E 101 10.21 -34.28 -21.16
C TRP E 101 9.23 -33.23 -21.57
N ASP E 102 7.98 -33.31 -21.08
CA ASP E 102 6.99 -32.29 -21.44
C ASP E 102 7.20 -31.03 -20.63
N GLY E 103 7.28 -31.20 -19.31
CA GLY E 103 7.69 -30.12 -18.41
C GLY E 103 8.96 -30.47 -17.63
N LEU E 104 9.42 -29.49 -16.86
CA LEU E 104 10.61 -29.61 -16.04
C LEU E 104 10.26 -29.25 -14.61
N ASP E 105 10.65 -30.10 -13.67
CA ASP E 105 10.39 -29.77 -12.27
C ASP E 105 11.46 -28.93 -11.55
N ALA E 106 12.72 -29.16 -11.88
CA ALA E 106 13.78 -28.44 -11.17
C ALA E 106 15.07 -28.28 -12.00
N ILE E 107 15.77 -27.17 -11.73
CA ILE E 107 17.13 -26.98 -12.19
C ILE E 107 18.05 -26.83 -10.99
N VAL E 108 19.08 -27.67 -10.92
CA VAL E 108 20.13 -27.56 -9.91
C VAL E 108 21.37 -26.94 -10.56
N HIS E 109 21.74 -25.75 -10.10
CA HIS E 109 22.91 -25.02 -10.55
C HIS E 109 24.05 -25.32 -9.60
N SER E 110 25.08 -26.03 -10.07
CA SER E 110 26.21 -26.40 -9.21
C SER E 110 27.49 -26.17 -10.00
N ILE E 111 27.64 -24.92 -10.45
CA ILE E 111 28.69 -24.50 -11.37
C ILE E 111 29.37 -23.24 -10.88
N ALA E 112 30.70 -23.25 -10.81
CA ALA E 112 31.46 -22.02 -10.58
C ALA E 112 32.78 -22.02 -11.36
N PHE E 113 33.29 -20.83 -11.67
CA PHE E 113 34.61 -20.68 -12.25
C PHE E 113 35.12 -19.26 -12.12
N ALA E 114 36.39 -19.16 -11.73
CA ALA E 114 37.16 -17.95 -11.87
C ALA E 114 38.55 -18.41 -12.30
N PRO E 115 39.23 -17.61 -13.13
CA PRO E 115 40.61 -17.96 -13.49
C PRO E 115 41.47 -18.12 -12.25
N ARG E 116 42.38 -19.08 -12.33
CA ARG E 116 43.33 -19.42 -11.26
C ARG E 116 43.95 -18.21 -10.54
N ASP E 117 44.40 -17.21 -11.31
CA ASP E 117 45.03 -16.02 -10.74
C ASP E 117 44.09 -15.14 -9.85
N GLN E 118 42.79 -15.33 -9.99
CA GLN E 118 41.79 -14.59 -9.20
C GLN E 118 41.62 -15.15 -7.79
N LEU E 119 42.37 -16.19 -7.45
CA LEU E 119 42.06 -16.97 -6.26
C LEU E 119 43.13 -17.18 -5.23
N GLU E 120 44.29 -16.57 -5.36
CA GLU E 120 45.14 -16.58 -4.16
C GLU E 120 45.83 -15.24 -3.96
N GLY E 121 46.31 -15.00 -2.75
CA GLY E 121 46.96 -13.74 -2.42
C GLY E 121 46.00 -12.59 -2.12
N ASN E 122 46.52 -11.38 -2.17
CA ASN E 122 45.78 -10.18 -1.88
C ASN E 122 44.68 -9.91 -2.94
N PHE E 123 43.45 -9.69 -2.49
CA PHE E 123 42.34 -9.45 -3.45
C PHE E 123 42.63 -8.33 -4.44
N ILE E 124 43.11 -7.19 -3.93
CA ILE E 124 43.37 -6.01 -4.78
C ILE E 124 44.56 -6.19 -5.73
N ASP E 125 45.65 -6.81 -5.26
CA ASP E 125 46.76 -7.20 -6.15
C ASP E 125 46.33 -8.12 -7.29
N CYS E 126 45.44 -9.06 -6.99
CA CYS E 126 45.13 -10.14 -7.93
C CYS E 126 43.92 -9.89 -8.86
N VAL E 127 42.93 -9.13 -8.38
CA VAL E 127 41.73 -8.89 -9.17
C VAL E 127 42.03 -8.24 -10.51
N THR E 128 41.45 -8.75 -11.59
CA THR E 128 41.59 -8.10 -12.90
C THR E 128 40.20 -7.85 -13.51
N ARG E 129 40.08 -6.89 -14.41
CA ARG E 129 38.80 -6.61 -15.06
C ARG E 129 38.21 -7.89 -15.69
N GLU E 130 39.05 -8.63 -16.42
CA GLU E 130 38.62 -9.79 -17.16
C GLU E 130 38.28 -10.97 -16.25
N GLY E 131 39.16 -11.26 -15.28
CA GLY E 131 38.91 -12.30 -14.29
C GLY E 131 37.62 -12.07 -13.50
N PHE E 132 37.38 -10.82 -13.12
CA PHE E 132 36.12 -10.39 -12.48
C PHE E 132 34.91 -10.69 -13.37
N SER E 133 35.05 -10.35 -14.64
CA SER E 133 33.97 -10.52 -15.60
C SER E 133 33.62 -11.99 -15.84
N ILE E 134 34.66 -12.81 -15.97
CA ILE E 134 34.52 -14.21 -16.26
C ILE E 134 33.88 -14.89 -15.06
N ALA E 135 34.42 -14.61 -13.87
CA ALA E 135 33.87 -15.22 -12.64
C ALA E 135 32.39 -14.97 -12.52
N HIS E 136 31.96 -13.73 -12.73
CA HIS E 136 30.54 -13.37 -12.64
C HIS E 136 29.75 -14.01 -13.72
N ASP E 137 30.30 -14.05 -14.93
CA ASP E 137 29.60 -14.59 -16.10
C ASP E 137 29.16 -16.06 -15.87
N ILE E 138 30.12 -16.86 -15.40
CA ILE E 138 29.97 -18.29 -15.28
C ILE E 138 29.34 -18.67 -13.93
N SER E 139 29.66 -17.87 -12.90
CA SER E 139 29.29 -18.21 -11.54
C SER E 139 27.96 -17.63 -11.13
N ALA E 140 27.55 -16.54 -11.75
CA ALA E 140 26.36 -15.85 -11.33
C ALA E 140 25.35 -15.66 -12.47
N TYR E 141 25.76 -15.00 -13.56
CA TYR E 141 24.86 -14.77 -14.66
C TYR E 141 24.22 -16.08 -15.18
N SER E 142 25.01 -17.15 -15.21
CA SER E 142 24.57 -18.45 -15.73
C SER E 142 23.32 -18.97 -15.04
N PHE E 143 23.14 -18.64 -13.77
CA PHE E 143 21.93 -19.00 -13.06
C PHE E 143 20.66 -18.34 -13.69
N ALA E 144 20.76 -17.07 -14.05
CA ALA E 144 19.63 -16.35 -14.60
C ALA E 144 19.41 -16.83 -16.03
N ALA E 145 20.50 -17.24 -16.68
CA ALA E 145 20.41 -17.72 -18.06
C ALA E 145 19.63 -19.03 -18.11
N LEU E 146 19.97 -19.96 -17.22
CA LEU E 146 19.19 -21.22 -17.07
C LEU E 146 17.74 -20.92 -16.71
N ALA E 147 17.52 -19.97 -15.84
CA ALA E 147 16.18 -19.59 -15.45
C ALA E 147 15.41 -19.06 -16.67
N LYS E 148 16.09 -18.23 -17.46
CA LYS E 148 15.52 -17.58 -18.63
C LYS E 148 15.06 -18.61 -19.66
N GLU E 149 15.91 -19.59 -19.95
CA GLU E 149 15.62 -20.60 -20.96
C GLU E 149 14.76 -21.78 -20.43
N GLY E 150 14.84 -22.05 -19.13
CA GLY E 150 14.07 -23.12 -18.51
C GLY E 150 12.65 -22.73 -18.09
N ARG E 151 12.41 -21.43 -18.02
CA ARG E 151 11.16 -20.91 -17.50
C ARG E 151 9.87 -21.53 -18.08
N SER E 152 9.75 -21.62 -19.41
CA SER E 152 8.49 -22.12 -19.98
C SER E 152 8.24 -23.60 -19.67
N MET E 153 9.29 -24.41 -19.56
CA MET E 153 9.09 -25.82 -19.15
C MET E 153 8.72 -26.00 -17.67
N MET E 154 8.96 -24.98 -16.86
CA MET E 154 8.80 -25.01 -15.40
C MET E 154 7.53 -24.34 -14.92
N LYS E 155 6.89 -23.57 -15.80
CA LYS E 155 5.61 -22.91 -15.51
C LYS E 155 4.65 -23.81 -14.76
N ASN E 156 4.10 -23.33 -13.65
CA ASN E 156 2.91 -23.92 -12.99
C ASN E 156 2.91 -25.41 -12.61
N ARG E 157 3.96 -25.86 -11.94
CA ARG E 157 4.03 -27.24 -11.48
C ARG E 157 4.81 -27.32 -10.19
N ASN E 158 4.70 -26.29 -9.35
CA ASN E 158 5.55 -26.20 -8.17
C ASN E 158 7.00 -26.54 -8.50
N ALA E 159 7.55 -25.82 -9.49
CA ALA E 159 8.91 -26.06 -9.91
C ALA E 159 9.91 -25.44 -8.93
N SER E 160 11.20 -25.76 -9.12
CA SER E 160 12.28 -25.35 -8.18
C SER E 160 13.58 -25.01 -8.90
N MET E 161 14.29 -24.00 -8.40
CA MET E 161 15.69 -23.87 -8.71
C MET E 161 16.49 -23.85 -7.43
N VAL E 162 17.73 -24.38 -7.49
CA VAL E 162 18.64 -24.34 -6.36
C VAL E 162 20.06 -24.04 -6.87
N ALA E 163 20.70 -23.03 -6.29
CA ALA E 163 22.10 -22.74 -6.58
C ALA E 163 23.00 -23.13 -5.40
N LEU E 164 24.22 -23.50 -5.69
CA LEU E 164 25.22 -23.70 -4.64
C LEU E 164 26.08 -22.46 -4.41
N THR E 165 26.16 -22.03 -3.15
CA THR E 165 26.91 -20.82 -2.81
C THR E 165 27.85 -21.08 -1.61
N TYR E 166 28.58 -20.04 -1.22
CA TYR E 166 29.55 -20.18 -0.14
C TYR E 166 29.55 -18.90 0.68
N ILE E 167 29.88 -19.04 1.97
CA ILE E 167 29.88 -17.93 2.93
C ILE E 167 30.84 -16.78 2.55
N GLY E 168 31.80 -17.04 1.66
CA GLY E 168 32.63 -15.97 1.08
C GLY E 168 31.79 -14.90 0.40
N ALA E 169 30.54 -15.22 0.05
CA ALA E 169 29.59 -14.19 -0.47
C ALA E 169 29.27 -13.10 0.56
N GLU E 170 29.10 -13.52 1.81
CA GLU E 170 28.73 -12.65 2.93
C GLU E 170 29.90 -11.97 3.65
N LYS E 171 31.06 -12.63 3.73
CA LYS E 171 32.23 -12.12 4.44
C LYS E 171 33.48 -12.05 3.53
N ALA E 172 34.38 -11.11 3.83
CA ALA E 172 35.68 -11.14 3.21
C ALA E 172 36.49 -12.28 3.85
N MET E 173 36.97 -13.18 3.01
CA MET E 173 37.84 -14.29 3.45
C MET E 173 39.18 -14.23 2.70
N PRO E 174 40.24 -14.82 3.28
CA PRO E 174 41.49 -14.88 2.50
C PRO E 174 41.27 -15.78 1.28
N SER E 175 41.94 -15.47 0.17
CA SER E 175 42.01 -16.32 -1.03
C SER E 175 40.75 -16.35 -1.89
N TYR E 176 39.59 -16.48 -1.28
CA TYR E 176 38.38 -16.66 -2.04
C TYR E 176 38.09 -15.50 -2.97
N ASN E 177 38.48 -14.30 -2.58
CA ASN E 177 38.64 -13.14 -3.46
C ASN E 177 37.50 -12.92 -4.47
N THR E 178 37.83 -12.96 -5.76
CA THR E 178 36.90 -12.66 -6.80
C THR E 178 35.74 -13.63 -6.73
N MET E 179 35.98 -14.88 -6.31
CA MET E 179 34.90 -15.83 -6.19
C MET E 179 33.88 -15.42 -5.14
N GLY E 180 34.36 -14.77 -4.08
CA GLY E 180 33.47 -14.27 -3.05
C GLY E 180 32.52 -13.22 -3.63
N VAL E 181 33.08 -12.32 -4.44
CA VAL E 181 32.28 -11.25 -5.04
C VAL E 181 31.25 -11.88 -5.98
N ALA E 182 31.71 -12.82 -6.82
CA ALA E 182 30.79 -13.52 -7.72
C ALA E 182 29.67 -14.29 -6.98
N LYS E 183 30.02 -14.94 -5.88
CA LYS E 183 28.99 -15.58 -5.06
C LYS E 183 27.98 -14.57 -4.47
N ALA E 184 28.43 -13.35 -4.16
CA ALA E 184 27.52 -12.33 -3.66
C ALA E 184 26.54 -11.90 -4.78
N SER E 185 27.08 -11.79 -5.99
CA SER E 185 26.29 -11.56 -7.21
C SER E 185 25.34 -12.76 -7.49
N LEU E 186 25.83 -13.98 -7.28
CA LEU E 186 24.95 -15.16 -7.36
C LEU E 186 23.73 -15.11 -6.45
N GLU E 187 23.95 -14.75 -5.18
CA GLU E 187 22.89 -14.82 -4.18
C GLU E 187 21.81 -13.76 -4.44
N ALA E 188 22.24 -12.64 -5.02
CA ALA E 188 21.33 -11.55 -5.35
C ALA E 188 20.53 -11.98 -6.55
N THR E 189 21.21 -12.71 -7.44
CA THR E 189 20.58 -13.25 -8.62
C THR E 189 19.49 -14.22 -8.21
N VAL E 190 19.82 -15.10 -7.27
CA VAL E 190 18.80 -16.00 -6.68
C VAL E 190 17.56 -15.24 -6.15
N ARG E 191 17.77 -14.12 -5.47
CA ARG E 191 16.66 -13.34 -4.92
C ARG E 191 15.82 -12.70 -6.03
N TYR E 192 16.47 -12.06 -7.00
CA TYR E 192 15.75 -11.41 -8.10
C TYR E 192 15.06 -12.44 -9.00
N THR E 193 15.71 -13.60 -9.17
CA THR E 193 15.10 -14.72 -9.86
C THR E 193 13.88 -15.25 -9.12
N ALA E 194 13.96 -15.28 -7.78
CA ALA E 194 12.85 -15.74 -6.97
C ALA E 194 11.66 -14.80 -7.13
N LEU E 195 11.95 -13.49 -7.17
CA LEU E 195 10.90 -12.50 -7.37
C LEU E 195 10.29 -12.64 -8.76
N ALA E 196 11.14 -12.81 -9.78
CA ALA E 196 10.69 -12.84 -11.18
C ALA E 196 9.88 -14.08 -11.52
N LEU E 197 10.24 -15.21 -10.93
CA LEU E 197 9.62 -16.50 -11.28
C LEU E 197 8.48 -16.99 -10.33
N GLY E 198 8.31 -16.32 -9.20
CA GLY E 198 7.36 -16.78 -8.19
C GLY E 198 5.91 -16.78 -8.68
N GLU E 199 5.58 -15.88 -9.59
CA GLU E 199 4.23 -15.88 -10.14
C GLU E 199 3.96 -17.10 -11.01
N ASP E 200 5.02 -17.78 -11.47
CA ASP E 200 4.87 -19.07 -12.17
C ASP E 200 4.88 -20.26 -11.23
N GLY E 201 4.78 -19.99 -9.93
CA GLY E 201 4.90 -21.03 -8.91
C GLY E 201 6.32 -21.62 -8.73
N ILE E 202 7.34 -20.95 -9.25
CA ILE E 202 8.71 -21.51 -9.20
C ILE E 202 9.43 -21.00 -7.97
N LYS E 203 9.92 -21.91 -7.14
CA LYS E 203 10.69 -21.49 -5.96
C LYS E 203 12.19 -21.52 -6.26
N VAL E 204 12.92 -20.53 -5.74
CA VAL E 204 14.31 -20.33 -6.12
C VAL E 204 15.15 -20.10 -4.87
N ASN E 205 16.13 -20.96 -4.62
CA ASN E 205 16.86 -20.89 -3.35
C ASN E 205 18.31 -21.30 -3.53
N ALA E 206 19.09 -21.19 -2.46
CA ALA E 206 20.51 -21.46 -2.52
C ALA E 206 20.90 -22.25 -1.31
N VAL E 207 21.90 -23.09 -1.49
CA VAL E 207 22.43 -23.82 -0.37
C VAL E 207 23.89 -23.38 -0.20
N SER E 208 24.23 -22.91 0.99
CA SER E 208 25.56 -22.41 1.27
C SER E 208 26.34 -23.53 1.93
N ALA E 209 27.20 -24.18 1.18
CA ALA E 209 27.90 -25.35 1.75
C ALA E 209 29.14 -24.93 2.48
N GLY E 210 29.42 -25.58 3.60
CA GLY E 210 30.80 -25.58 4.14
C GLY E 210 31.79 -26.14 3.09
N PRO E 211 33.10 -25.89 3.30
CA PRO E 211 34.11 -26.39 2.36
C PRO E 211 34.13 -27.89 2.32
N ILE E 212 34.29 -28.44 1.10
CA ILE E 212 34.35 -29.89 0.84
C ILE E 212 35.46 -30.13 -0.18
N LYS E 213 36.24 -31.19 0.02
CA LYS E 213 37.38 -31.47 -0.85
C LYS E 213 36.90 -32.05 -2.18
N THR E 214 36.57 -31.18 -3.13
CA THR E 214 36.12 -31.60 -4.46
C THR E 214 37.19 -31.14 -5.43
N LEU E 215 36.94 -31.29 -6.73
CA LEU E 215 37.86 -30.76 -7.76
C LEU E 215 38.03 -29.23 -7.72
N ALA E 216 37.05 -28.54 -7.14
CA ALA E 216 37.15 -27.08 -6.91
C ALA E 216 38.27 -26.74 -5.93
N ALA E 217 38.57 -27.68 -5.05
CA ALA E 217 39.63 -27.50 -4.07
C ALA E 217 41.01 -27.70 -4.65
N SER E 218 41.10 -28.29 -5.83
CA SER E 218 42.41 -28.76 -6.33
C SER E 218 43.45 -27.63 -6.60
N GLY E 219 42.99 -26.44 -6.95
CA GLY E 219 43.93 -25.31 -7.07
C GLY E 219 44.50 -24.79 -5.74
N ILE E 220 43.80 -25.02 -4.65
CA ILE E 220 44.03 -24.30 -3.39
C ILE E 220 44.92 -25.07 -2.41
N SER E 221 46.16 -24.64 -2.25
CA SER E 221 47.03 -25.29 -1.28
C SER E 221 46.56 -24.90 0.13
N ASN E 222 46.74 -25.81 1.07
CA ASN E 222 46.26 -25.62 2.45
C ASN E 222 44.73 -25.50 2.53
N PHE E 223 44.03 -26.15 1.60
CA PHE E 223 42.57 -26.33 1.65
C PHE E 223 42.18 -27.22 2.85
N LYS E 224 43.02 -28.24 3.08
CA LYS E 224 42.88 -29.18 4.18
C LYS E 224 42.83 -28.42 5.49
N LYS E 225 43.55 -27.30 5.53
CA LYS E 225 43.63 -26.49 6.73
C LYS E 225 42.35 -25.68 6.96
N MET E 226 41.77 -25.13 5.87
CA MET E 226 40.45 -24.47 5.98
C MET E 226 39.46 -25.49 6.50
N LEU E 227 39.59 -26.71 6.01
CA LEU E 227 38.72 -27.80 6.41
C LEU E 227 38.86 -28.08 7.93
N ASP E 228 40.10 -28.16 8.42
CA ASP E 228 40.35 -28.41 9.83
C ASP E 228 39.88 -27.26 10.69
N TYR E 229 40.08 -26.04 10.21
CA TYR E 229 39.57 -24.88 10.92
C TYR E 229 38.05 -24.99 11.06
N ASN E 230 37.37 -25.29 9.94
CA ASN E 230 35.92 -25.41 10.00
C ASN E 230 35.47 -26.44 11.05
N ALA E 231 36.11 -27.60 11.06
CA ALA E 231 35.75 -28.63 12.01
C ALA E 231 36.03 -28.23 13.44
N MET E 232 37.02 -27.36 13.64
CA MET E 232 37.38 -26.91 14.97
CA MET E 232 37.38 -26.90 14.96
C MET E 232 36.38 -25.87 15.48
N VAL E 233 36.06 -24.89 14.64
CA VAL E 233 35.22 -23.78 15.11
C VAL E 233 33.70 -24.00 15.04
N SER E 234 33.23 -24.80 14.11
CA SER E 234 31.80 -25.06 13.98
C SER E 234 31.20 -25.70 15.25
N PRO E 235 29.94 -25.35 15.57
CA PRO E 235 29.19 -25.94 16.67
C PRO E 235 29.17 -27.47 16.61
N LEU E 236 29.04 -28.07 15.42
CA LEU E 236 28.97 -29.53 15.35
C LEU E 236 30.34 -30.29 15.27
N LYS E 237 31.44 -29.57 15.19
CA LYS E 237 32.78 -30.22 15.31
C LYS E 237 32.98 -31.26 14.22
N LYS E 238 32.63 -30.92 13.00
CA LYS E 238 32.82 -31.81 11.87
C LYS E 238 32.78 -30.99 10.60
N ASN E 239 33.15 -31.65 9.49
CA ASN E 239 33.02 -31.13 8.15
C ASN E 239 31.78 -31.72 7.51
N VAL E 240 31.05 -30.93 6.74
CA VAL E 240 29.89 -31.49 6.02
C VAL E 240 30.38 -32.35 4.86
N ASP E 241 29.51 -33.21 4.36
CA ASP E 241 29.82 -34.00 3.17
C ASP E 241 28.77 -33.81 2.07
N ILE E 242 29.04 -34.39 0.92
CA ILE E 242 28.17 -34.20 -0.22
C ILE E 242 26.74 -34.67 -0.04
N MET E 243 26.55 -35.67 0.82
CA MET E 243 25.20 -36.15 1.13
C MET E 243 24.39 -35.19 2.00
N GLU E 244 25.05 -34.56 2.97
CA GLU E 244 24.37 -33.50 3.73
C GLU E 244 23.89 -32.36 2.84
N VAL E 245 24.71 -31.99 1.85
CA VAL E 245 24.36 -30.93 0.95
C VAL E 245 23.28 -31.46 -0.01
N GLY E 246 23.55 -32.61 -0.61
CA GLY E 246 22.64 -33.28 -1.50
C GLY E 246 21.24 -33.42 -0.96
N ASN E 247 21.14 -33.95 0.27
CA ASN E 247 19.85 -34.13 0.90
C ASN E 247 19.08 -32.82 1.02
N THR E 248 19.81 -31.71 1.26
CA THR E 248 19.16 -30.42 1.48
C THR E 248 18.65 -29.86 0.19
N VAL E 249 19.49 -29.95 -0.86
CA VAL E 249 19.08 -29.56 -2.18
C VAL E 249 17.84 -30.35 -2.57
N ALA E 250 17.92 -31.68 -2.40
CA ALA E 250 16.76 -32.53 -2.68
C ALA E 250 15.50 -32.00 -2.00
N PHE E 251 15.57 -31.79 -0.67
CA PHE E 251 14.44 -31.22 0.05
C PHE E 251 13.89 -29.94 -0.61
N LEU E 252 14.78 -29.02 -0.97
CA LEU E 252 14.39 -27.76 -1.59
C LEU E 252 13.75 -27.89 -2.99
N CYS E 253 13.83 -29.08 -3.57
CA CYS E 253 13.12 -29.36 -4.79
C CYS E 253 11.85 -30.19 -4.57
N SER E 254 11.41 -30.35 -3.32
CA SER E 254 10.20 -31.13 -3.03
C SER E 254 8.97 -30.26 -2.72
N ASP E 255 7.79 -30.90 -2.73
CA ASP E 255 6.51 -30.24 -2.39
C ASP E 255 6.46 -29.83 -0.93
N MET E 256 7.39 -30.37 -0.14
CA MET E 256 7.49 -30.05 1.28
C MET E 256 8.06 -28.68 1.48
N ALA E 257 8.85 -28.18 0.52
CA ALA E 257 9.44 -26.87 0.63
C ALA E 257 8.70 -25.74 -0.11
N THR E 258 7.46 -25.95 -0.52
CA THR E 258 6.75 -24.94 -1.33
C THR E 258 6.54 -23.57 -0.68
N GLY E 259 6.84 -23.44 0.61
CA GLY E 259 6.80 -22.14 1.27
C GLY E 259 8.10 -21.39 1.32
N ILE E 260 9.15 -21.99 0.78
CA ILE E 260 10.48 -21.44 0.89
C ILE E 260 10.98 -20.94 -0.46
N THR E 261 11.36 -19.66 -0.54
CA THR E 261 11.93 -19.09 -1.79
C THR E 261 12.78 -17.88 -1.45
N GLY E 262 13.74 -17.58 -2.30
CA GLY E 262 14.64 -16.48 -2.03
C GLY E 262 15.57 -16.76 -0.85
N GLU E 263 15.68 -18.01 -0.41
CA GLU E 263 16.40 -18.34 0.81
C GLU E 263 17.83 -18.93 0.59
N VAL E 264 18.73 -18.68 1.55
CA VAL E 264 20.04 -19.33 1.60
C VAL E 264 20.08 -20.19 2.86
N VAL E 265 20.19 -21.50 2.67
CA VAL E 265 20.28 -22.44 3.75
C VAL E 265 21.75 -22.87 3.95
N HIS E 266 22.31 -22.58 5.11
CA HIS E 266 23.72 -22.97 5.36
C HIS E 266 23.80 -24.39 5.74
N VAL E 267 24.54 -25.15 4.94
CA VAL E 267 24.77 -26.53 5.28
C VAL E 267 26.27 -26.63 5.59
N ASP E 268 26.64 -26.26 6.80
CA ASP E 268 28.04 -25.99 7.08
C ASP E 268 28.44 -26.37 8.51
N ALA E 269 27.68 -27.30 9.11
CA ALA E 269 27.88 -27.74 10.49
C ALA E 269 27.75 -26.55 11.46
N GLY E 270 27.05 -25.50 11.05
CA GLY E 270 26.89 -24.29 11.89
C GLY E 270 27.99 -23.22 11.86
N TYR E 271 29.04 -23.41 11.06
CA TYR E 271 30.08 -22.38 10.88
C TYR E 271 29.54 -20.94 10.83
N HIS E 272 28.43 -20.74 10.11
CA HIS E 272 27.92 -19.39 9.82
C HIS E 272 27.44 -18.61 11.01
N CYS E 273 27.01 -19.29 12.08
CA CYS E 273 26.46 -18.61 13.26
C CYS E 273 27.42 -18.36 14.43
N VAL E 274 28.68 -18.72 14.29
CA VAL E 274 29.64 -18.46 15.36
C VAL E 274 30.68 -17.38 15.03
N SER E 275 31.16 -16.73 16.08
CA SER E 275 32.29 -15.86 15.89
C SER E 275 33.35 -16.22 16.92
N MET E 276 34.59 -16.26 16.43
CA MET E 276 35.79 -16.35 17.24
C MET E 276 36.15 -17.73 17.76
N GLY E 277 35.26 -18.32 18.56
CA GLY E 277 35.48 -19.60 19.27
C GLY E 277 36.40 -19.57 20.51
N ASN E 278 36.45 -20.68 21.23
CA ASN E 278 37.36 -20.84 22.40
C ASN E 278 38.84 -21.02 22.11
N VAL E 279 39.15 -21.34 20.86
CA VAL E 279 40.52 -21.65 20.42
C VAL E 279 40.96 -20.57 19.44
N LEU E 280 41.81 -19.67 19.93
CA LEU E 280 42.12 -18.48 19.18
C LEU E 280 43.25 -18.77 18.21
N GLY F 22 9.24 -43.74 6.28
CA GLY F 22 9.26 -42.26 6.60
C GLY F 22 10.65 -41.81 7.04
N PHE F 23 11.00 -40.54 6.83
CA PHE F 23 12.36 -40.12 7.16
C PHE F 23 12.55 -39.78 8.65
N LEU F 24 11.50 -39.94 9.45
CA LEU F 24 11.59 -39.82 10.91
C LEU F 24 11.24 -41.13 11.63
N ALA F 25 11.24 -42.23 10.89
CA ALA F 25 10.90 -43.55 11.45
C ALA F 25 11.70 -43.84 12.72
N GLY F 26 10.98 -44.09 13.81
CA GLY F 26 11.63 -44.45 15.07
C GLY F 26 12.00 -43.28 15.98
N LYS F 27 12.08 -42.08 15.43
CA LYS F 27 12.57 -40.94 16.24
C LYS F 27 11.52 -40.53 17.27
N LYS F 28 11.98 -40.20 18.48
CA LYS F 28 11.11 -39.81 19.58
C LYS F 28 11.17 -38.29 19.75
N ILE F 29 10.04 -37.65 19.49
CA ILE F 29 10.03 -36.23 19.39
C ILE F 29 8.94 -35.68 20.30
N LEU F 30 9.32 -34.66 21.08
CA LEU F 30 8.41 -33.90 21.93
C LEU F 30 7.98 -32.63 21.22
N ILE F 31 6.66 -32.43 21.11
CA ILE F 31 6.05 -31.25 20.51
C ILE F 31 5.30 -30.43 21.56
N THR F 32 5.75 -29.19 21.76
CA THR F 32 5.02 -28.27 22.63
C THR F 32 4.10 -27.40 21.78
N GLY F 33 3.17 -26.71 22.40
CA GLY F 33 2.38 -25.70 21.70
C GLY F 33 1.19 -26.13 20.89
N LEU F 34 0.82 -27.41 20.92
CA LEU F 34 -0.40 -27.84 20.24
C LEU F 34 -1.67 -27.41 20.99
N LEU F 35 -2.46 -26.52 20.39
CA LEU F 35 -3.60 -25.93 21.09
C LEU F 35 -4.93 -26.04 20.34
N SER F 36 -4.90 -25.96 19.01
CA SER F 36 -6.10 -26.22 18.21
C SER F 36 -5.61 -26.89 16.94
N ASN F 37 -6.54 -27.28 16.07
CA ASN F 37 -6.17 -27.87 14.78
C ASN F 37 -5.66 -26.85 13.77
N LYS F 38 -5.64 -25.59 14.19
CA LYS F 38 -5.01 -24.50 13.41
C LYS F 38 -3.54 -24.28 13.82
N SER F 39 -3.16 -24.71 15.01
CA SER F 39 -1.81 -24.52 15.55
C SER F 39 -0.74 -24.96 14.57
N ILE F 40 0.32 -24.18 14.47
CA ILE F 40 1.49 -24.58 13.71
C ILE F 40 1.94 -25.96 14.21
N ALA F 41 1.79 -26.21 15.51
CA ALA F 41 2.18 -27.50 16.10
C ALA F 41 1.32 -28.67 15.60
N TYR F 42 0.09 -28.37 15.18
CA TYR F 42 -0.76 -29.38 14.60
C TYR F 42 -0.18 -29.81 13.25
N GLY F 43 0.22 -28.83 12.43
CA GLY F 43 0.89 -29.11 11.15
C GLY F 43 2.22 -29.86 11.36
N ILE F 44 2.97 -29.48 12.40
CA ILE F 44 4.23 -30.17 12.72
C ILE F 44 3.94 -31.62 13.06
N ALA F 45 2.91 -31.81 13.88
CA ALA F 45 2.48 -33.15 14.28
C ALA F 45 2.09 -34.01 13.09
N LYS F 46 1.20 -33.51 12.23
CA LYS F 46 0.81 -34.24 11.03
C LYS F 46 2.00 -34.67 10.21
N ALA F 47 2.88 -33.73 9.90
CA ALA F 47 4.08 -34.03 9.12
C ALA F 47 4.97 -35.10 9.78
N MET F 48 5.16 -35.02 11.10
CA MET F 48 6.05 -35.97 11.78
C MET F 48 5.41 -37.34 11.92
N HIS F 49 4.08 -37.36 12.08
CA HIS F 49 3.36 -38.63 12.19
C HIS F 49 3.43 -39.33 10.86
N ARG F 50 3.14 -38.60 9.79
CA ARG F 50 3.26 -39.14 8.43
C ARG F 50 4.67 -39.73 8.18
N GLU F 51 5.70 -39.16 8.76
CA GLU F 51 7.07 -39.61 8.52
C GLU F 51 7.54 -40.63 9.55
N GLY F 52 6.62 -41.08 10.39
CA GLY F 52 6.84 -42.21 11.27
C GLY F 52 7.50 -41.92 12.61
N ALA F 53 7.51 -40.64 13.00
CA ALA F 53 7.96 -40.26 14.34
C ALA F 53 7.03 -40.80 15.43
N GLU F 54 7.61 -41.12 16.59
CA GLU F 54 6.82 -41.31 17.82
C GLU F 54 6.75 -39.99 18.59
N LEU F 55 5.52 -39.58 18.92
CA LEU F 55 5.27 -38.25 19.40
C LEU F 55 4.82 -38.19 20.86
N ALA F 56 5.28 -37.15 21.56
CA ALA F 56 4.74 -36.81 22.87
C ALA F 56 4.29 -35.34 22.80
N PHE F 57 3.36 -34.97 23.65
CA PHE F 57 2.85 -33.59 23.63
C PHE F 57 2.77 -32.97 25.02
N THR F 58 2.92 -31.64 25.05
CA THR F 58 2.71 -30.92 26.29
C THR F 58 1.53 -29.96 26.16
N TYR F 59 0.97 -29.58 27.31
CA TYR F 59 -0.15 -28.62 27.40
C TYR F 59 0.00 -27.75 28.66
N VAL F 60 -0.60 -26.57 28.62
CA VAL F 60 -0.67 -25.73 29.80
C VAL F 60 -1.96 -26.06 30.56
N GLY F 61 -1.82 -26.15 31.88
CA GLY F 61 -2.85 -26.58 32.84
C GLY F 61 -4.28 -26.79 32.37
N GLN F 62 -4.95 -25.70 32.03
CA GLN F 62 -6.41 -25.71 31.77
C GLN F 62 -6.84 -26.55 30.58
N PHE F 63 -5.92 -26.76 29.63
CA PHE F 63 -6.24 -27.33 28.33
C PHE F 63 -6.02 -28.85 28.18
N LYS F 64 -5.75 -29.53 29.29
CA LYS F 64 -5.54 -30.99 29.32
C LYS F 64 -6.48 -31.78 28.38
N ASP F 65 -7.79 -31.62 28.55
CA ASP F 65 -8.78 -32.39 27.79
C ASP F 65 -8.81 -32.03 26.32
N ARG F 66 -8.78 -30.73 26.04
CA ARG F 66 -8.69 -30.18 24.67
C ARG F 66 -7.52 -30.82 23.91
N VAL F 67 -6.33 -30.76 24.51
CA VAL F 67 -5.10 -31.25 23.89
C VAL F 67 -5.10 -32.77 23.73
N GLU F 68 -5.56 -33.48 24.76
CA GLU F 68 -5.67 -34.93 24.69
C GLU F 68 -6.52 -35.42 23.55
N LYS F 69 -7.66 -34.77 23.31
CA LYS F 69 -8.48 -35.07 22.14
C LYS F 69 -7.73 -34.78 20.86
N LEU F 70 -7.18 -33.57 20.74
CA LEU F 70 -6.47 -33.18 19.52
C LEU F 70 -5.37 -34.13 19.14
N CYS F 71 -4.51 -34.49 20.08
CA CYS F 71 -3.35 -35.27 19.67
C CYS F 71 -3.55 -36.77 19.67
N ALA F 72 -4.74 -37.23 20.06
CA ALA F 72 -5.08 -38.66 20.03
C ALA F 72 -4.83 -39.31 18.67
N GLU F 73 -5.20 -38.62 17.59
CA GLU F 73 -4.97 -39.14 16.23
C GLU F 73 -3.50 -39.40 15.88
N PHE F 74 -2.56 -38.93 16.72
CA PHE F 74 -1.14 -39.15 16.46
C PHE F 74 -0.53 -40.23 17.34
N ASN F 75 -1.38 -40.93 18.11
CA ASN F 75 -0.97 -42.09 18.91
C ASN F 75 0.16 -41.74 19.86
N PRO F 76 -0.01 -40.64 20.62
CA PRO F 76 1.07 -40.08 21.44
C PRO F 76 1.57 -41.04 22.50
N ALA F 77 2.89 -41.15 22.70
CA ALA F 77 3.43 -41.92 23.83
C ALA F 77 3.14 -41.28 25.21
N ALA F 78 2.97 -39.96 25.24
CA ALA F 78 2.66 -39.24 26.47
C ALA F 78 1.97 -37.93 26.13
N VAL F 79 1.12 -37.45 27.03
CA VAL F 79 0.56 -36.12 26.93
C VAL F 79 0.66 -35.51 28.33
N LEU F 80 1.55 -34.54 28.48
CA LEU F 80 2.06 -34.14 29.77
C LEU F 80 1.91 -32.63 29.98
N PRO F 81 1.66 -32.22 31.24
CA PRO F 81 1.58 -30.77 31.52
C PRO F 81 2.95 -30.10 31.44
N CYS F 82 3.00 -28.93 30.82
CA CYS F 82 4.18 -28.10 30.97
C CYS F 82 3.90 -26.63 30.73
N ASP F 83 3.83 -25.89 31.84
CA ASP F 83 3.77 -24.42 31.80
C ASP F 83 5.19 -23.85 31.96
N VAL F 84 5.73 -23.34 30.87
CA VAL F 84 7.16 -22.97 30.81
C VAL F 84 7.52 -21.78 31.71
N ILE F 85 6.52 -21.27 32.42
CA ILE F 85 6.73 -20.29 33.46
C ILE F 85 7.47 -20.93 34.64
N SER F 86 7.32 -22.25 34.76
CA SER F 86 7.72 -23.00 35.95
C SER F 86 8.91 -23.91 35.72
N ASP F 87 10.02 -23.61 36.36
CA ASP F 87 11.20 -24.49 36.31
C ASP F 87 10.89 -25.92 36.74
N GLN F 88 10.07 -26.05 37.79
CA GLN F 88 9.66 -27.36 38.31
C GLN F 88 8.89 -28.21 37.30
N GLU F 89 7.85 -27.65 36.68
CA GLU F 89 7.10 -28.35 35.65
C GLU F 89 8.00 -28.78 34.51
N ILE F 90 8.94 -27.92 34.11
CA ILE F 90 9.86 -28.30 33.01
C ILE F 90 10.73 -29.48 33.44
N LYS F 91 11.22 -29.42 34.66
CA LYS F 91 12.02 -30.52 35.22
C LYS F 91 11.18 -31.83 35.28
N ASP F 92 9.94 -31.71 35.75
CA ASP F 92 9.07 -32.88 35.86
C ASP F 92 8.65 -33.48 34.52
N LEU F 93 8.56 -32.62 33.50
CA LEU F 93 8.29 -33.08 32.15
C LEU F 93 9.32 -34.11 31.69
N PHE F 94 10.60 -33.84 31.94
CA PHE F 94 11.64 -34.75 31.49
C PHE F 94 11.79 -35.99 32.37
N VAL F 95 11.48 -35.85 33.66
CA VAL F 95 11.36 -37.02 34.56
C VAL F 95 10.28 -38.00 34.05
N GLU F 96 9.07 -37.49 33.75
CA GLU F 96 7.96 -38.33 33.28
C GLU F 96 8.23 -38.92 31.91
N LEU F 97 8.74 -38.08 31.01
CA LEU F 97 9.07 -38.52 29.68
C LEU F 97 10.15 -39.62 29.74
N GLY F 98 11.15 -39.44 30.60
CA GLY F 98 12.22 -40.43 30.83
C GLY F 98 11.72 -41.80 31.28
N LYS F 99 10.51 -41.84 31.82
CA LYS F 99 9.86 -43.10 32.21
C LYS F 99 9.27 -43.87 31.04
N VAL F 100 8.89 -43.20 29.96
CA VAL F 100 8.44 -43.91 28.76
C VAL F 100 9.51 -44.09 27.67
N TRP F 101 10.46 -43.16 27.55
CA TRP F 101 11.52 -43.23 26.54
C TRP F 101 12.89 -43.27 27.16
N ASP F 102 13.82 -44.01 26.54
CA ASP F 102 15.20 -44.06 27.05
C ASP F 102 15.97 -42.80 26.69
N GLY F 103 15.91 -42.43 25.42
CA GLY F 103 16.44 -41.16 24.96
C GLY F 103 15.36 -40.33 24.26
N LEU F 104 15.75 -39.14 23.85
CA LEU F 104 14.86 -38.24 23.14
C LEU F 104 15.55 -37.78 21.86
N ASP F 105 14.87 -37.87 20.72
CA ASP F 105 15.44 -37.36 19.46
C ASP F 105 15.26 -35.87 19.17
N ALA F 106 14.12 -35.29 19.53
CA ALA F 106 13.92 -33.89 19.22
C ALA F 106 12.97 -33.18 20.17
N ILE F 107 13.20 -31.87 20.31
CA ILE F 107 12.24 -30.99 20.94
C ILE F 107 11.77 -29.92 19.96
N VAL F 108 10.46 -29.80 19.79
CA VAL F 108 9.86 -28.74 18.99
C VAL F 108 9.30 -27.71 19.93
N HIS F 109 9.83 -26.49 19.84
CA HIS F 109 9.35 -25.35 20.63
C HIS F 109 8.40 -24.55 19.75
N SER F 110 7.14 -24.49 20.12
CA SER F 110 6.16 -23.73 19.34
C SER F 110 5.26 -22.98 20.31
N ILE F 111 5.90 -22.11 21.08
CA ILE F 111 5.29 -21.43 22.21
C ILE F 111 5.65 -19.97 22.15
N ALA F 112 4.66 -19.09 22.32
CA ALA F 112 4.92 -17.67 22.53
C ALA F 112 3.84 -17.06 23.40
N PHE F 113 4.19 -16.00 24.12
CA PHE F 113 3.25 -15.19 24.88
C PHE F 113 3.79 -13.82 25.20
N ALA F 114 2.94 -12.81 24.98
CA ALA F 114 3.14 -11.50 25.55
C ALA F 114 1.74 -11.05 25.99
N PRO F 115 1.66 -10.29 27.10
CA PRO F 115 0.35 -9.75 27.47
C PRO F 115 -0.23 -8.94 26.33
N ARG F 116 -1.54 -8.98 26.22
CA ARG F 116 -2.31 -8.28 25.19
C ARG F 116 -1.92 -6.81 24.99
N ASP F 117 -1.69 -6.07 26.07
CA ASP F 117 -1.31 -4.66 25.96
C ASP F 117 0.07 -4.40 25.32
N GLN F 118 0.89 -5.43 25.22
CA GLN F 118 2.21 -5.33 24.58
C GLN F 118 2.13 -5.38 23.07
N LEU F 119 0.92 -5.49 22.52
CA LEU F 119 0.78 -5.94 21.14
C LEU F 119 -0.03 -5.11 20.19
N GLU F 120 -0.52 -3.95 20.60
CA GLU F 120 -0.98 -3.04 19.57
C GLU F 120 -0.60 -1.59 19.86
N GLY F 121 -0.67 -0.73 18.86
CA GLY F 121 -0.29 0.66 19.04
C GLY F 121 1.22 0.89 19.02
N ASN F 122 1.62 2.07 19.45
CA ASN F 122 3.00 2.52 19.35
C ASN F 122 3.87 1.74 20.37
N PHE F 123 4.99 1.18 19.89
CA PHE F 123 5.85 0.36 20.76
C PHE F 123 6.21 1.04 22.09
N ILE F 124 6.72 2.25 21.98
CA ILE F 124 7.15 3.01 23.15
C ILE F 124 6.01 3.37 24.13
N ASP F 125 4.86 3.79 23.61
CA ASP F 125 3.66 3.96 24.46
C ASP F 125 3.27 2.69 25.21
N CYS F 126 3.32 1.54 24.54
CA CYS F 126 2.76 0.32 25.06
C CYS F 126 3.72 -0.58 25.85
N VAL F 127 5.03 -0.55 25.53
CA VAL F 127 5.97 -1.44 26.23
C VAL F 127 5.97 -1.15 27.74
N THR F 128 5.92 -2.21 28.57
CA THR F 128 6.13 -2.07 30.00
C THR F 128 7.27 -2.98 30.50
N ARG F 129 7.90 -2.63 31.61
CA ARG F 129 8.96 -3.46 32.18
C ARG F 129 8.52 -4.90 32.38
N GLU F 130 7.30 -5.08 32.92
CA GLU F 130 6.77 -6.42 33.23
C GLU F 130 6.37 -7.20 31.97
N GLY F 131 5.66 -6.55 31.06
CA GLY F 131 5.28 -7.16 29.79
C GLY F 131 6.48 -7.60 28.96
N PHE F 132 7.52 -6.79 28.98
CA PHE F 132 8.78 -7.09 28.33
C PHE F 132 9.38 -8.36 28.95
N SER F 133 9.42 -8.39 30.27
CA SER F 133 9.97 -9.52 31.01
C SER F 133 9.22 -10.83 30.75
N ILE F 134 7.88 -10.75 30.75
CA ILE F 134 7.05 -11.92 30.60
C ILE F 134 7.24 -12.43 29.17
N ALA F 135 7.17 -11.53 28.21
CA ALA F 135 7.28 -11.99 26.82
C ALA F 135 8.57 -12.75 26.58
N HIS F 136 9.69 -12.23 27.11
CA HIS F 136 11.01 -12.88 26.96
C HIS F 136 11.06 -14.16 27.73
N ASP F 137 10.48 -14.17 28.93
CA ASP F 137 10.44 -15.35 29.79
C ASP F 137 9.84 -16.58 29.09
N ILE F 138 8.64 -16.38 28.53
CA ILE F 138 7.86 -17.46 27.93
C ILE F 138 8.25 -17.71 26.47
N SER F 139 8.65 -16.65 25.76
CA SER F 139 8.92 -16.72 24.33
C SER F 139 10.35 -17.04 23.98
N ALA F 140 11.27 -16.76 24.89
CA ALA F 140 12.69 -16.93 24.58
C ALA F 140 13.40 -17.81 25.59
N TYR F 141 13.34 -17.41 26.86
CA TYR F 141 14.05 -18.16 27.89
C TYR F 141 13.63 -19.64 27.92
N SER F 142 12.36 -19.86 27.62
CA SER F 142 11.78 -21.19 27.70
C SER F 142 12.47 -22.18 26.78
N PHE F 143 13.01 -21.69 25.67
CA PHE F 143 13.73 -22.55 24.74
C PHE F 143 14.98 -23.14 25.36
N ALA F 144 15.73 -22.30 26.08
CA ALA F 144 16.98 -22.70 26.70
C ALA F 144 16.64 -23.59 27.89
N ALA F 145 15.48 -23.36 28.50
CA ALA F 145 15.09 -24.15 29.66
C ALA F 145 14.81 -25.61 29.24
N LEU F 146 14.06 -25.77 28.16
CA LEU F 146 13.83 -27.10 27.57
C LEU F 146 15.16 -27.73 27.17
N ALA F 147 16.06 -26.93 26.63
CA ALA F 147 17.37 -27.40 26.22
C ALA F 147 18.12 -27.93 27.43
N LYS F 148 18.09 -27.14 28.51
CA LYS F 148 18.76 -27.45 29.75
C LYS F 148 18.29 -28.76 30.35
N GLU F 149 16.98 -28.95 30.42
CA GLU F 149 16.43 -30.15 31.07
C GLU F 149 16.32 -31.37 30.14
N GLY F 150 16.35 -31.13 28.83
CA GLY F 150 16.27 -32.23 27.86
C GLY F 150 17.63 -32.75 27.44
N ARG F 151 18.66 -31.95 27.69
CA ARG F 151 20.00 -32.24 27.23
C ARG F 151 20.47 -33.69 27.46
N SER F 152 20.33 -34.22 28.66
CA SER F 152 20.88 -35.56 28.92
C SER F 152 20.16 -36.67 28.15
N MET F 153 18.87 -36.51 27.88
CA MET F 153 18.13 -37.50 27.07
C MET F 153 18.50 -37.45 25.60
N MET F 154 19.06 -36.31 25.17
CA MET F 154 19.35 -36.02 23.75
C MET F 154 20.81 -36.26 23.36
N LYS F 155 21.68 -36.43 24.35
CA LYS F 155 23.12 -36.68 24.13
C LYS F 155 23.36 -37.73 23.05
N ASN F 156 24.20 -37.40 22.06
CA ASN F 156 24.78 -38.37 21.12
C ASN F 156 23.86 -39.29 20.32
N ARG F 157 22.86 -38.71 19.67
CA ARG F 157 21.96 -39.50 18.83
C ARG F 157 21.47 -38.68 17.65
N ASN F 158 22.32 -37.77 17.17
CA ASN F 158 21.92 -36.80 16.17
C ASN F 158 20.57 -36.18 16.55
N ALA F 159 20.50 -35.63 17.77
CA ALA F 159 19.28 -35.01 18.22
C ALA F 159 19.03 -33.63 17.59
N SER F 160 17.84 -33.09 17.82
CA SER F 160 17.40 -31.85 17.18
C SER F 160 16.58 -30.99 18.13
N MET F 161 16.75 -29.67 18.01
CA MET F 161 15.74 -28.74 18.50
C MET F 161 15.32 -27.81 17.37
N VAL F 162 14.04 -27.40 17.39
CA VAL F 162 13.52 -26.43 16.44
C VAL F 162 12.61 -25.47 17.17
N ALA F 163 12.85 -24.16 16.98
CA ALA F 163 11.97 -23.11 17.49
C ALA F 163 11.19 -22.41 16.36
N LEU F 164 9.99 -21.96 16.65
CA LEU F 164 9.26 -21.14 15.68
C LEU F 164 9.47 -19.70 15.96
N THR F 165 9.85 -18.95 14.91
CA THR F 165 10.11 -17.52 15.05
C THR F 165 9.37 -16.74 13.97
N TYR F 166 9.56 -15.41 13.91
CA TYR F 166 8.83 -14.54 12.97
C TYR F 166 9.73 -13.38 12.62
N ILE F 167 9.49 -12.78 11.45
CA ILE F 167 10.40 -11.80 10.86
C ILE F 167 10.37 -10.47 11.62
N GLY F 168 9.39 -10.30 12.47
CA GLY F 168 9.40 -9.19 13.43
C GLY F 168 10.63 -9.21 14.35
N ALA F 169 11.37 -10.32 14.39
CA ALA F 169 12.66 -10.39 15.10
C ALA F 169 13.70 -9.51 14.43
N GLU F 170 13.67 -9.51 13.08
CA GLU F 170 14.68 -8.86 12.23
C GLU F 170 14.33 -7.43 11.86
N LYS F 171 13.04 -7.12 11.79
CA LYS F 171 12.57 -5.80 11.35
C LYS F 171 11.54 -5.21 12.31
N ALA F 172 11.51 -3.89 12.40
CA ALA F 172 10.48 -3.20 13.16
C ALA F 172 9.17 -3.20 12.35
N MET F 173 8.14 -3.77 12.95
CA MET F 173 6.84 -3.91 12.32
C MET F 173 5.77 -3.27 13.20
N PRO F 174 4.65 -2.83 12.59
CA PRO F 174 3.57 -2.32 13.43
C PRO F 174 3.01 -3.45 14.28
N SER F 175 2.52 -3.11 15.47
CA SER F 175 1.81 -4.03 16.37
C SER F 175 2.62 -5.13 17.03
N TYR F 176 3.53 -5.75 16.31
CA TYR F 176 4.24 -6.91 16.83
C TYR F 176 5.08 -6.54 18.07
N ASN F 177 5.64 -5.33 18.07
CA ASN F 177 6.17 -4.69 19.29
C ASN F 177 7.03 -5.63 20.15
N THR F 178 6.61 -5.81 21.40
CA THR F 178 7.36 -6.54 22.39
C THR F 178 7.63 -7.96 21.94
N MET F 179 6.70 -8.53 21.17
CA MET F 179 6.93 -9.86 20.64
C MET F 179 8.09 -9.89 19.66
N GLY F 180 8.29 -8.77 18.94
CA GLY F 180 9.37 -8.68 17.95
C GLY F 180 10.70 -8.76 18.67
N VAL F 181 10.78 -8.08 19.82
CA VAL F 181 12.02 -8.00 20.62
C VAL F 181 12.27 -9.38 21.19
N ALA F 182 11.22 -9.99 21.73
CA ALA F 182 11.32 -11.33 22.30
C ALA F 182 11.73 -12.39 21.24
N LYS F 183 11.17 -12.29 20.05
CA LYS F 183 11.64 -13.15 18.98
C LYS F 183 13.12 -12.96 18.64
N ALA F 184 13.61 -11.72 18.68
CA ALA F 184 15.02 -11.43 18.44
C ALA F 184 15.92 -12.11 19.48
N SER F 185 15.48 -12.05 20.74
CA SER F 185 16.06 -12.76 21.86
C SER F 185 15.98 -14.30 21.66
N LEU F 186 14.85 -14.76 21.14
CA LEU F 186 14.70 -16.20 20.84
C LEU F 186 15.75 -16.67 19.83
N GLU F 187 15.90 -15.90 18.75
CA GLU F 187 16.80 -16.34 17.68
C GLU F 187 18.25 -16.42 18.16
N ALA F 188 18.63 -15.52 19.06
CA ALA F 188 19.98 -15.48 19.59
C ALA F 188 20.15 -16.64 20.54
N THR F 189 19.10 -16.96 21.28
CA THR F 189 19.07 -18.12 22.16
C THR F 189 19.27 -19.38 21.35
N VAL F 190 18.56 -19.50 20.23
CA VAL F 190 18.81 -20.61 19.30
C VAL F 190 20.30 -20.74 18.89
N ARG F 191 20.95 -19.60 18.54
CA ARG F 191 22.34 -19.64 18.16
C ARG F 191 23.28 -20.06 19.32
N TYR F 192 23.09 -19.46 20.50
CA TYR F 192 23.93 -19.85 21.65
C TYR F 192 23.64 -21.27 22.12
N THR F 193 22.40 -21.72 21.96
CA THR F 193 22.02 -23.10 22.25
C THR F 193 22.69 -24.06 21.25
N ALA F 194 22.77 -23.63 19.99
CA ALA F 194 23.44 -24.41 18.97
C ALA F 194 24.92 -24.56 19.30
N LEU F 195 25.54 -23.49 19.77
CA LEU F 195 26.93 -23.55 20.13
C LEU F 195 27.12 -24.46 21.34
N ALA F 196 26.27 -24.31 22.36
CA ALA F 196 26.39 -25.05 23.60
C ALA F 196 26.12 -26.54 23.45
N LEU F 197 25.22 -26.91 22.55
CA LEU F 197 24.79 -28.31 22.47
C LEU F 197 25.44 -29.11 21.33
N GLY F 198 26.13 -28.43 20.42
CA GLY F 198 26.66 -29.09 19.22
C GLY F 198 27.71 -30.18 19.53
N GLU F 199 28.40 -30.03 20.64
CA GLU F 199 29.38 -31.06 21.01
C GLU F 199 28.69 -32.37 21.44
N ASP F 200 27.40 -32.30 21.80
CA ASP F 200 26.61 -33.52 22.07
C ASP F 200 25.92 -34.05 20.82
N GLY F 201 26.31 -33.50 19.68
CA GLY F 201 25.69 -33.82 18.41
C GLY F 201 24.28 -33.29 18.19
N ILE F 202 23.85 -32.29 18.95
CA ILE F 202 22.46 -31.80 18.88
C ILE F 202 22.43 -30.62 17.95
N LYS F 203 21.53 -30.67 16.97
CA LYS F 203 21.40 -29.53 16.07
C LYS F 203 20.19 -28.67 16.46
N VAL F 204 20.35 -27.35 16.33
CA VAL F 204 19.42 -26.38 16.92
C VAL F 204 19.09 -25.31 15.90
N ASN F 205 17.83 -25.22 15.52
CA ASN F 205 17.47 -24.34 14.41
C ASN F 205 16.13 -23.71 14.65
N ALA F 206 15.76 -22.79 13.77
CA ALA F 206 14.50 -22.10 13.91
C ALA F 206 13.85 -22.00 12.56
N VAL F 207 12.54 -21.98 12.55
CA VAL F 207 11.81 -21.78 11.31
C VAL F 207 11.02 -20.48 11.47
N SER F 208 11.23 -19.58 10.53
CA SER F 208 10.59 -18.28 10.57
C SER F 208 9.35 -18.37 9.68
N ALA F 209 8.19 -18.49 10.28
CA ALA F 209 6.97 -18.66 9.48
C ALA F 209 6.40 -17.35 9.06
N GLY F 210 5.86 -17.29 7.84
CA GLY F 210 4.92 -16.23 7.46
C GLY F 210 3.72 -16.27 8.37
N PRO F 211 2.92 -15.17 8.41
CA PRO F 211 1.71 -15.12 9.26
C PRO F 211 0.70 -16.20 8.86
N ILE F 212 0.03 -16.79 9.84
CA ILE F 212 -0.97 -17.87 9.65
C ILE F 212 -2.08 -17.60 10.65
N LYS F 213 -3.33 -17.76 10.23
CA LYS F 213 -4.46 -17.48 11.10
C LYS F 213 -4.62 -18.62 12.10
N THR F 214 -4.01 -18.47 13.26
CA THR F 214 -4.06 -19.45 14.35
C THR F 214 -4.64 -18.72 15.52
N LEU F 215 -4.76 -19.40 16.66
CA LEU F 215 -5.23 -18.73 17.89
C LEU F 215 -4.34 -17.57 18.32
N ALA F 216 -3.07 -17.58 17.92
CA ALA F 216 -2.17 -16.43 18.15
C ALA F 216 -2.65 -15.16 17.43
N ALA F 217 -3.37 -15.33 16.32
CA ALA F 217 -3.95 -14.22 15.58
C ALA F 217 -5.22 -13.64 16.17
N SER F 218 -5.81 -14.33 17.13
CA SER F 218 -7.16 -13.95 17.60
C SER F 218 -7.22 -12.58 18.31
N GLY F 219 -6.15 -12.15 18.98
CA GLY F 219 -6.13 -10.81 19.56
C GLY F 219 -6.04 -9.67 18.55
N ILE F 220 -5.59 -9.99 17.33
CA ILE F 220 -5.08 -8.99 16.42
C ILE F 220 -6.13 -8.46 15.42
N SER F 221 -6.41 -7.17 15.48
CA SER F 221 -7.40 -6.60 14.55
C SER F 221 -6.71 -6.49 13.20
N ASN F 222 -7.47 -6.73 12.13
CA ASN F 222 -6.94 -6.68 10.75
C ASN F 222 -5.87 -7.71 10.37
N PHE F 223 -5.89 -8.89 11.02
CA PHE F 223 -4.88 -9.92 10.77
C PHE F 223 -5.06 -10.37 9.32
N LYS F 224 -6.33 -10.50 8.94
CA LYS F 224 -6.68 -10.80 7.56
C LYS F 224 -6.01 -9.84 6.54
N LYS F 225 -5.97 -8.55 6.83
CA LYS F 225 -5.28 -7.58 5.92
C LYS F 225 -3.79 -7.81 5.86
N MET F 226 -3.15 -8.02 7.02
N MET F 226 -3.23 -8.05 7.04
CA MET F 226 -1.73 -8.33 7.05
CA MET F 226 -1.85 -8.35 7.25
C MET F 226 -1.50 -9.53 6.13
C MET F 226 -1.44 -9.60 6.45
N LEU F 227 -2.37 -10.53 6.27
CA LEU F 227 -2.22 -11.78 5.53
C LEU F 227 -2.32 -11.54 4.02
N ASP F 228 -3.28 -10.71 3.62
CA ASP F 228 -3.42 -10.31 2.21
C ASP F 228 -2.21 -9.55 1.71
N TYR F 229 -1.69 -8.62 2.51
CA TYR F 229 -0.47 -7.92 2.16
C TYR F 229 0.65 -8.94 1.88
N ASN F 230 0.83 -9.92 2.77
CA ASN F 230 1.87 -10.92 2.55
C ASN F 230 1.71 -11.63 1.24
N ALA F 231 0.47 -11.99 0.88
CA ALA F 231 0.26 -12.73 -0.35
C ALA F 231 0.50 -11.82 -1.54
N MET F 232 0.20 -10.53 -1.39
CA MET F 232 0.40 -9.55 -2.47
C MET F 232 1.88 -9.31 -2.75
N VAL F 233 2.67 -9.13 -1.71
CA VAL F 233 4.06 -8.77 -1.91
C VAL F 233 5.05 -9.93 -2.04
N SER F 234 4.73 -11.09 -1.51
CA SER F 234 5.65 -12.23 -1.60
C SER F 234 5.88 -12.67 -3.05
N PRO F 235 7.09 -13.20 -3.35
CA PRO F 235 7.39 -13.76 -4.67
C PRO F 235 6.39 -14.84 -5.09
N LEU F 236 5.96 -15.71 -4.16
CA LEU F 236 5.05 -16.80 -4.53
C LEU F 236 3.55 -16.47 -4.53
N LYS F 237 3.17 -15.27 -4.11
CA LYS F 237 1.77 -14.78 -4.31
C LYS F 237 0.77 -15.65 -3.55
N LYS F 238 1.10 -16.01 -2.33
CA LYS F 238 0.25 -16.90 -1.51
C LYS F 238 0.69 -16.76 -0.08
N ASN F 239 -0.12 -17.33 0.80
CA ASN F 239 0.15 -17.41 2.20
C ASN F 239 0.60 -18.83 2.50
N VAL F 240 1.58 -18.98 3.39
CA VAL F 240 1.98 -20.33 3.78
C VAL F 240 0.89 -20.96 4.65
N ASP F 241 0.91 -22.28 4.74
CA ASP F 241 0.02 -23.00 5.67
C ASP F 241 0.82 -23.91 6.62
N ILE F 242 0.11 -24.48 7.59
CA ILE F 242 0.75 -25.24 8.67
C ILE F 242 1.54 -26.45 8.17
N MET F 243 1.13 -26.99 7.03
CA MET F 243 1.86 -28.12 6.42
C MET F 243 3.20 -27.73 5.82
N GLU F 244 3.25 -26.56 5.20
CA GLU F 244 4.53 -26.06 4.72
C GLU F 244 5.51 -25.86 5.87
N VAL F 245 5.00 -25.39 7.00
CA VAL F 245 5.85 -25.14 8.14
C VAL F 245 6.20 -26.47 8.76
N GLY F 246 5.17 -27.27 9.05
CA GLY F 246 5.34 -28.62 9.56
C GLY F 246 6.35 -29.46 8.82
N ASN F 247 6.23 -29.48 7.50
CA ASN F 247 7.16 -30.25 6.69
C ASN F 247 8.61 -29.81 6.86
N THR F 248 8.82 -28.50 7.01
CA THR F 248 10.15 -27.95 7.22
C THR F 248 10.73 -28.29 8.58
N VAL F 249 9.88 -28.19 9.62
CA VAL F 249 10.29 -28.51 10.94
C VAL F 249 10.70 -29.98 10.92
N ALA F 250 9.84 -30.82 10.35
CA ALA F 250 10.10 -32.24 10.26
C ALA F 250 11.46 -32.50 9.63
N PHE F 251 11.69 -31.90 8.46
CA PHE F 251 12.99 -32.03 7.81
C PHE F 251 14.14 -31.71 8.75
N LEU F 252 14.05 -30.56 9.44
CA LEU F 252 15.05 -30.12 10.41
C LEU F 252 15.25 -31.03 11.64
N CYS F 253 14.37 -32.01 11.80
CA CYS F 253 14.57 -33.07 12.79
C CYS F 253 15.03 -34.39 12.19
N SER F 254 15.46 -34.41 10.94
CA SER F 254 15.85 -35.66 10.28
C SER F 254 17.37 -35.80 10.08
N ASP F 255 17.83 -37.04 9.83
CA ASP F 255 19.27 -37.30 9.57
C ASP F 255 19.74 -36.61 8.28
N MET F 256 18.78 -36.16 7.49
CA MET F 256 19.10 -35.44 6.26
C MET F 256 19.66 -34.05 6.54
N ALA F 257 19.25 -33.45 7.65
CA ALA F 257 19.64 -32.11 7.97
C ALA F 257 20.82 -32.05 8.95
N THR F 258 21.57 -33.14 9.12
CA THR F 258 22.66 -33.12 10.12
C THR F 258 23.78 -32.12 9.88
N GLY F 259 23.78 -31.40 8.76
CA GLY F 259 24.79 -30.36 8.54
C GLY F 259 24.28 -28.97 8.83
N ILE F 260 23.06 -28.87 9.32
CA ILE F 260 22.42 -27.60 9.58
C ILE F 260 22.21 -27.37 11.08
N THR F 261 22.72 -26.24 11.59
CA THR F 261 22.48 -25.83 12.98
C THR F 261 22.67 -24.31 13.12
N GLY F 262 22.07 -23.75 14.15
CA GLY F 262 22.06 -22.30 14.31
C GLY F 262 21.43 -21.54 13.13
N GLU F 263 20.59 -22.20 12.36
CA GLU F 263 20.03 -21.58 11.19
C GLU F 263 18.56 -21.15 11.38
N VAL F 264 18.17 -20.08 10.68
CA VAL F 264 16.75 -19.65 10.58
C VAL F 264 16.31 -19.83 9.14
N VAL F 265 15.38 -20.76 8.94
CA VAL F 265 14.83 -21.03 7.61
C VAL F 265 13.49 -20.30 7.47
N HIS F 266 13.39 -19.35 6.55
CA HIS F 266 12.11 -18.67 6.34
C HIS F 266 11.15 -19.50 5.55
N VAL F 267 10.01 -19.81 6.13
CA VAL F 267 8.96 -20.48 5.39
C VAL F 267 7.82 -19.46 5.27
N ASP F 268 7.94 -18.59 4.29
CA ASP F 268 7.07 -17.39 4.27
C ASP F 268 6.69 -16.96 2.85
N ALA F 269 6.67 -17.92 1.94
CA ALA F 269 6.42 -17.65 0.52
C ALA F 269 7.40 -16.61 -0.04
N GLY F 270 8.58 -16.47 0.60
CA GLY F 270 9.64 -15.54 0.16
C GLY F 270 9.50 -14.08 0.58
N TYR F 271 8.49 -13.75 1.39
CA TYR F 271 8.36 -12.41 1.97
C TYR F 271 9.69 -11.78 2.40
N HIS F 272 10.56 -12.59 3.05
CA HIS F 272 11.78 -12.07 3.65
C HIS F 272 12.76 -11.44 2.71
N CYS F 273 12.80 -11.88 1.46
CA CYS F 273 13.81 -11.43 0.48
C CYS F 273 13.39 -10.25 -0.41
N VAL F 274 12.17 -9.74 -0.26
CA VAL F 274 11.75 -8.65 -1.15
C VAL F 274 11.65 -7.31 -0.40
N SER F 275 11.87 -6.24 -1.14
CA SER F 275 11.59 -4.95 -0.59
C SER F 275 10.77 -4.20 -1.59
N MET F 276 9.87 -3.34 -1.12
CA MET F 276 9.09 -2.48 -1.99
C MET F 276 8.23 -3.31 -2.96
N GLY F 277 7.88 -4.53 -2.58
CA GLY F 277 7.07 -5.41 -3.42
C GLY F 277 5.62 -4.94 -3.65
N ASN F 278 5.28 -3.74 -3.18
CA ASN F 278 3.92 -3.23 -3.30
C ASN F 278 3.82 -2.04 -4.28
N VAL F 279 4.94 -1.72 -4.92
CA VAL F 279 4.99 -0.60 -5.84
C VAL F 279 4.91 -1.03 -7.32
N LEU F 280 3.82 -0.64 -7.97
CA LEU F 280 3.65 -0.83 -9.42
C LEU F 280 4.71 -0.01 -10.13
N GLY G 22 31.90 23.59 16.85
CA GLY G 22 31.67 22.12 17.06
C GLY G 22 30.34 21.68 16.49
N PHE G 23 30.27 20.45 15.97
CA PHE G 23 29.03 20.00 15.30
C PHE G 23 27.93 19.59 16.27
N LEU G 24 28.22 19.68 17.58
CA LEU G 24 27.17 19.49 18.60
C LEU G 24 26.92 20.76 19.43
N ALA G 25 27.37 21.90 18.92
CA ALA G 25 27.24 23.16 19.65
C ALA G 25 25.79 23.39 20.10
N GLY G 26 25.61 23.57 21.40
CA GLY G 26 24.29 23.90 21.92
C GLY G 26 23.41 22.71 22.28
N LYS G 27 23.69 21.54 21.71
CA LYS G 27 22.86 20.36 21.95
C LYS G 27 23.00 19.88 23.39
N LYS G 28 21.86 19.52 24.00
CA LYS G 28 21.79 19.02 25.36
C LYS G 28 21.65 17.50 25.39
N ILE G 29 22.68 16.86 25.93
CA ILE G 29 22.81 15.43 25.80
C ILE G 29 22.96 14.77 27.17
N LEU G 30 22.13 13.75 27.42
CA LEU G 30 22.28 12.92 28.60
C LEU G 30 23.17 11.71 28.30
N ILE G 31 24.21 11.50 29.13
CA ILE G 31 25.11 10.33 29.02
C ILE G 31 24.97 9.42 30.25
N THR G 32 24.54 8.19 30.00
CA THR G 32 24.51 7.19 31.07
C THR G 32 25.82 6.36 31.00
N GLY G 33 26.09 5.58 32.01
CA GLY G 33 27.18 4.61 31.99
C GLY G 33 28.61 5.06 32.24
N LEU G 34 28.82 6.32 32.62
CA LEU G 34 30.17 6.77 32.89
C LEU G 34 30.65 6.25 34.23
N LEU G 35 31.67 5.40 34.23
CA LEU G 35 32.07 4.75 35.49
C LEU G 35 33.55 4.85 35.84
N SER G 36 34.41 4.83 34.82
CA SER G 36 35.82 5.14 35.03
C SER G 36 36.29 5.89 33.79
N ASN G 37 37.55 6.31 33.79
CA ASN G 37 38.11 7.00 32.61
C ASN G 37 38.46 6.02 31.48
N LYS G 38 38.17 4.74 31.71
CA LYS G 38 38.19 3.70 30.67
C LYS G 38 36.80 3.48 30.01
N SER G 39 35.73 3.91 30.66
CA SER G 39 34.38 3.71 30.15
C SER G 39 34.22 4.21 28.75
N ILE G 40 33.53 3.45 27.92
CA ILE G 40 33.13 3.95 26.60
C ILE G 40 32.39 5.30 26.74
N ALA G 41 31.60 5.45 27.79
CA ALA G 41 30.95 6.72 28.07
C ALA G 41 31.92 7.87 28.28
N TYR G 42 33.13 7.56 28.77
CA TYR G 42 34.13 8.60 28.98
C TYR G 42 34.53 9.14 27.62
N GLY G 43 34.81 8.22 26.68
CA GLY G 43 35.19 8.59 25.33
C GLY G 43 34.05 9.36 24.65
N ILE G 44 32.81 8.93 24.91
CA ILE G 44 31.67 9.61 24.29
C ILE G 44 31.64 11.04 24.82
N ALA G 45 31.87 11.16 26.12
CA ALA G 45 31.86 12.48 26.77
C ALA G 45 32.93 13.40 26.22
N LYS G 46 34.18 12.92 26.14
CA LYS G 46 35.25 13.72 25.58
C LYS G 46 34.89 14.22 24.20
N ALA G 47 34.41 13.32 23.34
CA ALA G 47 34.07 13.71 21.97
C ALA G 47 32.93 14.74 21.93
N MET G 48 31.92 14.56 22.76
CA MET G 48 30.79 15.48 22.73
C MET G 48 31.13 16.83 23.34
N HIS G 49 31.97 16.82 24.37
CA HIS G 49 32.45 18.08 24.95
C HIS G 49 33.27 18.85 23.96
N ARG G 50 34.24 18.18 23.32
CA ARG G 50 35.03 18.75 22.22
C ARG G 50 34.14 19.36 21.12
N GLU G 51 33.00 18.75 20.82
CA GLU G 51 32.10 19.28 19.79
C GLU G 51 31.04 20.28 20.28
N GLY G 52 31.17 20.67 21.56
CA GLY G 52 30.42 21.77 22.15
C GLY G 52 29.07 21.41 22.73
N ALA G 53 28.87 20.14 22.99
CA ALA G 53 27.61 19.66 23.62
C ALA G 53 27.52 20.11 25.09
N GLU G 54 26.32 20.34 25.59
CA GLU G 54 26.11 20.48 27.02
C GLU G 54 25.66 19.16 27.55
N LEU G 55 26.32 18.71 28.61
CA LEU G 55 26.21 17.34 29.05
C LEU G 55 25.59 17.17 30.43
N ALA G 56 24.83 16.11 30.59
CA ALA G 56 24.35 15.66 31.90
C ALA G 56 24.77 14.21 32.09
N PHE G 57 24.96 13.79 33.34
CA PHE G 57 25.39 12.42 33.59
C PHE G 57 24.54 11.72 34.65
N THR G 58 24.38 10.41 34.50
CA THR G 58 23.75 9.62 35.53
C THR G 58 24.77 8.65 36.17
N TYR G 59 24.41 8.15 37.36
CA TYR G 59 25.22 7.19 38.09
C TYR G 59 24.32 6.26 38.88
N VAL G 60 24.84 5.07 39.23
CA VAL G 60 24.10 4.17 40.11
C VAL G 60 24.54 4.37 41.56
N GLY G 61 23.54 4.40 42.45
CA GLY G 61 23.65 4.76 43.86
C GLY G 61 25.02 5.01 44.48
N GLN G 62 25.81 3.94 44.62
CA GLN G 62 27.07 3.97 45.38
C GLN G 62 28.15 4.90 44.79
N PHE G 63 28.06 5.16 43.48
CA PHE G 63 29.18 5.78 42.74
C PHE G 63 29.08 7.29 42.53
N LYS G 64 28.13 7.93 43.19
CA LYS G 64 27.94 9.38 43.15
C LYS G 64 29.26 10.18 43.13
N ASP G 65 30.11 9.99 44.15
CA ASP G 65 31.34 10.79 44.28
C ASP G 65 32.35 10.52 43.17
N ARG G 66 32.53 9.23 42.86
CA ARG G 66 33.39 8.76 41.77
C ARG G 66 33.01 9.48 40.45
N VAL G 67 31.73 9.43 40.11
CA VAL G 67 31.23 9.97 38.86
C VAL G 67 31.33 11.49 38.84
N GLU G 68 30.99 12.13 39.94
CA GLU G 68 31.06 13.59 40.01
C GLU G 68 32.46 14.07 39.73
N LYS G 69 33.48 13.37 40.24
CA LYS G 69 34.87 13.74 40.00
C LYS G 69 35.25 13.53 38.54
N LEU G 70 34.87 12.37 37.99
CA LEU G 70 35.13 12.05 36.58
C LEU G 70 34.55 13.06 35.62
N CYS G 71 33.30 13.45 35.79
CA CYS G 71 32.72 14.27 34.73
C CYS G 71 32.85 15.77 34.97
N ALA G 72 33.49 16.15 36.08
CA ALA G 72 33.72 17.57 36.42
C ALA G 72 34.38 18.33 35.28
N GLU G 73 35.40 17.73 34.67
CA GLU G 73 36.07 18.30 33.49
C GLU G 73 35.15 18.66 32.30
N PHE G 74 33.94 18.12 32.26
CA PHE G 74 33.03 18.35 31.15
C PHE G 74 31.99 19.40 31.50
N ASN G 75 32.16 20.01 32.69
CA ASN G 75 31.24 21.03 33.20
C ASN G 75 29.75 20.66 33.01
N PRO G 76 29.34 19.55 33.64
CA PRO G 76 28.00 18.98 33.47
C PRO G 76 26.92 19.89 34.01
N ALA G 77 25.78 19.96 33.32
CA ALA G 77 24.64 20.73 33.81
C ALA G 77 23.96 20.00 34.99
N ALA G 78 24.11 18.69 35.03
CA ALA G 78 23.51 17.86 36.10
C ALA G 78 24.26 16.54 36.21
N VAL G 79 24.39 16.05 37.43
CA VAL G 79 24.88 14.71 37.67
C VAL G 79 23.84 14.06 38.60
N LEU G 80 23.10 13.10 38.06
CA LEU G 80 21.89 12.62 38.69
C LEU G 80 21.89 11.11 38.89
N PRO G 81 21.26 10.62 39.98
CA PRO G 81 21.17 9.18 40.18
C PRO G 81 20.21 8.53 39.17
N CYS G 82 20.60 7.38 38.62
CA CYS G 82 19.66 6.57 37.87
C CYS G 82 20.05 5.11 37.74
N ASP G 83 19.43 4.30 38.59
CA ASP G 83 19.49 2.85 38.51
C ASP G 83 18.31 2.35 37.68
N VAL G 84 18.63 1.85 36.48
CA VAL G 84 17.60 1.52 35.49
C VAL G 84 16.77 0.26 35.87
N ILE G 85 17.06 -0.32 37.02
CA ILE G 85 16.19 -1.32 37.63
C ILE G 85 14.85 -0.67 38.06
N SER G 86 14.89 0.63 38.30
CA SER G 86 13.78 1.33 38.94
C SER G 86 13.03 2.27 37.97
N ASP G 87 11.78 1.96 37.68
CA ASP G 87 10.91 2.89 36.94
C ASP G 87 10.83 4.27 37.59
N GLN G 88 10.76 4.32 38.93
CA GLN G 88 10.66 5.60 39.62
C GLN G 88 11.90 6.48 39.39
N GLU G 89 13.10 5.93 39.62
CA GLU G 89 14.35 6.68 39.38
C GLU G 89 14.44 7.17 37.95
N ILE G 90 14.00 6.38 36.99
CA ILE G 90 14.03 6.80 35.58
C ILE G 90 13.07 7.99 35.35
N LYS G 91 11.89 7.93 35.99
CA LYS G 91 10.91 8.99 35.87
C LYS G 91 11.47 10.26 36.52
N ASP G 92 12.07 10.11 37.71
CA ASP G 92 12.61 11.24 38.46
C ASP G 92 13.79 11.89 37.74
N LEU G 93 14.50 11.09 36.94
CA LEU G 93 15.64 11.60 36.23
C LEU G 93 15.19 12.69 35.27
N PHE G 94 14.09 12.44 34.57
CA PHE G 94 13.59 13.41 33.62
C PHE G 94 12.84 14.59 34.25
N VAL G 95 12.22 14.37 35.39
CA VAL G 95 11.70 15.48 36.19
C VAL G 95 12.83 16.46 36.58
N GLU G 96 13.94 15.95 37.12
CA GLU G 96 15.06 16.78 37.56
C GLU G 96 15.78 17.45 36.40
N LEU G 97 15.94 16.69 35.33
CA LEU G 97 16.59 17.18 34.15
C LEU G 97 15.75 18.27 33.50
N GLY G 98 14.43 18.10 33.51
CA GLY G 98 13.49 19.10 32.98
C GLY G 98 13.49 20.40 33.76
N LYS G 99 14.08 20.39 34.95
CA LYS G 99 14.23 21.61 35.76
C LYS G 99 15.43 22.45 35.28
N VAL G 100 16.46 21.82 34.71
CA VAL G 100 17.58 22.60 34.17
C VAL G 100 17.47 22.85 32.66
N TRP G 101 16.84 21.94 31.91
CA TRP G 101 16.76 22.08 30.45
C TRP G 101 15.33 22.11 30.00
N ASP G 102 15.03 22.88 28.96
CA ASP G 102 13.66 22.93 28.46
C ASP G 102 13.34 21.73 27.59
N GLY G 103 14.23 21.44 26.64
CA GLY G 103 14.17 20.20 25.88
C GLY G 103 15.45 19.39 26.02
N LEU G 104 15.45 18.21 25.41
CA LEU G 104 16.59 17.31 25.43
C LEU G 104 16.93 16.94 24.00
N ASP G 105 18.21 17.01 23.66
CA ASP G 105 18.63 16.62 22.30
C ASP G 105 18.98 15.13 22.14
N ALA G 106 19.64 14.54 23.12
CA ALA G 106 20.06 13.15 22.96
C ALA G 106 20.15 12.38 24.26
N ILE G 107 19.90 11.08 24.16
CA ILE G 107 20.19 10.16 25.21
C ILE G 107 21.23 9.17 24.72
N VAL G 108 22.30 9.02 25.47
CA VAL G 108 23.30 7.97 25.18
C VAL G 108 23.13 6.86 26.21
N HIS G 109 22.78 5.66 25.73
CA HIS G 109 22.64 4.48 26.57
C HIS G 109 23.93 3.71 26.46
N SER G 110 24.67 3.61 27.57
CA SER G 110 25.95 2.88 27.59
C SER G 110 26.00 2.07 28.90
N ILE G 111 25.02 1.16 29.02
CA ILE G 111 24.73 0.41 30.23
C ILE G 111 24.50 -1.06 29.87
N ALA G 112 25.15 -1.97 30.58
CA ALA G 112 24.84 -3.39 30.50
C ALA G 112 25.14 -4.05 31.82
N PHE G 113 24.41 -5.13 32.09
CA PHE G 113 24.64 -6.00 33.25
C PHE G 113 23.99 -7.36 33.06
N ALA G 114 24.75 -8.40 33.41
CA ALA G 114 24.25 -9.73 33.64
C ALA G 114 25.02 -10.24 34.86
N PRO G 115 24.38 -11.06 35.70
CA PRO G 115 25.13 -11.65 36.82
C PRO G 115 26.34 -12.41 36.31
N ARG G 116 27.41 -12.33 37.08
CA ARG G 116 28.69 -13.01 36.81
C ARG G 116 28.56 -14.44 36.31
N ASP G 117 27.67 -15.23 36.92
CA ASP G 117 27.49 -16.63 36.54
C ASP G 117 26.91 -16.85 35.11
N GLN G 118 26.35 -15.79 34.54
CA GLN G 118 25.77 -15.88 33.20
C GLN G 118 26.83 -15.71 32.13
N LEU G 119 28.10 -15.58 32.53
CA LEU G 119 29.12 -15.08 31.61
C LEU G 119 30.38 -15.90 31.41
N GLU G 120 30.45 -17.10 31.96
CA GLU G 120 31.53 -17.95 31.48
C GLU G 120 31.09 -19.41 31.38
N GLY G 121 31.80 -20.19 30.59
CA GLY G 121 31.44 -21.59 30.36
C GLY G 121 30.32 -21.78 29.35
N ASN G 122 29.74 -22.98 29.38
CA ASN G 122 28.76 -23.42 28.42
C ASN G 122 27.46 -22.63 28.60
N PHE G 123 26.96 -22.01 27.52
CA PHE G 123 25.71 -21.24 27.62
C PHE G 123 24.57 -21.96 28.33
N ILE G 124 24.27 -23.17 27.88
CA ILE G 124 23.18 -23.97 28.43
C ILE G 124 23.39 -24.41 29.90
N ASP G 125 24.60 -24.85 30.27
CA ASP G 125 24.95 -25.08 31.68
C ASP G 125 24.73 -23.87 32.58
N CYS G 126 25.12 -22.69 32.10
CA CYS G 126 25.14 -21.49 32.95
C CYS G 126 23.87 -20.63 32.94
N VAL G 127 23.15 -20.58 31.82
CA VAL G 127 21.93 -19.73 31.74
C VAL G 127 20.92 -20.09 32.83
N THR G 128 20.38 -19.07 33.53
CA THR G 128 19.29 -19.31 34.47
C THR G 128 18.11 -18.39 34.14
N ARG G 129 16.90 -18.78 34.57
CA ARG G 129 15.72 -17.95 34.34
C ARG G 129 15.92 -16.51 34.82
N GLU G 130 16.40 -16.38 36.06
CA GLU G 130 16.61 -15.09 36.70
C GLU G 130 17.74 -14.27 36.07
N GLY G 131 18.88 -14.91 35.80
CA GLY G 131 20.00 -14.24 35.15
C GLY G 131 19.67 -13.72 33.75
N PHE G 132 18.91 -14.52 33.02
CA PHE G 132 18.33 -14.15 31.72
C PHE G 132 17.43 -12.91 31.88
N SER G 133 16.56 -12.95 32.88
CA SER G 133 15.62 -11.87 33.12
C SER G 133 16.31 -10.54 33.45
N ILE G 134 17.33 -10.61 34.33
CA ILE G 134 18.02 -9.44 34.83
C ILE G 134 18.84 -8.84 33.68
N ALA G 135 19.59 -9.68 32.95
CA ALA G 135 20.40 -9.21 31.83
C ALA G 135 19.52 -8.42 30.84
N HIS G 136 18.34 -8.95 30.51
CA HIS G 136 17.46 -8.28 29.55
C HIS G 136 16.91 -7.02 30.14
N ASP G 137 16.55 -7.10 31.43
CA ASP G 137 15.95 -5.97 32.13
C ASP G 137 16.86 -4.73 32.07
N ILE G 138 18.13 -4.93 32.41
CA ILE G 138 19.07 -3.84 32.57
C ILE G 138 19.75 -3.51 31.27
N SER G 139 19.94 -4.52 30.42
CA SER G 139 20.71 -4.32 29.19
C SER G 139 19.87 -3.95 27.98
N ALA G 140 18.58 -4.25 28.01
CA ALA G 140 17.72 -4.04 26.85
C ALA G 140 16.49 -3.22 27.17
N TYR G 141 15.68 -3.68 28.13
CA TYR G 141 14.46 -2.97 28.45
C TYR G 141 14.75 -1.52 28.82
N SER G 142 15.87 -1.33 29.51
CA SER G 142 16.23 0.00 30.03
C SER G 142 16.31 1.05 28.94
N PHE G 143 16.73 0.64 27.73
CA PHE G 143 16.75 1.56 26.58
C PHE G 143 15.35 2.11 26.25
N ALA G 144 14.34 1.24 26.26
CA ALA G 144 12.96 1.64 25.96
C ALA G 144 12.40 2.48 27.08
N ALA G 145 12.83 2.19 28.31
CA ALA G 145 12.37 2.90 29.48
C ALA G 145 12.82 4.36 29.41
N LEU G 146 14.09 4.57 29.06
CA LEU G 146 14.65 5.92 28.88
C LEU G 146 13.89 6.61 27.76
N ALA G 147 13.62 5.87 26.69
CA ALA G 147 12.89 6.41 25.55
C ALA G 147 11.49 6.85 25.99
N LYS G 148 10.85 6.03 26.80
CA LYS G 148 9.51 6.26 27.27
C LYS G 148 9.41 7.53 28.12
N GLU G 149 10.38 7.72 29.01
CA GLU G 149 10.33 8.87 29.91
C GLU G 149 10.98 10.14 29.35
N GLY G 150 11.85 9.99 28.36
CA GLY G 150 12.53 11.15 27.77
C GLY G 150 11.82 11.70 26.54
N ARG G 151 10.90 10.92 26.01
CA ARG G 151 10.18 11.26 24.78
C ARG G 151 9.66 12.70 24.70
N SER G 152 8.93 13.16 25.71
CA SER G 152 8.34 14.49 25.64
C SER G 152 9.37 15.64 25.62
N MET G 153 10.50 15.48 26.28
CA MET G 153 11.56 16.50 26.19
C MET G 153 12.30 16.49 24.82
N MET G 154 12.16 15.38 24.08
CA MET G 154 12.87 15.15 22.82
C MET G 154 12.06 15.46 21.57
N LYS G 155 10.75 15.57 21.73
CA LYS G 155 9.83 15.88 20.62
C LYS G 155 10.37 16.99 19.75
N ASN G 156 10.37 16.75 18.43
CA ASN G 156 10.52 17.78 17.40
C ASN G 156 11.73 18.73 17.48
N ARG G 157 12.92 18.16 17.60
CA ARG G 157 14.11 18.97 17.61
C ARG G 157 15.27 18.17 17.03
N ASN G 158 14.97 17.30 16.05
CA ASN G 158 15.97 16.38 15.53
C ASN G 158 16.75 15.74 16.68
N ALA G 159 16.02 15.12 17.61
CA ALA G 159 16.65 14.47 18.74
C ALA G 159 17.26 13.10 18.35
N SER G 160 18.06 12.54 19.28
CA SER G 160 18.82 11.31 19.01
C SER G 160 18.86 10.38 20.23
N MET G 161 18.81 9.08 19.97
CA MET G 161 19.24 8.10 20.95
C MET G 161 20.31 7.22 20.31
N VAL G 162 21.26 6.78 21.14
CA VAL G 162 22.29 5.86 20.70
C VAL G 162 22.55 4.85 21.79
N ALA G 163 22.50 3.55 21.44
CA ALA G 163 22.82 2.50 22.40
C ALA G 163 24.15 1.83 21.98
N LEU G 164 24.88 1.33 22.96
CA LEU G 164 26.10 0.55 22.69
C LEU G 164 25.80 -0.92 22.70
N THR G 165 26.25 -1.61 21.65
CA THR G 165 25.98 -3.04 21.49
C THR G 165 27.28 -3.79 21.12
N TYR G 166 27.19 -5.11 20.92
CA TYR G 166 28.35 -5.93 20.64
C TYR G 166 27.94 -7.06 19.71
N ILE G 167 28.89 -7.59 18.96
CA ILE G 167 28.61 -8.52 17.87
C ILE G 167 28.15 -9.89 18.39
N GLY G 168 28.35 -10.14 19.69
CA GLY G 168 27.72 -11.25 20.42
C GLY G 168 26.20 -11.28 20.25
N ALA G 169 25.60 -10.16 19.87
CA ALA G 169 24.15 -10.13 19.51
C ALA G 169 23.87 -10.93 18.25
N GLU G 170 24.76 -10.83 17.27
CA GLU G 170 24.56 -11.42 15.93
C GLU G 170 25.06 -12.87 15.79
N LYS G 171 26.10 -13.21 16.56
CA LYS G 171 26.78 -14.51 16.47
C LYS G 171 26.93 -15.19 17.85
N ALA G 172 26.97 -16.51 17.85
CA ALA G 172 27.20 -17.22 19.08
C ALA G 172 28.72 -17.20 19.34
N MET G 173 29.11 -16.64 20.47
CA MET G 173 30.49 -16.49 20.87
C MET G 173 30.73 -17.20 22.20
N PRO G 174 31.98 -17.62 22.46
CA PRO G 174 32.23 -18.21 23.78
C PRO G 174 32.07 -17.15 24.88
N SER G 175 31.68 -17.58 26.08
CA SER G 175 31.54 -16.73 27.27
C SER G 175 30.44 -15.64 27.26
N TYR G 176 30.23 -14.98 26.15
CA TYR G 176 29.33 -13.83 26.14
C TYR G 176 27.90 -14.24 26.48
N ASN G 177 27.53 -15.44 26.05
CA ASN G 177 26.35 -16.15 26.56
C ASN G 177 25.10 -15.28 26.68
N THR G 178 24.60 -15.16 27.92
CA THR G 178 23.35 -14.47 28.18
C THR G 178 23.44 -13.02 27.74
N MET G 179 24.62 -12.43 27.85
CA MET G 179 24.77 -11.05 27.35
C MET G 179 24.55 -10.94 25.86
N GLY G 180 24.89 -11.99 25.12
CA GLY G 180 24.72 -12.02 23.67
C GLY G 180 23.24 -11.95 23.36
N VAL G 181 22.48 -12.72 24.11
CA VAL G 181 21.04 -12.79 23.89
C VAL G 181 20.44 -11.41 24.21
N ALA G 182 20.85 -10.84 25.35
CA ALA G 182 20.36 -9.54 25.76
C ALA G 182 20.73 -8.48 24.73
N LYS G 183 21.95 -8.55 24.22
CA LYS G 183 22.29 -7.59 23.16
C LYS G 183 21.37 -7.69 21.92
N ALA G 184 20.93 -8.92 21.60
CA ALA G 184 20.09 -9.16 20.45
C ALA G 184 18.73 -8.51 20.69
N SER G 185 18.27 -8.65 21.92
CA SER G 185 17.08 -8.00 22.44
C SER G 185 17.21 -6.46 22.42
N LEU G 186 18.40 -5.99 22.81
CA LEU G 186 18.68 -4.53 22.71
C LEU G 186 18.60 -4.00 21.28
N GLU G 187 19.21 -4.72 20.32
CA GLU G 187 19.22 -4.21 18.94
C GLU G 187 17.81 -4.14 18.30
N ALA G 188 16.94 -5.06 18.70
CA ALA G 188 15.57 -5.12 18.21
C ALA G 188 14.80 -4.00 18.85
N THR G 189 15.05 -3.77 20.14
CA THR G 189 14.49 -2.62 20.86
C THR G 189 14.87 -1.30 20.17
N VAL G 190 16.13 -1.15 19.81
CA VAL G 190 16.56 0.02 19.00
C VAL G 190 15.72 0.22 17.71
N ARG G 191 15.46 -0.88 17.00
CA ARG G 191 14.67 -0.79 15.78
C ARG G 191 13.21 -0.42 16.07
N TYR G 192 12.58 -1.10 17.04
CA TYR G 192 11.18 -0.78 17.37
C TYR G 192 11.06 0.61 17.99
N THR G 193 12.09 1.02 18.74
CA THR G 193 12.14 2.40 19.27
C THR G 193 12.27 3.39 18.12
N ALA G 194 13.07 3.03 17.09
CA ALA G 194 13.26 3.90 15.94
C ALA G 194 11.92 4.09 15.21
N LEU G 195 11.14 3.02 15.12
CA LEU G 195 9.88 3.07 14.45
C LEU G 195 8.91 3.91 15.27
N ALA G 196 8.89 3.70 16.58
CA ALA G 196 7.96 4.38 17.49
C ALA G 196 8.21 5.87 17.64
N LEU G 197 9.48 6.28 17.57
CA LEU G 197 9.86 7.68 17.86
C LEU G 197 10.09 8.56 16.63
N GLY G 198 10.16 7.95 15.45
CA GLY G 198 10.56 8.67 14.26
C GLY G 198 9.55 9.74 13.82
N GLU G 199 8.30 9.55 14.16
CA GLU G 199 7.33 10.57 13.87
C GLU G 199 7.50 11.84 14.72
N ASP G 200 8.22 11.74 15.84
CA ASP G 200 8.64 12.91 16.63
C ASP G 200 10.00 13.45 16.21
N GLY G 201 10.49 13.00 15.05
CA GLY G 201 11.80 13.40 14.54
C GLY G 201 13.00 12.83 15.30
N ILE G 202 12.80 11.77 16.08
CA ILE G 202 13.88 11.25 16.93
C ILE G 202 14.59 10.12 16.20
N LYS G 203 15.90 10.24 16.04
CA LYS G 203 16.62 9.13 15.40
C LYS G 203 17.25 8.22 16.45
N VAL G 204 17.30 6.93 16.17
CA VAL G 204 17.59 5.93 17.19
C VAL G 204 18.48 4.91 16.57
N ASN G 205 19.68 4.73 17.13
CA ASN G 205 20.71 3.91 16.50
C ASN G 205 21.56 3.25 17.53
N ALA G 206 22.46 2.39 17.07
CA ALA G 206 23.35 1.67 17.96
C ALA G 206 24.72 1.68 17.38
N VAL G 207 25.72 1.59 18.26
CA VAL G 207 27.11 1.48 17.82
C VAL G 207 27.63 0.16 18.36
N SER G 208 28.09 -0.69 17.46
CA SER G 208 28.56 -2.02 17.84
C SER G 208 30.07 -1.92 18.03
N ALA G 209 30.51 -1.82 19.27
CA ALA G 209 31.96 -1.66 19.50
C ALA G 209 32.72 -2.97 19.47
N GLY G 210 33.93 -2.95 18.92
CA GLY G 210 34.90 -4.03 19.18
C GLY G 210 35.21 -4.05 20.66
N PRO G 211 35.79 -5.15 21.16
CA PRO G 211 36.17 -5.25 22.60
C PRO G 211 37.16 -4.18 23.00
N ILE G 212 36.97 -3.62 24.20
CA ILE G 212 37.84 -2.60 24.79
C ILE G 212 37.99 -2.96 26.26
N LYS G 213 39.21 -2.80 26.79
CA LYS G 213 39.48 -3.14 28.18
C LYS G 213 38.92 -2.06 29.10
N THR G 214 37.68 -2.25 29.55
CA THR G 214 36.99 -1.32 30.45
C THR G 214 36.68 -2.14 31.69
N LEU G 215 36.01 -1.54 32.68
CA LEU G 215 35.54 -2.28 33.85
C LEU G 215 34.60 -3.45 33.51
N ALA G 216 33.91 -3.37 32.37
CA ALA G 216 33.11 -4.52 31.88
C ALA G 216 33.97 -5.76 31.60
N ALA G 217 35.24 -5.54 31.29
CA ALA G 217 36.17 -6.61 31.03
C ALA G 217 36.70 -7.27 32.30
N SER G 218 36.50 -6.63 33.44
CA SER G 218 37.19 -7.06 34.67
C SER G 218 36.82 -8.46 35.18
N GLY G 219 35.59 -8.92 34.94
CA GLY G 219 35.24 -10.29 35.30
C GLY G 219 35.81 -11.37 34.39
N ILE G 220 36.12 -10.99 33.15
CA ILE G 220 36.33 -11.91 32.04
C ILE G 220 37.77 -12.35 31.95
N SER G 221 38.04 -13.62 32.22
CA SER G 221 39.44 -14.08 32.13
C SER G 221 39.89 -14.19 30.67
N ASN G 222 41.18 -13.95 30.45
CA ASN G 222 41.81 -13.78 29.11
C ASN G 222 41.08 -12.84 28.15
N PHE G 223 40.79 -11.64 28.62
CA PHE G 223 40.18 -10.65 27.80
C PHE G 223 41.23 -10.14 26.83
N LYS G 224 42.46 -10.01 27.33
CA LYS G 224 43.60 -9.61 26.53
C LYS G 224 43.77 -10.51 25.29
N LYS G 225 43.57 -11.81 25.47
CA LYS G 225 43.57 -12.76 24.37
C LYS G 225 42.49 -12.45 23.33
N MET G 226 41.24 -12.23 23.78
CA MET G 226 40.17 -11.86 22.85
C MET G 226 40.57 -10.61 22.08
N LEU G 227 41.22 -9.71 22.78
CA LEU G 227 41.61 -8.44 22.22
C LEU G 227 42.69 -8.66 21.15
N ASP G 228 43.68 -9.50 21.48
CA ASP G 228 44.73 -9.85 20.54
C ASP G 228 44.20 -10.55 19.30
N TYR G 229 43.30 -11.52 19.49
CA TYR G 229 42.60 -12.15 18.37
C TYR G 229 41.90 -11.11 17.49
N ASN G 230 41.14 -10.20 18.09
CA ASN G 230 40.52 -9.13 17.29
C ASN G 230 41.52 -8.36 16.43
N ALA G 231 42.67 -8.00 17.02
CA ALA G 231 43.65 -7.23 16.30
C ALA G 231 44.27 -8.06 15.16
N MET G 232 44.39 -9.37 15.38
CA MET G 232 45.01 -10.25 14.38
C MET G 232 44.11 -10.44 13.16
N VAL G 233 42.83 -10.55 13.42
CA VAL G 233 41.90 -11.00 12.42
C VAL G 233 41.21 -9.83 11.68
N SER G 234 41.07 -8.69 12.34
CA SER G 234 40.46 -7.52 11.73
C SER G 234 41.23 -6.97 10.51
N PRO G 235 40.51 -6.42 9.51
CA PRO G 235 41.15 -5.79 8.37
C PRO G 235 42.15 -4.71 8.79
N LEU G 236 41.84 -3.91 9.81
CA LEU G 236 42.74 -2.82 10.18
C LEU G 236 43.89 -3.18 11.15
N LYS G 237 43.93 -4.42 11.61
CA LYS G 237 45.09 -4.91 12.39
C LYS G 237 45.31 -4.08 13.65
N LYS G 238 44.24 -3.81 14.40
CA LYS G 238 44.31 -2.99 15.59
C LYS G 238 43.03 -3.17 16.39
N ASN G 239 43.07 -2.68 17.63
CA ASN G 239 41.92 -2.65 18.51
C ASN G 239 41.34 -1.26 18.48
N VAL G 240 40.02 -1.14 18.54
CA VAL G 240 39.42 0.20 18.64
C VAL G 240 39.64 0.76 20.05
N ASP G 241 39.52 2.07 20.18
CA ASP G 241 39.58 2.73 21.47
C ASP G 241 38.33 3.58 21.71
N ILE G 242 38.22 4.11 22.93
CA ILE G 242 37.02 4.81 23.35
C ILE G 242 36.74 6.06 22.52
N MET G 243 37.79 6.69 22.00
CA MET G 243 37.64 7.84 21.09
C MET G 243 37.02 7.51 19.72
N GLU G 244 37.45 6.40 19.14
CA GLU G 244 36.81 5.93 17.94
C GLU G 244 35.33 5.68 18.12
N VAL G 245 34.97 5.06 19.25
CA VAL G 245 33.59 4.80 19.53
C VAL G 245 32.88 6.14 19.82
N GLY G 246 33.48 6.93 20.72
CA GLY G 246 32.99 8.23 21.13
C GLY G 246 32.68 9.17 19.99
N ASN G 247 33.63 9.31 19.08
CA ASN G 247 33.42 10.11 17.90
C ASN G 247 32.23 9.67 17.06
N THR G 248 32.03 8.35 16.96
CA THR G 248 30.94 7.83 16.16
C THR G 248 29.61 8.11 16.83
N VAL G 249 29.53 7.87 18.13
CA VAL G 249 28.33 8.19 18.90
C VAL G 249 28.01 9.67 18.75
N ALA G 250 29.03 10.53 18.91
CA ALA G 250 28.86 11.95 18.72
C ALA G 250 28.21 12.25 17.36
N PHE G 251 28.82 11.71 16.29
CA PHE G 251 28.30 11.90 14.95
C PHE G 251 26.82 11.55 14.86
N LEU G 252 26.46 10.41 15.45
CA LEU G 252 25.09 9.91 15.44
C LEU G 252 24.10 10.77 16.22
N CYS G 253 24.60 11.73 17.00
CA CYS G 253 23.74 12.71 17.63
C CYS G 253 23.79 14.09 16.96
N SER G 254 24.36 14.18 15.75
CA SER G 254 24.48 15.48 15.09
C SER G 254 23.45 15.66 13.98
N ASP G 255 23.29 16.90 13.52
CA ASP G 255 22.37 17.18 12.39
C ASP G 255 22.85 16.57 11.07
N MET G 256 24.11 16.12 11.06
CA MET G 256 24.70 15.50 9.89
C MET G 256 24.13 14.10 9.70
N ALA G 257 23.67 13.48 10.78
CA ALA G 257 23.18 12.11 10.68
C ALA G 257 21.66 12.01 10.61
N THR G 258 20.96 13.10 10.26
CA THR G 258 19.51 13.08 10.30
C THR G 258 18.86 12.08 9.34
N GLY G 259 19.63 11.44 8.48
CA GLY G 259 19.09 10.45 7.56
C GLY G 259 19.23 9.02 8.06
N ILE G 260 19.82 8.86 9.25
CA ILE G 260 20.17 7.54 9.79
C ILE G 260 19.34 7.20 11.04
N THR G 261 18.62 6.07 10.99
CA THR G 261 17.90 5.62 12.18
C THR G 261 17.68 4.12 12.05
N GLY G 262 17.46 3.47 13.16
CA GLY G 262 17.38 2.03 13.18
C GLY G 262 18.66 1.32 12.77
N GLU G 263 19.79 2.01 12.82
CA GLU G 263 21.01 1.43 12.26
C GLU G 263 21.98 0.90 13.34
N VAL G 264 22.79 -0.11 13.00
CA VAL G 264 23.93 -0.57 13.83
C VAL G 264 25.25 -0.28 13.10
N VAL G 265 26.05 0.64 13.61
CA VAL G 265 27.32 0.98 12.98
C VAL G 265 28.43 0.26 13.73
N HIS G 266 29.15 -0.65 13.08
CA HIS G 266 30.24 -1.39 13.75
C HIS G 266 31.44 -0.54 13.84
N VAL G 267 31.89 -0.28 15.05
CA VAL G 267 33.18 0.41 15.22
C VAL G 267 34.11 -0.63 15.85
N ASP G 268 34.73 -1.44 14.99
CA ASP G 268 35.40 -2.62 15.48
C ASP G 268 36.61 -2.98 14.64
N ALA G 269 37.19 -1.98 13.99
CA ALA G 269 38.35 -2.18 13.09
C ALA G 269 38.01 -3.17 11.95
N GLY G 270 36.71 -3.33 11.64
CA GLY G 270 36.27 -4.22 10.56
C GLY G 270 36.09 -5.69 10.93
N TYR G 271 36.27 -6.04 12.21
CA TYR G 271 36.02 -7.42 12.66
C TYR G 271 34.78 -8.06 12.03
N HIS G 272 33.68 -7.29 11.95
CA HIS G 272 32.38 -7.82 11.55
C HIS G 272 32.31 -8.38 10.16
N CYS G 273 33.12 -7.87 9.24
CA CYS G 273 33.00 -8.24 7.82
C CYS G 273 33.93 -9.37 7.38
N VAL G 274 34.77 -9.90 8.27
CA VAL G 274 35.69 -10.97 7.90
C VAL G 274 35.28 -12.36 8.40
N SER G 275 35.68 -13.39 7.68
CA SER G 275 35.53 -14.75 8.19
C SER G 275 36.84 -15.49 7.93
N MET G 276 37.23 -16.41 8.81
CA MET G 276 38.45 -17.19 8.57
C MET G 276 39.72 -16.33 8.39
N GLY G 277 39.72 -15.20 9.09
CA GLY G 277 40.78 -14.24 9.04
C GLY G 277 42.05 -14.73 9.73
N ASN G 278 41.97 -15.84 10.44
CA ASN G 278 43.14 -16.35 11.14
C ASN G 278 43.93 -17.39 10.35
N VAL G 279 43.38 -17.80 9.20
CA VAL G 279 43.96 -18.93 8.46
C VAL G 279 44.98 -18.46 7.43
N LEU G 280 46.15 -19.09 7.51
CA LEU G 280 47.36 -18.67 6.86
C LEU G 280 47.30 -18.89 5.35
N GLY H 22 37.54 22.57 10.23
CA GLY H 22 36.81 21.45 9.55
C GLY H 22 37.44 20.10 9.89
N PHE H 23 36.64 19.03 10.02
CA PHE H 23 37.18 17.72 10.39
C PHE H 23 37.81 16.97 9.20
N LEU H 24 37.85 17.61 8.03
CA LEU H 24 38.61 17.10 6.89
C LEU H 24 39.73 18.04 6.45
N ALA H 25 40.11 18.97 7.33
CA ALA H 25 41.12 19.97 7.00
C ALA H 25 42.39 19.36 6.46
N GLY H 26 42.78 19.76 5.25
CA GLY H 26 44.04 19.30 4.68
C GLY H 26 43.97 18.00 3.91
N LYS H 27 42.92 17.20 4.13
CA LYS H 27 42.80 15.91 3.45
C LYS H 27 42.55 16.06 1.95
N LYS H 28 43.27 15.25 1.16
CA LYS H 28 43.16 15.29 -0.29
C LYS H 28 42.25 14.16 -0.74
N ILE H 29 41.14 14.55 -1.35
CA ILE H 29 40.07 13.60 -1.65
C ILE H 29 39.65 13.70 -3.09
N LEU H 30 39.63 12.53 -3.76
CA LEU H 30 39.15 12.39 -5.12
C LEU H 30 37.67 12.00 -5.10
N ILE H 31 36.85 12.77 -5.83
CA ILE H 31 35.42 12.53 -5.98
C ILE H 31 35.07 12.19 -7.43
N THR H 32 34.52 11.00 -7.63
CA THR H 32 34.01 10.61 -8.93
C THR H 32 32.48 10.83 -8.97
N GLY H 33 31.91 10.81 -10.16
CA GLY H 33 30.46 10.80 -10.28
C GLY H 33 29.75 12.14 -10.23
N LEU H 34 30.47 13.27 -10.19
CA LEU H 34 29.78 14.56 -10.17
C LEU H 34 29.27 14.92 -11.53
N LEU H 35 27.95 15.02 -11.68
CA LEU H 35 27.38 15.18 -13.02
C LEU H 35 26.39 16.34 -13.13
N SER H 36 25.62 16.56 -12.06
CA SER H 36 24.77 17.75 -12.01
C SER H 36 24.78 18.23 -10.56
N ASN H 37 24.10 19.35 -10.28
CA ASN H 37 23.95 19.84 -8.92
C ASN H 37 22.93 19.04 -8.13
N LYS H 38 22.33 18.03 -8.79
CA LYS H 38 21.49 17.02 -8.10
C LYS H 38 22.28 15.78 -7.67
N SER H 39 23.43 15.54 -8.30
CA SER H 39 24.28 14.37 -7.99
C SER H 39 24.54 14.19 -6.52
N ILE H 40 24.46 12.97 -6.04
CA ILE H 40 24.92 12.65 -4.69
C ILE H 40 26.36 13.20 -4.50
N ALA H 41 27.17 13.10 -5.53
CA ALA H 41 28.55 13.62 -5.49
C ALA H 41 28.64 15.12 -5.26
N TYR H 42 27.61 15.85 -5.70
CA TYR H 42 27.53 17.28 -5.44
C TYR H 42 27.37 17.53 -3.94
N GLY H 43 26.44 16.79 -3.32
CA GLY H 43 26.26 16.83 -1.90
C GLY H 43 27.52 16.42 -1.16
N ILE H 44 28.22 15.41 -1.66
CA ILE H 44 29.46 14.95 -0.99
C ILE H 44 30.48 16.07 -1.06
N ALA H 45 30.58 16.69 -2.24
CA ALA H 45 31.51 17.77 -2.44
C ALA H 45 31.23 18.94 -1.49
N LYS H 46 29.98 19.42 -1.46
CA LYS H 46 29.62 20.49 -0.53
C LYS H 46 30.06 20.20 0.88
N ALA H 47 29.73 19.01 1.35
CA ALA H 47 30.06 18.62 2.72
C ALA H 47 31.58 18.60 2.96
N MET H 48 32.34 18.07 2.00
CA MET H 48 33.78 17.95 2.20
C MET H 48 34.46 19.30 2.10
N HIS H 49 33.97 20.15 1.20
CA HIS H 49 34.50 21.52 1.03
C HIS H 49 34.27 22.30 2.30
N ARG H 50 33.04 22.23 2.83
CA ARG H 50 32.71 22.84 4.12
C ARG H 50 33.64 22.37 5.23
N GLU H 51 34.06 21.12 5.20
CA GLU H 51 34.92 20.59 6.25
C GLU H 51 36.40 20.73 5.97
N GLY H 52 36.73 21.49 4.91
CA GLY H 52 38.11 21.88 4.61
C GLY H 52 38.97 20.88 3.87
N ALA H 53 38.34 19.93 3.18
CA ALA H 53 39.06 19.04 2.27
C ALA H 53 39.54 19.78 1.01
N GLU H 54 40.68 19.34 0.48
CA GLU H 54 41.07 19.66 -0.89
C GLU H 54 40.58 18.60 -1.85
N LEU H 55 39.88 19.04 -2.88
CA LEU H 55 39.13 18.16 -3.72
C LEU H 55 39.66 18.04 -5.14
N ALA H 56 39.51 16.84 -5.72
CA ALA H 56 39.78 16.59 -7.14
C ALA H 56 38.56 15.91 -7.74
N PHE H 57 38.31 16.10 -9.03
CA PHE H 57 37.13 15.52 -9.62
C PHE H 57 37.42 14.81 -10.92
N THR H 58 36.62 13.79 -11.22
CA THR H 58 36.69 13.11 -12.50
C THR H 58 35.39 13.29 -13.30
N TYR H 59 35.49 13.04 -14.59
CA TYR H 59 34.34 13.13 -15.49
C TYR H 59 34.51 12.11 -16.62
N VAL H 60 33.39 11.73 -17.25
CA VAL H 60 33.46 10.89 -18.44
C VAL H 60 33.46 11.80 -19.67
N GLY H 61 34.33 11.44 -20.62
CA GLY H 61 34.61 12.17 -21.87
C GLY H 61 33.80 13.41 -22.19
N GLN H 62 32.57 13.20 -22.62
CA GLN H 62 31.71 14.28 -23.17
C GLN H 62 31.43 15.44 -22.23
N PHE H 63 31.51 15.20 -20.92
CA PHE H 63 31.01 16.13 -19.93
C PHE H 63 32.06 17.04 -19.28
N LYS H 64 33.25 17.08 -19.86
CA LYS H 64 34.33 17.95 -19.40
C LYS H 64 33.91 19.36 -18.98
N ASP H 65 33.23 20.09 -19.87
CA ASP H 65 32.86 21.48 -19.60
C ASP H 65 31.80 21.61 -18.53
N ARG H 66 30.77 20.77 -18.63
CA ARG H 66 29.70 20.67 -17.61
C ARG H 66 30.33 20.52 -16.21
N VAL H 67 31.20 19.53 -16.06
CA VAL H 67 31.80 19.18 -14.78
C VAL H 67 32.74 20.26 -14.25
N GLU H 68 33.56 20.81 -15.13
CA GLU H 68 34.43 21.92 -14.77
C GLU H 68 33.70 23.13 -14.22
N LYS H 69 32.56 23.50 -14.82
CA LYS H 69 31.71 24.56 -14.28
C LYS H 69 31.17 24.17 -12.90
N LEU H 70 30.59 22.97 -12.80
CA LEU H 70 29.98 22.55 -11.53
C LEU H 70 30.97 22.58 -10.39
N CYS H 71 32.15 22.01 -10.60
CA CYS H 71 33.05 21.87 -9.46
C CYS H 71 33.96 23.08 -9.18
N ALA H 72 33.88 24.11 -10.02
CA ALA H 72 34.65 25.34 -9.84
C ALA H 72 34.48 25.94 -8.44
N GLU H 73 33.23 26.04 -7.99
CA GLU H 73 32.95 26.53 -6.62
C GLU H 73 33.73 25.80 -5.51
N PHE H 74 34.32 24.65 -5.80
CA PHE H 74 35.02 23.89 -4.78
C PHE H 74 36.53 23.99 -4.82
N ASN H 75 37.08 24.91 -5.61
CA ASN H 75 38.54 25.07 -5.64
C ASN H 75 39.27 23.78 -5.99
N PRO H 76 38.83 23.07 -7.04
CA PRO H 76 39.44 21.74 -7.24
C PRO H 76 40.92 21.82 -7.58
N ALA H 77 41.73 20.92 -7.00
CA ALA H 77 43.14 20.80 -7.36
C ALA H 77 43.35 20.22 -8.78
N ALA H 78 42.39 19.43 -9.24
CA ALA H 78 42.41 18.82 -10.57
C ALA H 78 40.99 18.44 -11.02
N VAL H 79 40.74 18.49 -12.31
CA VAL H 79 39.51 17.98 -12.87
C VAL H 79 39.97 17.13 -14.07
N LEU H 80 39.86 15.82 -13.92
CA LEU H 80 40.51 14.88 -14.80
C LEU H 80 39.54 13.88 -15.43
N PRO H 81 39.82 13.43 -16.66
CA PRO H 81 38.94 12.46 -17.30
C PRO H 81 39.09 11.10 -16.67
N CYS H 82 37.98 10.39 -16.45
CA CYS H 82 38.08 8.98 -16.11
C CYS H 82 36.83 8.19 -16.41
N ASP H 83 36.88 7.45 -17.53
CA ASP H 83 35.82 6.50 -17.88
C ASP H 83 36.27 5.13 -17.39
N VAL H 84 35.59 4.64 -16.34
CA VAL H 84 36.02 3.45 -15.62
C VAL H 84 35.87 2.15 -16.43
N ILE H 85 35.35 2.27 -17.65
CA ILE H 85 35.44 1.19 -18.63
C ILE H 85 36.90 0.89 -19.03
N SER H 86 37.77 1.88 -18.90
CA SER H 86 39.13 1.83 -19.40
C SER H 86 40.19 1.69 -18.31
N ASP H 87 40.92 0.58 -18.32
CA ASP H 87 42.07 0.42 -17.42
C ASP H 87 43.12 1.52 -17.59
N GLN H 88 43.38 1.90 -18.84
CA GLN H 88 44.34 2.97 -19.17
C GLN H 88 43.98 4.33 -18.55
N GLU H 89 42.75 4.81 -18.79
CA GLU H 89 42.26 6.05 -18.17
C GLU H 89 42.36 6.03 -16.63
N ILE H 90 42.04 4.90 -16.01
CA ILE H 90 42.15 4.79 -14.54
C ILE H 90 43.60 4.91 -14.12
N LYS H 91 44.49 4.22 -14.83
CA LYS H 91 45.92 4.29 -14.56
C LYS H 91 46.42 5.75 -14.72
N ASP H 92 46.01 6.40 -15.82
CA ASP H 92 46.42 7.78 -16.11
C ASP H 92 45.88 8.80 -15.13
N LEU H 93 44.70 8.51 -14.57
CA LEU H 93 44.12 9.35 -13.54
C LEU H 93 45.10 9.50 -12.37
N PHE H 94 45.66 8.40 -11.91
CA PHE H 94 46.57 8.45 -10.77
C PHE H 94 47.96 8.98 -11.10
N VAL H 95 48.40 8.80 -12.34
CA VAL H 95 49.63 9.46 -12.80
C VAL H 95 49.49 11.00 -12.79
N GLU H 96 48.40 11.54 -13.34
CA GLU H 96 48.14 12.98 -13.35
C GLU H 96 47.90 13.54 -11.95
N LEU H 97 47.11 12.81 -11.16
CA LEU H 97 46.85 13.20 -9.79
C LEU H 97 48.13 13.22 -8.97
N GLY H 98 49.02 12.24 -9.21
CA GLY H 98 50.32 12.16 -8.54
C GLY H 98 51.26 13.32 -8.83
N LYS H 99 50.96 14.07 -9.89
CA LYS H 99 51.73 15.27 -10.22
C LYS H 99 51.32 16.47 -9.38
N VAL H 100 50.08 16.51 -8.89
CA VAL H 100 49.66 17.62 -8.06
C VAL H 100 49.71 17.30 -6.57
N TRP H 101 49.46 16.05 -6.19
CA TRP H 101 49.48 15.62 -4.78
C TRP H 101 50.52 14.57 -4.53
N ASP H 102 51.17 14.61 -3.37
CA ASP H 102 52.15 13.59 -3.01
C ASP H 102 51.47 12.28 -2.58
N GLY H 103 50.53 12.40 -1.64
CA GLY H 103 49.67 11.30 -1.28
C GLY H 103 48.20 11.62 -1.54
N LEU H 104 47.35 10.62 -1.31
CA LEU H 104 45.91 10.74 -1.47
C LEU H 104 45.24 10.28 -0.18
N ASP H 105 44.31 11.09 0.35
CA ASP H 105 43.60 10.67 1.56
C ASP H 105 42.34 9.81 1.33
N ALA H 106 41.57 10.11 0.28
CA ALA H 106 40.32 9.36 0.06
C ALA H 106 39.88 9.28 -1.39
N ILE H 107 39.23 8.15 -1.71
CA ILE H 107 38.51 8.03 -2.97
C ILE H 107 37.03 7.89 -2.66
N VAL H 108 36.21 8.72 -3.31
CA VAL H 108 34.75 8.57 -3.26
C VAL H 108 34.27 8.02 -4.60
N HIS H 109 33.69 6.82 -4.56
CA HIS H 109 33.13 6.14 -5.73
C HIS H 109 31.63 6.41 -5.74
N SER H 110 31.16 7.13 -6.75
CA SER H 110 29.75 7.49 -6.83
C SER H 110 29.30 7.36 -8.26
N ILE H 111 29.43 6.12 -8.76
CA ILE H 111 29.32 5.79 -10.17
C ILE H 111 28.48 4.53 -10.28
N ALA H 112 27.50 4.55 -11.18
CA ALA H 112 26.77 3.34 -11.55
C ALA H 112 26.31 3.42 -12.99
N PHE H 113 26.12 2.27 -13.61
CA PHE H 113 25.55 2.18 -14.93
C PHE H 113 25.08 0.75 -15.24
N ALA H 114 23.87 0.66 -15.77
CA ALA H 114 23.38 -0.52 -16.48
C ALA H 114 22.61 -0.02 -17.70
N PRO H 115 22.65 -0.77 -18.82
CA PRO H 115 21.87 -0.37 -19.97
C PRO H 115 20.41 -0.24 -19.56
N ARG H 116 19.75 0.75 -20.13
CA ARG H 116 18.34 1.03 -19.94
C ARG H 116 17.43 -0.20 -19.91
N ASP H 117 17.64 -1.14 -20.83
CA ASP H 117 16.80 -2.35 -20.89
C ASP H 117 16.95 -3.29 -19.67
N GLN H 118 18.00 -3.08 -18.88
CA GLN H 118 18.26 -3.92 -17.71
C GLN H 118 17.44 -3.47 -16.50
N LEU H 119 16.58 -2.48 -16.70
CA LEU H 119 16.07 -1.70 -15.58
C LEU H 119 14.59 -1.51 -15.47
N GLU H 120 13.79 -2.08 -16.35
CA GLU H 120 12.39 -2.15 -16.01
C GLU H 120 11.77 -3.50 -16.38
N GLY H 121 10.59 -3.79 -15.83
CA GLY H 121 9.90 -5.04 -16.14
C GLY H 121 10.43 -6.24 -15.34
N ASN H 122 10.11 -7.44 -15.80
CA ASN H 122 10.47 -8.65 -15.12
C ASN H 122 11.99 -8.91 -15.21
N PHE H 123 12.63 -9.15 -14.07
CA PHE H 123 14.09 -9.40 -14.03
C PHE H 123 14.55 -10.43 -15.04
N ILE H 124 13.90 -11.59 -15.04
CA ILE H 124 14.30 -12.71 -15.90
C ILE H 124 14.03 -12.45 -17.39
N ASP H 125 12.89 -11.84 -17.72
CA ASP H 125 12.64 -11.37 -19.10
C ASP H 125 13.71 -10.41 -19.62
N CYS H 126 14.15 -9.47 -18.77
CA CYS H 126 14.96 -8.36 -19.22
C CYS H 126 16.48 -8.59 -19.11
N VAL H 127 16.91 -9.40 -18.14
CA VAL H 127 18.35 -9.60 -17.95
C VAL H 127 19.01 -10.15 -19.21
N THR H 128 20.16 -9.59 -19.62
CA THR H 128 20.95 -10.20 -20.71
C THR H 128 22.39 -10.44 -20.23
N ARG H 129 23.13 -11.33 -20.88
CA ARG H 129 24.51 -11.63 -20.52
C ARG H 129 25.36 -10.35 -20.55
N GLU H 130 25.17 -9.55 -21.60
CA GLU H 130 25.99 -8.37 -21.83
C GLU H 130 25.64 -7.24 -20.88
N GLY H 131 24.34 -7.00 -20.69
CA GLY H 131 23.84 -6.01 -19.75
C GLY H 131 24.23 -6.32 -18.32
N PHE H 132 24.22 -7.60 -17.98
CA PHE H 132 24.72 -8.08 -16.69
C PHE H 132 26.21 -7.75 -16.55
N SER H 133 26.95 -8.01 -17.62
CA SER H 133 28.40 -7.83 -17.62
C SER H 133 28.77 -6.37 -17.46
N ILE H 134 28.08 -5.52 -18.23
CA ILE H 134 28.38 -4.10 -18.26
C ILE H 134 28.05 -3.47 -16.89
N ALA H 135 26.88 -3.80 -16.36
CA ALA H 135 26.48 -3.27 -15.07
C ALA H 135 27.53 -3.60 -14.00
N HIS H 136 28.05 -4.82 -14.00
CA HIS H 136 29.02 -5.24 -12.97
C HIS H 136 30.31 -4.55 -13.21
N ASP H 137 30.67 -4.40 -14.48
CA ASP H 137 31.95 -3.81 -14.88
C ASP H 137 32.09 -2.39 -14.35
N ILE H 138 31.08 -1.59 -14.61
CA ILE H 138 31.05 -0.18 -14.29
C ILE H 138 30.62 0.11 -12.86
N SER H 139 29.73 -0.73 -12.33
CA SER H 139 29.12 -0.48 -11.02
C SER H 139 29.83 -1.12 -9.85
N ALA H 140 30.59 -2.19 -10.12
CA ALA H 140 31.21 -2.94 -9.04
C ALA H 140 32.72 -3.06 -9.26
N TYR H 141 33.14 -3.61 -10.41
CA TYR H 141 34.55 -3.81 -10.67
C TYR H 141 35.34 -2.51 -10.54
N SER H 142 34.73 -1.43 -11.02
CA SER H 142 35.41 -0.12 -11.07
C SER H 142 35.92 0.32 -9.71
N PHE H 143 35.20 -0.03 -8.64
CA PHE H 143 35.66 0.25 -7.29
C PHE H 143 37.01 -0.39 -6.96
N ALA H 144 37.18 -1.65 -7.35
CA ALA H 144 38.43 -2.35 -7.06
C ALA H 144 39.52 -1.80 -7.96
N ALA H 145 39.14 -1.37 -9.16
CA ALA H 145 40.11 -0.81 -10.09
C ALA H 145 40.70 0.50 -9.54
N LEU H 146 39.82 1.40 -9.07
CA LEU H 146 40.29 2.60 -8.38
C LEU H 146 41.17 2.25 -7.15
N ALA H 147 40.79 1.22 -6.43
CA ALA H 147 41.55 0.80 -5.26
C ALA H 147 42.94 0.35 -5.71
N LYS H 148 42.97 -0.44 -6.76
CA LYS H 148 44.19 -1.00 -7.30
C LYS H 148 45.17 0.09 -7.72
N GLU H 149 44.69 1.10 -8.42
CA GLU H 149 45.58 2.12 -8.96
C GLU H 149 45.84 3.26 -7.98
N GLY H 150 44.94 3.43 -7.01
CA GLY H 150 45.08 4.47 -6.00
C GLY H 150 45.90 4.04 -4.79
N ARG H 151 46.09 2.74 -4.65
CA ARG H 151 46.66 2.16 -3.43
C ARG H 151 47.99 2.79 -2.97
N SER H 152 48.96 2.90 -3.85
CA SER H 152 50.26 3.43 -3.44
C SER H 152 50.22 4.89 -2.96
N MET H 153 49.34 5.71 -3.52
CA MET H 153 49.17 7.09 -3.03
C MET H 153 48.49 7.18 -1.64
N MET H 154 47.78 6.10 -1.28
CA MET H 154 46.96 6.03 -0.08
C MET H 154 47.61 5.36 1.11
N LYS H 155 48.68 4.60 0.85
CA LYS H 155 49.46 3.89 1.87
C LYS H 155 49.70 4.71 3.14
N ASN H 156 49.35 4.16 4.30
CA ASN H 156 49.77 4.67 5.61
C ASN H 156 49.51 6.14 5.93
N ARG H 157 48.26 6.56 5.76
CA ARG H 157 47.90 7.93 6.16
C ARG H 157 46.46 7.99 6.65
N ASN H 158 46.01 6.88 7.24
CA ASN H 158 44.59 6.71 7.59
C ASN H 158 43.68 7.10 6.42
N ALA H 159 43.98 6.52 5.25
CA ALA H 159 43.21 6.79 4.06
C ALA H 159 41.80 6.13 4.08
N SER H 160 40.95 6.53 3.13
CA SER H 160 39.55 6.10 3.10
C SER H 160 39.05 5.82 1.68
N MET H 161 38.17 4.83 1.55
CA MET H 161 37.35 4.72 0.36
C MET H 161 35.90 4.60 0.81
N VAL H 162 34.98 5.15 0.00
CA VAL H 162 33.55 5.08 0.25
C VAL H 162 32.83 4.91 -1.08
N ALA H 163 31.96 3.90 -1.15
CA ALA H 163 31.16 3.65 -2.32
C ALA H 163 29.69 3.98 -2.01
N LEU H 164 28.95 4.39 -3.02
CA LEU H 164 27.51 4.54 -2.87
C LEU H 164 26.77 3.32 -3.32
N THR H 165 25.87 2.84 -2.49
CA THR H 165 25.13 1.61 -2.82
C THR H 165 23.65 1.82 -2.53
N TYR H 166 22.83 0.78 -2.71
CA TYR H 166 21.39 0.89 -2.53
C TYR H 166 20.89 -0.42 -2.05
N ILE H 167 19.78 -0.39 -1.31
CA ILE H 167 19.19 -1.57 -0.63
C ILE H 167 18.74 -2.69 -1.61
N GLY H 168 18.53 -2.34 -2.88
CA GLY H 168 18.30 -3.34 -3.92
C GLY H 168 19.42 -4.41 -3.95
N ALA H 169 20.58 -4.11 -3.36
CA ALA H 169 21.67 -5.10 -3.16
C ALA H 169 21.26 -6.23 -2.21
N GLU H 170 20.48 -5.88 -1.19
CA GLU H 170 20.06 -6.81 -0.13
C GLU H 170 18.73 -7.54 -0.37
N LYS H 171 17.82 -6.90 -1.11
CA LYS H 171 16.47 -7.41 -1.35
C LYS H 171 16.11 -7.36 -2.83
N ALA H 172 15.27 -8.29 -3.26
CA ALA H 172 14.68 -8.22 -4.58
C ALA H 172 13.65 -7.09 -4.57
N MET H 173 13.78 -6.15 -5.50
CA MET H 173 12.84 -5.04 -5.66
C MET H 173 12.34 -5.00 -7.10
N PRO H 174 11.14 -4.44 -7.34
CA PRO H 174 10.76 -4.25 -8.75
C PRO H 174 11.71 -3.30 -9.46
N SER H 175 11.89 -3.50 -10.78
CA SER H 175 12.66 -2.61 -11.67
C SER H 175 14.16 -2.58 -11.47
N TYR H 176 14.62 -2.60 -10.23
CA TYR H 176 16.04 -2.38 -9.98
C TYR H 176 16.91 -3.48 -10.59
N ASN H 177 16.40 -4.70 -10.59
CA ASN H 177 16.86 -5.80 -11.45
C ASN H 177 18.38 -5.99 -11.45
N THR H 178 18.97 -5.83 -12.63
CA THR H 178 20.40 -6.08 -12.83
C THR H 178 21.22 -5.17 -11.95
N MET H 179 20.71 -3.97 -11.68
CA MET H 179 21.44 -3.03 -10.84
C MET H 179 21.53 -3.52 -9.43
N GLY H 180 20.47 -4.19 -8.98
CA GLY H 180 20.46 -4.79 -7.64
C GLY H 180 21.58 -5.83 -7.51
N VAL H 181 21.72 -6.66 -8.55
CA VAL H 181 22.71 -7.73 -8.54
C VAL H 181 24.09 -7.09 -8.53
N ALA H 182 24.28 -6.07 -9.37
CA ALA H 182 25.54 -5.35 -9.43
C ALA H 182 25.87 -4.65 -8.11
N LYS H 183 24.89 -4.05 -7.46
CA LYS H 183 25.13 -3.48 -6.12
C LYS H 183 25.57 -4.52 -5.08
N ALA H 184 25.05 -5.75 -5.18
CA ALA H 184 25.38 -6.82 -4.28
C ALA H 184 26.87 -7.22 -4.48
N SER H 185 27.27 -7.25 -5.74
CA SER H 185 28.64 -7.42 -6.14
C SER H 185 29.50 -6.24 -5.64
N LEU H 186 28.97 -5.02 -5.73
CA LEU H 186 29.69 -3.87 -5.22
C LEU H 186 29.97 -3.97 -3.71
N GLU H 187 28.95 -4.36 -2.94
CA GLU H 187 29.10 -4.39 -1.48
C GLU H 187 30.13 -5.47 -1.05
N ALA H 188 30.21 -6.56 -1.82
CA ALA H 188 31.14 -7.63 -1.52
C ALA H 188 32.52 -7.14 -1.84
N THR H 189 32.63 -6.45 -2.98
CA THR H 189 33.87 -5.82 -3.39
C THR H 189 34.37 -4.88 -2.29
N VAL H 190 33.48 -4.05 -1.77
CA VAL H 190 33.82 -3.21 -0.59
C VAL H 190 34.44 -4.00 0.59
N ARG H 191 33.85 -5.16 0.91
CA ARG H 191 34.35 -6.01 2.01
C ARG H 191 35.74 -6.60 1.66
N TYR H 192 35.86 -7.25 0.50
CA TYR H 192 37.18 -7.77 0.11
C TYR H 192 38.25 -6.68 -0.04
N THR H 193 37.84 -5.50 -0.51
CA THR H 193 38.74 -4.37 -0.59
C THR H 193 39.16 -3.91 0.79
N ALA H 194 38.22 -3.99 1.75
CA ALA H 194 38.52 -3.59 3.11
C ALA H 194 39.55 -4.55 3.73
N LEU H 195 39.42 -5.82 3.40
CA LEU H 195 40.30 -6.82 3.92
C LEU H 195 41.68 -6.63 3.29
N ALA H 196 41.72 -6.37 1.98
CA ALA H 196 42.96 -6.26 1.22
C ALA H 196 43.76 -5.03 1.54
N LEU H 197 43.08 -3.92 1.81
CA LEU H 197 43.73 -2.62 2.03
C LEU H 197 43.98 -2.21 3.48
N GLY H 198 43.34 -2.90 4.43
CA GLY H 198 43.41 -2.52 5.85
C GLY H 198 44.80 -2.59 6.47
N GLU H 199 45.67 -3.46 5.97
CA GLU H 199 47.06 -3.44 6.43
C GLU H 199 47.82 -2.14 6.02
N ASP H 200 47.34 -1.43 5.00
CA ASP H 200 47.91 -0.14 4.66
C ASP H 200 47.23 0.99 5.39
N GLY H 201 46.42 0.65 6.38
CA GLY H 201 45.67 1.64 7.15
C GLY H 201 44.47 2.24 6.42
N ILE H 202 44.02 1.64 5.32
CA ILE H 202 42.98 2.24 4.49
C ILE H 202 41.64 1.67 4.91
N LYS H 203 40.69 2.55 5.21
CA LYS H 203 39.36 2.09 5.57
C LYS H 203 38.41 2.19 4.39
N VAL H 204 37.50 1.20 4.27
CA VAL H 204 36.74 1.00 3.03
C VAL H 204 35.31 0.71 3.42
N ASN H 205 34.38 1.56 2.98
CA ASN H 205 33.00 1.50 3.48
C ASN H 205 32.05 1.95 2.41
N ALA H 206 30.77 1.82 2.69
CA ALA H 206 29.75 2.11 1.70
C ALA H 206 28.64 2.82 2.40
N VAL H 207 27.95 3.66 1.63
CA VAL H 207 26.80 4.35 2.14
C VAL H 207 25.62 3.93 1.30
N SER H 208 24.63 3.34 1.94
CA SER H 208 23.45 2.89 1.25
C SER H 208 22.39 4.01 1.31
N ALA H 209 22.25 4.75 0.22
CA ALA H 209 21.30 5.88 0.21
C ALA H 209 19.87 5.46 -0.09
N GLY H 210 18.92 6.11 0.59
CA GLY H 210 17.53 6.07 0.11
C GLY H 210 17.44 6.71 -1.28
N PRO H 211 16.37 6.42 -2.02
CA PRO H 211 16.18 7.03 -3.36
C PRO H 211 16.18 8.56 -3.31
N ILE H 212 16.82 9.17 -4.31
CA ILE H 212 16.94 10.63 -4.44
C ILE H 212 16.77 10.93 -5.92
N LYS H 213 16.00 11.98 -6.25
CA LYS H 213 15.72 12.32 -7.63
C LYS H 213 16.94 13.00 -8.28
N THR H 214 17.84 12.19 -8.82
CA THR H 214 19.04 12.66 -9.47
C THR H 214 18.91 12.26 -10.94
N LEU H 215 19.96 12.47 -11.74
CA LEU H 215 19.95 12.04 -13.13
C LEU H 215 19.81 10.52 -13.29
N ALA H 216 20.22 9.77 -12.27
CA ALA H 216 20.03 8.30 -12.23
C ALA H 216 18.57 7.93 -12.27
N ALA H 217 17.72 8.84 -11.79
CA ALA H 217 16.27 8.63 -11.74
C ALA H 217 15.58 8.89 -13.07
N SER H 218 16.29 9.51 -14.00
CA SER H 218 15.65 10.05 -15.19
C SER H 218 15.07 8.98 -16.15
N GLY H 219 15.66 7.79 -16.16
CA GLY H 219 15.05 6.68 -16.92
C GLY H 219 13.73 6.11 -16.36
N ILE H 220 13.46 6.27 -15.07
CA ILE H 220 12.41 5.51 -14.38
C ILE H 220 11.06 6.26 -14.33
N SER H 221 10.10 5.90 -15.17
CA SER H 221 8.77 6.50 -14.98
C SER H 221 8.30 6.00 -13.62
N ASN H 222 7.53 6.79 -12.89
CA ASN H 222 7.08 6.34 -11.56
C ASN H 222 8.14 6.42 -10.43
N PHE H 223 9.31 7.05 -10.70
CA PHE H 223 10.33 7.24 -9.64
C PHE H 223 9.77 8.01 -8.44
N LYS H 224 8.99 9.04 -8.74
CA LYS H 224 8.22 9.82 -7.80
C LYS H 224 7.55 8.96 -6.73
N LYS H 225 7.00 7.83 -7.16
CA LYS H 225 6.20 6.95 -6.30
C LYS H 225 7.04 6.09 -5.37
N MET H 226 8.25 5.72 -5.78
CA MET H 226 9.15 5.02 -4.86
C MET H 226 9.49 5.98 -3.76
N LEU H 227 9.65 7.24 -4.18
CA LEU H 227 10.00 8.31 -3.29
C LEU H 227 8.88 8.52 -2.25
N ASP H 228 7.64 8.58 -2.70
CA ASP H 228 6.51 8.78 -1.79
C ASP H 228 6.30 7.58 -0.87
N TYR H 229 6.51 6.40 -1.43
CA TYR H 229 6.45 5.20 -0.63
C TYR H 229 7.50 5.23 0.47
N ASN H 230 8.72 5.60 0.12
CA ASN H 230 9.77 5.67 1.14
C ASN H 230 9.41 6.62 2.27
N ALA H 231 8.84 7.76 1.91
CA ALA H 231 8.51 8.76 2.91
C ALA H 231 7.35 8.31 3.78
N MET H 232 6.44 7.48 3.25
CA MET H 232 5.32 6.96 4.02
CA MET H 232 5.32 6.98 4.04
C MET H 232 5.73 5.87 5.01
N VAL H 233 6.61 4.98 4.57
CA VAL H 233 6.96 3.78 5.30
C VAL H 233 8.16 3.92 6.26
N SER H 234 9.09 4.81 5.95
CA SER H 234 10.25 5.05 6.81
C SER H 234 9.85 5.56 8.20
N PRO H 235 10.62 5.18 9.23
CA PRO H 235 10.44 5.70 10.57
C PRO H 235 10.43 7.23 10.61
N LEU H 236 11.29 7.91 9.83
CA LEU H 236 11.39 9.37 9.93
C LEU H 236 10.42 10.14 9.01
N LYS H 237 9.63 9.44 8.21
CA LYS H 237 8.55 10.06 7.42
C LYS H 237 9.05 11.16 6.52
N LYS H 238 10.16 10.91 5.82
CA LYS H 238 10.72 11.90 4.91
C LYS H 238 11.61 11.14 3.94
N ASN H 239 12.09 11.87 2.95
CA ASN H 239 13.08 11.40 2.00
C ASN H 239 14.44 12.00 2.37
N VAL H 240 15.51 11.25 2.19
CA VAL H 240 16.84 11.80 2.45
C VAL H 240 17.20 12.77 1.33
N ASP H 241 18.19 13.62 1.57
CA ASP H 241 18.71 14.48 0.53
C ASP H 241 20.23 14.33 0.41
N ILE H 242 20.82 14.97 -0.63
CA ILE H 242 22.22 14.83 -0.94
C ILE H 242 23.15 15.26 0.18
N MET H 243 22.71 16.20 1.01
CA MET H 243 23.49 16.66 2.16
C MET H 243 23.56 15.63 3.28
N GLU H 244 22.43 14.99 3.59
CA GLU H 244 22.43 13.88 4.52
C GLU H 244 23.41 12.80 4.09
N VAL H 245 23.41 12.47 2.80
CA VAL H 245 24.32 11.45 2.30
C VAL H 245 25.75 12.00 2.35
N GLY H 246 25.95 13.20 1.76
CA GLY H 246 27.22 13.87 1.73
C GLY H 246 27.91 13.94 3.08
N ASN H 247 27.19 14.44 4.08
CA ASN H 247 27.72 14.51 5.41
C ASN H 247 28.24 13.18 5.93
N THR H 248 27.52 12.10 5.60
CA THR H 248 27.91 10.77 6.09
C THR H 248 29.18 10.29 5.38
N VAL H 249 29.21 10.42 4.07
CA VAL H 249 30.42 10.13 3.31
C VAL H 249 31.60 10.95 3.85
N ALA H 250 31.38 12.25 4.06
CA ALA H 250 32.42 13.07 4.64
C ALA H 250 32.95 12.45 5.94
N PHE H 251 32.04 12.13 6.88
CA PHE H 251 32.43 11.53 8.14
C PHE H 251 33.30 10.30 7.93
N LEU H 252 32.85 9.41 7.05
CA LEU H 252 33.55 8.17 6.77
C LEU H 252 34.96 8.36 6.16
N CYS H 253 35.27 9.59 5.71
CA CYS H 253 36.63 9.94 5.32
C CYS H 253 37.39 10.74 6.37
N SER H 254 36.90 10.79 7.60
CA SER H 254 37.60 11.54 8.67
C SER H 254 38.34 10.64 9.69
N ASP H 255 39.25 11.23 10.47
CA ASP H 255 39.99 10.51 11.54
C ASP H 255 39.05 10.03 12.66
N MET H 256 37.84 10.57 12.66
CA MET H 256 36.83 10.18 13.61
C MET H 256 36.29 8.77 13.31
N ALA H 257 36.40 8.37 12.04
CA ALA H 257 35.87 7.06 11.63
C ALA H 257 36.94 5.97 11.51
N THR H 258 38.11 6.17 12.11
CA THR H 258 39.18 5.19 11.92
C THR H 258 38.92 3.82 12.46
N GLY H 259 37.85 3.63 13.23
CA GLY H 259 37.48 2.29 13.69
C GLY H 259 36.49 1.54 12.81
N ILE H 260 36.06 2.18 11.70
CA ILE H 260 35.00 1.65 10.86
C ILE H 260 35.51 1.23 9.49
N THR H 261 35.30 -0.04 9.12
CA THR H 261 35.70 -0.50 7.78
C THR H 261 34.86 -1.70 7.38
N GLY H 262 34.70 -1.92 6.09
CA GLY H 262 33.86 -3.01 5.61
C GLY H 262 32.40 -2.82 5.96
N GLU H 263 32.01 -1.59 6.28
CA GLU H 263 30.66 -1.35 6.74
C GLU H 263 29.73 -0.71 5.67
N VAL H 264 28.44 -1.01 5.77
CA VAL H 264 27.39 -0.31 4.99
C VAL H 264 26.54 0.50 5.96
N VAL H 265 26.57 1.82 5.79
CA VAL H 265 25.76 2.69 6.61
C VAL H 265 24.54 3.13 5.80
N HIS H 266 23.36 2.77 6.25
CA HIS H 266 22.12 3.20 5.55
C HIS H 266 21.79 4.62 5.88
N VAL H 267 21.72 5.46 4.86
CA VAL H 267 21.25 6.82 5.03
C VAL H 267 19.93 6.93 4.24
N ASP H 268 18.84 6.53 4.87
CA ASP H 268 17.63 6.23 4.16
C ASP H 268 16.37 6.52 4.97
N ALA H 269 16.51 7.43 5.93
CA ALA H 269 15.44 7.78 6.87
C ALA H 269 14.90 6.53 7.63
N GLY H 270 15.74 5.50 7.74
CA GLY H 270 15.36 4.26 8.43
C GLY H 270 14.53 3.24 7.64
N TYR H 271 14.32 3.46 6.35
CA TYR H 271 13.66 2.49 5.49
C TYR H 271 14.12 1.05 5.70
N HIS H 272 15.43 0.85 5.85
CA HIS H 272 16.02 -0.48 5.94
C HIS H 272 15.58 -1.33 7.10
N CYS H 273 15.08 -0.74 8.18
CA CYS H 273 14.81 -1.49 9.43
C CYS H 273 13.33 -1.85 9.64
N VAL H 274 12.46 -1.37 8.75
CA VAL H 274 11.04 -1.64 8.88
C VAL H 274 10.56 -2.73 7.96
N SER H 275 9.51 -3.42 8.37
CA SER H 275 8.79 -4.24 7.42
C SER H 275 7.31 -3.92 7.50
N MET H 276 6.69 -3.85 6.33
CA MET H 276 5.25 -3.72 6.21
C MET H 276 4.61 -2.36 6.54
N GLY H 277 4.62 -1.95 7.80
CA GLY H 277 3.95 -0.69 8.22
C GLY H 277 2.43 -0.74 8.34
N ASN H 278 1.80 0.38 8.69
CA ASN H 278 0.35 0.41 8.96
C ASN H 278 -0.50 0.72 7.74
N VAL H 279 0.13 1.18 6.68
CA VAL H 279 -0.58 1.52 5.46
C VAL H 279 -0.21 0.45 4.44
N LEU H 280 -1.13 -0.46 4.19
CA LEU H 280 -0.84 -1.63 3.37
C LEU H 280 -1.12 -1.41 1.89
PA NAD I . -13.04 19.73 16.88
O1A NAD I . -13.02 18.70 17.94
O2A NAD I . -12.27 20.96 16.95
O5B NAD I . -14.54 20.31 16.57
C5B NAD I . -15.76 19.55 16.75
C4B NAD I . -16.63 20.62 17.40
O4B NAD I . -17.98 20.09 17.55
C3B NAD I . -16.12 21.05 18.81
O3B NAD I . -15.89 22.45 18.96
C2B NAD I . -17.20 20.47 19.73
O2B NAD I . -17.32 21.25 20.92
C1B NAD I . -18.42 20.55 18.82
N9A NAD I . -19.48 19.80 19.50
C8A NAD I . -19.57 18.53 19.97
N7A NAD I . -20.77 18.31 20.54
C5A NAD I . -21.39 19.52 20.40
C6A NAD I . -22.70 19.93 20.80
N6A NAD I . -23.50 19.12 21.42
N1A NAD I . -23.11 21.24 20.55
C2A NAD I . -22.31 22.14 19.91
N3A NAD I . -21.07 21.78 19.51
C4A NAD I . -20.60 20.46 19.75
O3 NAD I . -12.68 18.96 15.53
PN NAD I . -12.71 19.46 14.01
O1N NAD I . -12.11 18.41 13.30
O2N NAD I . -12.13 20.86 13.89
O5D NAD I . -14.29 19.34 13.68
C5D NAD I . -15.06 20.32 13.01
C4D NAD I . -15.94 19.67 11.97
O4D NAD I . -15.06 19.28 10.91
C3D NAD I . -16.73 18.36 12.17
O3D NAD I . -17.92 18.42 11.28
C2D NAD I . -15.82 17.28 11.66
O2D NAD I . -16.46 16.03 11.35
C1D NAD I . -15.30 17.91 10.43
N1N NAD I . -14.20 17.17 9.74
C2N NAD I . -12.90 16.94 10.40
C3N NAD I . -11.86 16.21 9.72
C7N NAD I . -10.64 15.77 10.57
O7N NAD I . -9.95 14.77 10.25
N7N NAD I . -10.41 16.52 11.65
C4N NAD I . -12.11 15.72 8.42
C5N NAD I . -13.37 15.95 7.80
C6N NAD I . -14.39 16.66 8.43
C1 1JU J . -11.68 12.44 12.15
C2 1JU J . -11.61 11.09 11.48
C3 1JU J . -17.32 13.21 15.80
C4 1JU J . -16.14 13.06 14.87
C5 1JU J . -16.88 13.18 17.24
C6 1JU J . -16.12 11.90 17.51
C7 1JU J . -14.85 11.82 16.70
C8 1JU J . -14.95 12.44 15.32
C9 1JU J . -13.83 12.40 14.48
C10 1JU J . -16.21 13.58 13.57
C11 1JU J . -13.92 12.92 13.21
N12 1JU J . -13.04 12.96 12.15
C13 1JU J . -13.71 13.52 11.11
C14 1JU J . -15.10 13.49 12.74
N15 1JU J . -14.95 13.85 11.39
C16 1JU J . -11.25 10.99 10.15
C17 1JU J . -11.89 9.93 12.21
O18 1JU J . -11.43 7.32 9.82
C19 1JU J . -11.44 8.64 10.24
C20 1JU J . -11.87 6.56 10.96
O21 1JU J . -12.12 7.47 12.05
C22 1JU J . -11.81 8.72 11.56
C23 1JU J . -11.15 9.76 9.51
C1 GOL K . -9.89 6.42 -1.95
O1 GOL K . -11.04 6.42 -2.81
C2 GOL K . -8.70 5.61 -2.51
O2 GOL K . -7.87 5.19 -1.42
C3 GOL K . -9.18 4.41 -3.28
O3 GOL K . -8.06 3.53 -3.45
C1 GOL L . -24.63 11.22 1.29
O1 GOL L . -25.96 11.75 1.38
C2 GOL L . -24.11 11.58 -0.11
O2 GOL L . -23.90 13.00 -0.24
C3 GOL L . -22.81 10.77 -0.32
O3 GOL L . -22.39 10.93 -1.69
PA NAD M . -18.77 30.21 -26.67
O1A NAD M . -19.33 29.83 -28.00
O2A NAD M . -18.53 31.64 -26.42
O5B NAD M . -17.35 29.50 -26.27
C5B NAD M . -16.88 28.25 -26.87
C4B NAD M . -15.44 28.51 -27.37
O4B NAD M . -14.83 27.28 -27.88
C3B NAD M . -15.37 29.55 -28.53
O3B NAD M . -14.48 30.62 -28.28
C2B NAD M . -14.88 28.75 -29.72
O2B NAD M . -14.11 29.67 -30.47
C1B NAD M . -14.06 27.71 -28.98
N9A NAD M . -13.69 26.65 -29.92
C8A NAD M . -14.43 25.85 -30.71
N7A NAD M . -13.63 25.03 -31.42
C5A NAD M . -12.39 25.38 -31.01
C6A NAD M . -11.11 24.87 -31.42
N6A NAD M . -10.98 23.91 -32.31
N1A NAD M . -9.98 25.42 -30.84
C2A NAD M . -10.04 26.43 -29.92
N3A NAD M . -11.24 26.92 -29.53
C4A NAD M . -12.42 26.41 -30.08
O3 NAD M . -19.70 29.50 -25.55
PN NAD M . -19.48 29.31 -23.99
O1N NAD M . -20.75 28.92 -23.55
O2N NAD M . -18.83 30.52 -23.43
O5D NAD M . -18.52 28.03 -23.88
C5D NAD M . -17.37 28.00 -23.07
C4D NAD M . -17.31 26.63 -22.45
O4D NAD M . -18.35 26.58 -21.46
C3D NAD M . -17.61 25.32 -23.18
O3D NAD M . -16.82 24.26 -22.58
C2D NAD M . -19.07 24.98 -22.89
O2D NAD M . -19.43 23.59 -23.04
C1D NAD M . -19.09 25.32 -21.46
N1N NAD M . -20.44 25.38 -20.93
C2N NAD M . -21.41 26.32 -21.50
C3N NAD M . -22.73 26.36 -20.98
C7N NAD M . -23.80 27.21 -21.72
O7N NAD M . -25.01 26.97 -21.56
N7N NAD M . -23.41 28.19 -22.55
C4N NAD M . -23.06 25.47 -19.92
C5N NAD M . -22.09 24.56 -19.37
C6N NAD M . -20.79 24.51 -19.88
C1 1JU N . -25.23 24.82 -24.22
C2 1JU N . -26.33 23.83 -23.94
C3 1JU N . -20.26 22.57 -28.23
C4 1JU N . -21.30 23.04 -27.23
C5 1JU N . -20.33 23.35 -29.52
C6 1JU N . -21.74 23.36 -30.08
C7 1JU N . -22.67 24.07 -29.12
C8 1JU N . -22.47 23.69 -27.68
C9 1JU N . -23.43 24.09 -26.74
C10 1JU N . -21.08 22.82 -25.87
C11 1JU N . -23.19 23.86 -25.40
N12 1JU N . -23.91 24.17 -24.26
C13 1JU N . -23.17 23.72 -23.21
C14 1JU N . -22.03 23.24 -24.95
N15 1JU N . -22.04 23.16 -23.56
C16 1JU N . -26.77 23.62 -22.64
C17 1JU N . -26.85 23.07 -24.98
O18 1JU N . -29.12 20.86 -23.33
C19 1JU N . -28.21 21.90 -23.38
C20 1JU N . -29.25 20.40 -24.68
O21 1JU N . -28.44 21.22 -25.53
C22 1JU N . -27.79 22.09 -24.68
C23 1JU N . -27.72 22.66 -22.35
NA NA O . -0.79 19.46 -37.24
C1 GOL P . -34.35 15.82 -12.23
O1 GOL P . -35.64 16.46 -12.21
C2 GOL P . -33.32 16.94 -12.26
O2 GOL P . -32.07 16.43 -12.80
C3 GOL P . -33.96 18.09 -13.09
O3 GOL P . -34.55 17.53 -14.28
C ACT Q . -17.82 12.04 -15.49
O ACT Q . -16.99 11.24 -16.03
OXT ACT Q . -17.63 12.65 -14.38
CH3 ACT Q . -19.11 12.29 -16.23
PA NAD R . -45.62 -0.72 2.92
O1A NAD R . -46.34 0.32 3.71
O2A NAD R . -46.28 -1.87 2.34
O5B NAD R . -44.33 -1.31 3.70
C5B NAD R . -43.73 -0.48 4.73
C4B NAD R . -43.46 -1.53 5.80
O4B NAD R . -42.63 -1.04 6.91
C3B NAD R . -44.82 -2.00 6.39
O3B NAD R . -44.92 -3.42 6.29
C2B NAD R . -44.76 -1.48 7.81
O2B NAD R . -45.53 -2.37 8.62
C1B NAD R . -43.27 -1.57 8.05
N9A NAD R . -43.03 -0.84 9.27
C8A NAD R . -43.37 0.41 9.59
N7A NAD R . -42.97 0.67 10.84
C5A NAD R . -42.37 -0.47 11.24
C6A NAD R . -41.74 -0.75 12.50
N6A NAD R . -41.69 0.17 13.46
N1A NAD R . -41.18 -2.01 12.66
C2A NAD R . -41.24 -2.95 11.67
N3A NAD R . -41.84 -2.68 10.48
C4A NAD R . -42.39 -1.43 10.27
O3 NAD R . -44.88 0.14 1.80
PN NAD R . -43.85 -0.22 0.66
O1N NAD R . -43.89 0.89 -0.24
O2N NAD R . -43.96 -1.65 0.28
O5D NAD R . -42.45 -0.06 1.38
C5D NAD R . -41.49 -1.09 1.60
C4D NAD R . -40.20 -0.33 1.50
O4D NAD R . -40.20 0.22 0.21
C3D NAD R . -39.85 0.94 2.30
O3D NAD R . -38.43 0.87 2.70
C2D NAD R . -40.02 2.13 1.37
O2D NAD R . -39.31 3.37 1.64
C1D NAD R . -39.51 1.51 0.15
N1N NAD R . -39.80 2.25 -1.08
C2N NAD R . -41.18 2.51 -1.47
C3N NAD R . -41.45 3.22 -2.66
C7N NAD R . -42.90 3.60 -3.04
O7N NAD R . -43.10 4.38 -3.95
N7N NAD R . -43.93 3.08 -2.38
C4N NAD R . -40.34 3.66 -3.42
C5N NAD R . -38.98 3.42 -3.03
C6N NAD R . -38.71 2.71 -1.86
C1 1JU S . -43.35 6.91 -1.11
C2 1JU S . -42.91 8.23 -1.69
C3 1JU S . -41.99 5.97 5.46
C4 1JU S . -42.20 6.08 3.97
C5 1JU S . -43.28 5.93 6.23
C6 1JU S . -44.18 7.08 5.81
C7 1JU S . -44.54 7.02 4.34
C8 1JU S . -43.40 6.65 3.45
C9 1JU S . -43.52 6.83 2.08
C10 1JU S . -41.19 5.67 3.11
C11 1JU S . -42.51 6.41 1.24
N12 1JU S . -42.37 6.40 -0.13
C13 1JU S . -41.16 5.84 -0.40
C14 1JU S . -41.35 5.83 1.73
N15 1JU S . -40.50 5.48 0.68
C16 1JU S . -42.22 8.26 -2.90
C17 1JU S . -43.20 9.43 -1.05
O18 1JU S . -41.86 11.92 -3.19
C19 1JU S . -42.14 10.63 -2.82
C20 1JU S . -42.37 12.74 -2.13
O21 1JU S . -43.02 11.89 -1.17
C22 1JU S . -42.81 10.61 -1.63
C23 1JU S . -41.82 9.46 -3.49
C1 GOL T . -26.45 9.15 -2.03
O1 GOL T . -25.90 8.72 -3.29
C2 GOL T . -26.59 7.96 -1.05
O2 GOL T . -25.57 6.93 -1.25
C3 GOL T . -26.64 8.51 0.38
O3 GOL T . -25.91 7.72 1.35
PA NAD U . -10.57 -9.93 -23.88
O1A NAD U . -9.30 -9.49 -24.57
O2A NAD U . -10.90 -11.36 -23.81
O5B NAD U . -11.86 -9.24 -24.61
C5B NAD U . -11.64 -8.04 -25.40
C4B NAD U . -12.47 -8.23 -26.67
O4B NAD U . -12.54 -6.95 -27.39
C3B NAD U . -11.78 -9.25 -27.60
O3B NAD U . -12.64 -10.25 -28.11
C2B NAD U . -11.28 -8.38 -28.74
O2B NAD U . -11.27 -9.26 -29.85
C1B NAD U . -12.34 -7.30 -28.74
N9A NAD U . -11.83 -6.25 -29.64
C8A NAD U . -10.70 -5.50 -29.63
N7A NAD U . -10.68 -4.66 -30.68
C5A NAD U . -11.86 -4.95 -31.31
C6A NAD U . -12.40 -4.38 -32.49
N6A NAD U . -11.74 -3.45 -33.12
N1A NAD U . -13.63 -4.82 -32.97
C2A NAD U . -14.31 -5.81 -32.30
N3A NAD U . -13.82 -6.38 -31.16
C4A NAD U . -12.59 -5.94 -30.67
O3 NAD U . -10.64 -9.22 -22.45
PN NAD U . -11.82 -9.06 -21.41
O1N NAD U . -11.22 -8.65 -20.18
O2N NAD U . -12.68 -10.29 -21.47
O5D NAD U . -12.59 -7.76 -21.94
C5D NAD U . -13.93 -7.76 -22.34
C4D NAD U . -14.49 -6.43 -21.89
O4D NAD U . -14.44 -6.40 -20.46
C3D NAD U . -13.83 -5.06 -22.22
O3D NAD U . -14.83 -4.02 -22.38
C2D NAD U . -13.03 -4.70 -20.99
O2D NAD U . -12.59 -3.33 -20.93
C1D NAD U . -14.00 -5.09 -19.97
N1N NAD U . -13.48 -5.15 -18.60
C2N NAD U . -12.38 -6.07 -18.30
C3N NAD U . -11.87 -6.14 -16.99
C7N NAD U . -10.59 -6.96 -16.71
O7N NAD U . -9.95 -6.74 -15.68
N7N NAD U . -10.17 -7.89 -17.60
C4N NAD U . -12.46 -5.31 -16.01
C5N NAD U . -13.53 -4.42 -16.32
C6N NAD U . -14.06 -4.33 -17.60
C1 1JU V . -7.71 -4.48 -17.60
C2 1JU V . -7.15 -3.52 -16.57
C3 1JU V . -8.24 -1.99 -23.88
C4 1JU V . -8.26 -2.59 -22.50
C5 1JU V . -7.16 -2.57 -24.76
C6 1JU V . -5.82 -2.61 -24.04
C7 1JU V . -5.89 -3.48 -22.81
C8 1JU V . -7.11 -3.21 -21.96
C9 1JU V . -7.11 -3.63 -20.63
C10 1JU V . -9.41 -2.46 -21.72
C11 1JU V . -8.26 -3.48 -19.88
N12 1JU V . -8.58 -3.82 -18.57
C13 1JU V . -9.86 -3.42 -18.39
C14 1JU V . -9.41 -2.90 -20.40
N15 1JU V . -10.41 -2.86 -19.45
C16 1JU V . -7.70 -3.47 -15.29
C17 1JU V . -6.10 -2.67 -16.88
O18 1JU V . -5.56 -0.80 -13.90
C19 1JU V . -6.20 -1.75 -14.67
C20 1JU V . -4.53 -0.26 -14.72
O21 1JU V . -4.54 -0.97 -15.98
C22 1JU V . -5.63 -1.80 -15.93
C23 1JU V . -7.25 -2.59 -14.33
C1 GOL W . -6.95 -24.18 -20.91
O1 GOL W . -7.94 -23.21 -21.28
C2 GOL W . -6.78 -24.16 -19.38
O2 GOL W . -6.00 -23.02 -19.02
C3 GOL W . -8.14 -24.14 -18.67
O3 GOL W . -8.99 -25.22 -19.08
C ACT X . -19.18 7.97 -15.87
O ACT X . -20.15 7.53 -15.17
OXT ACT X . -19.37 8.64 -16.93
CH3 ACT X . -17.77 7.64 -15.42
PA NAD Y . 33.36 -29.37 -8.93
O1A NAD Y . 34.66 -28.99 -9.56
O2A NAD Y . 33.02 -30.79 -8.82
O5B NAD Y . 32.07 -28.64 -9.62
C5B NAD Y . 32.34 -27.43 -10.41
C4B NAD Y . 31.49 -27.58 -11.67
O4B NAD Y . 31.40 -26.30 -12.35
C3B NAD Y . 32.19 -28.55 -12.64
O3B NAD Y . 31.37 -29.67 -12.96
C2B NAD Y . 32.50 -27.70 -13.85
O2B NAD Y . 32.36 -28.54 -14.98
C1B NAD Y . 31.43 -26.63 -13.73
N9A NAD Y . 31.82 -25.56 -14.66
C8A NAD Y . 32.92 -24.76 -14.71
N7A NAD Y . 32.85 -23.93 -15.78
C5A NAD Y . 31.66 -24.28 -16.37
C6A NAD Y . 31.05 -23.75 -17.54
N6A NAD Y . 31.58 -22.80 -18.22
N1A NAD Y . 29.83 -24.28 -17.94
C2A NAD Y . 29.23 -25.28 -17.24
N3A NAD Y . 29.79 -25.81 -16.13
C4A NAD Y . 31.02 -25.31 -15.68
O3 NAD Y . 33.31 -28.65 -7.51
PN NAD Y . 32.12 -28.60 -6.48
O1N NAD Y . 32.78 -28.21 -5.26
O2N NAD Y . 31.37 -29.88 -6.51
O5D NAD Y . 31.26 -27.31 -6.98
C5D NAD Y . 29.86 -27.27 -7.11
C4D NAD Y . 29.41 -25.90 -6.68
O4D NAD Y . 29.44 -25.86 -5.24
C3D NAD Y . 30.09 -24.57 -7.04
O3D NAD Y . 29.05 -23.55 -7.22
C2D NAD Y . 30.89 -24.15 -5.83
O2D NAD Y . 31.33 -22.74 -5.73
C1D NAD Y . 29.96 -24.59 -4.76
N1N NAD Y . 30.63 -24.74 -3.46
C2N NAD Y . 31.72 -25.69 -3.31
C3N NAD Y . 32.35 -25.81 -2.03
C7N NAD Y . 33.65 -26.61 -1.88
O7N NAD Y . 34.40 -26.37 -0.94
N7N NAD Y . 33.94 -27.55 -2.76
C4N NAD Y . 31.89 -25.01 -0.95
C5N NAD Y . 30.82 -24.09 -1.12
C6N NAD Y . 30.19 -23.95 -2.37
C1 1JU Z . 36.32 -23.93 -2.55
C2 1JU Z . 36.87 -22.91 -1.58
C3 1JU Z . 35.38 -21.64 -8.86
C4 1JU Z . 35.50 -22.07 -7.42
C5 1JU Z . 36.45 -22.24 -9.72
C6 1JU Z . 37.82 -21.96 -9.11
C7 1JU Z . 37.98 -22.62 -7.74
C8 1JU Z . 36.72 -22.59 -6.91
C9 1JU Z . 36.77 -23.05 -5.60
C10 1JU Z . 34.39 -21.97 -6.60
C11 1JU Z . 35.64 -22.96 -4.81
N12 1JU Z . 35.39 -23.30 -3.49
C13 1JU Z . 34.10 -22.93 -3.25
C14 1JU Z . 34.47 -22.39 -5.28
N15 1JU Z . 33.51 -22.37 -4.27
C16 1JU Z . 36.27 -22.74 -0.35
C17 1JU Z . 37.97 -22.12 -1.94
O18 1JU Z . 38.45 -20.05 0.93
C19 1JU Z . 37.82 -21.04 0.20
C20 1JU Z . 39.48 -19.54 0.05
O21 1JU Z . 39.41 -20.25 -1.19
C22 1JU Z . 38.42 -21.19 -1.03
C23 1JU Z . 36.75 -21.80 0.57
PA NAD AA . -1.04 -21.01 19.02
O1A NAD AA . -1.79 -20.06 19.83
O2A NAD AA . -1.79 -22.16 18.52
O5B NAD AA . 0.32 -21.58 19.68
C5B NAD AA . 0.86 -20.87 20.83
C4B NAD AA . 1.15 -21.94 21.90
O4B NAD AA . 2.02 -21.37 22.96
C3B NAD AA . -0.16 -22.45 22.58
O3B NAD AA . -0.29 -23.86 22.68
C2B NAD AA . -0.06 -21.85 23.97
O2B NAD AA . -0.79 -22.74 24.80
C1B NAD AA . 1.45 -21.90 24.15
N9A NAD AA . 1.74 -21.18 25.37
C8A NAD AA . 1.40 -19.93 25.76
N7A NAD AA . 1.88 -19.69 27.00
C5A NAD AA . 2.53 -20.84 27.33
C6A NAD AA . 3.22 -21.14 28.53
N6A NAD AA . 3.32 -20.27 29.52
N1A NAD AA . 3.81 -22.40 28.64
C2A NAD AA . 3.71 -23.31 27.61
N3A NAD AA . 3.05 -23.03 26.47
C4A NAD AA . 2.45 -21.78 26.31
O3 NAD AA . -0.41 -20.14 17.84
PN NAD AA . 0.71 -20.53 16.77
O1N NAD AA . 0.68 -19.44 15.83
O2N NAD AA . 0.52 -21.96 16.37
O5D NAD AA . 2.04 -20.33 17.62
C5D NAD AA . 3.04 -21.32 17.72
C4D NAD AA . 4.33 -20.58 17.55
O4D NAD AA . 4.36 -20.10 16.20
C3D NAD AA . 4.72 -19.31 18.32
O3D NAD AA . 6.17 -19.34 18.56
C2D NAD AA . 4.41 -18.18 17.34
O2D NAD AA . 5.01 -16.91 17.68
C1D NAD AA . 4.98 -18.78 16.12
N1N NAD AA . 4.66 -18.05 14.89
C2N NAD AA . 3.25 -17.80 14.51
C3N NAD AA . 2.95 -17.08 13.32
C7N NAD AA . 1.48 -16.70 13.01
O7N NAD AA . 1.22 -15.88 12.15
N7N NAD AA . 0.51 -17.31 13.71
C4N NAD AA . 4.02 -16.60 12.51
C5N NAD AA . 5.39 -16.86 12.90
C6N NAD AA . 5.71 -17.57 14.06
C1 1JU BA . 0.93 -13.52 14.92
C2 1JU BA . 1.24 -12.16 14.37
C3 1JU BA . 2.65 -14.25 21.41
C4 1JU BA . 2.35 -14.19 19.94
C5 1JU BA . 1.40 -14.19 22.25
C6 1JU BA . 0.51 -13.04 21.79
C7 1JU BA . 0.00 -13.33 20.42
C8 1JU BA . 1.12 -13.65 19.47
C9 1JU BA . 0.91 -13.53 18.10
C10 1JU BA . 3.32 -14.62 19.03
C11 1JU BA . 1.88 -13.96 17.23
N12 1JU BA . 1.97 -13.94 15.85
C13 1JU BA . 3.21 -14.43 15.54
C14 1JU BA . 3.10 -14.50 17.66
N15 1JU BA . 3.92 -14.78 16.58
C16 1JU BA . 1.84 -12.00 13.12
C17 1JU BA . 0.98 -11.03 15.15
O18 1JU BA . 2.17 -8.34 13.14
C19 1JU BA . 1.94 -9.66 13.42
C20 1JU BA . 1.68 -7.61 14.27
O21 1JU BA . 1.09 -8.55 15.20
C22 1JU BA . 1.33 -9.80 14.65
C23 1JU BA . 2.20 -10.76 12.64
NA NA CA . 8.85 -23.15 40.18
PA NAD DA . 31.67 0.07 32.03
O1A NAD DA . 31.51 -0.91 33.13
O2A NAD DA . 32.52 1.23 32.20
O5B NAD DA . 30.21 0.68 31.66
C5B NAD DA . 29.04 -0.13 31.99
C4B NAD DA . 28.08 0.80 32.75
O4B NAD DA . 26.74 0.20 32.95
C3B NAD DA . 28.60 1.22 34.13
O3B NAD DA . 28.77 2.62 34.24
C2B NAD DA . 27.52 0.70 35.06
O2B NAD DA . 27.46 1.54 36.22
C1B NAD DA . 26.30 0.74 34.17
N9A NAD DA . 25.30 -0.07 34.84
C8A NAD DA . 25.25 -1.36 35.23
N7A NAD DA . 24.07 -1.65 35.83
C5A NAD DA . 23.42 -0.47 35.78
C6A NAD DA . 22.13 -0.15 36.25
N6A NAD DA . 21.39 -1.06 36.83
N1A NAD DA . 21.67 1.15 36.09
C2A NAD DA . 22.44 2.11 35.47
N3A NAD DA . 23.68 1.82 35.01
C4A NAD DA . 24.18 0.53 35.16
O3 NAD DA . 31.94 -0.74 30.70
PN NAD DA . 31.84 -0.33 29.16
O1N NAD DA . 32.50 -1.38 28.46
O2N NAD DA . 32.24 1.10 28.92
O5D NAD DA . 30.27 -0.53 28.88
C5D NAD DA . 29.50 0.51 28.27
C4D NAD DA . 28.55 -0.12 27.30
O4D NAD DA . 29.34 -0.48 26.14
C3D NAD DA . 27.82 -1.43 27.60
O3D NAD DA . 26.53 -1.46 26.92
C2D NAD DA . 28.68 -2.50 26.96
O2D NAD DA . 28.05 -3.78 26.71
C1D NAD DA . 29.08 -1.85 25.69
N1N NAD DA . 30.16 -2.57 24.97
C2N NAD DA . 31.46 -2.83 25.58
C3N NAD DA . 32.47 -3.53 24.84
C7N NAD DA . 33.76 -3.89 25.58
O7N NAD DA . 34.59 -4.68 25.11
N7N NAD DA . 33.93 -3.30 26.77
C4N NAD DA . 32.21 -3.98 23.51
C5N NAD DA . 30.94 -3.70 22.91
C6N NAD DA . 29.95 -3.03 23.63
C1 1JU EA . 33.00 -7.34 27.24
C2 1JU EA . 33.09 -8.67 26.56
C3 1JU EA . 27.51 -6.62 31.10
C4 1JU EA . 28.66 -6.75 30.15
C5 1JU EA . 27.89 -7.01 32.49
C6 1JU EA . 28.75 -8.26 32.48
C7 1JU EA . 30.09 -7.86 31.95
C8 1JU EA . 29.91 -7.29 30.57
C9 1JU EA . 30.97 -7.35 29.69
C10 1JU EA . 28.49 -6.32 28.83
C11 1JU EA . 30.79 -6.91 28.38
N12 1JU EA . 31.61 -6.91 27.27
C13 1JU EA . 30.86 -6.44 26.24
C14 1JU EA . 29.57 -6.41 27.93
N15 1JU EA . 29.63 -6.10 26.58
C16 1JU EA . 33.49 -8.74 25.22
C17 1JU EA . 32.79 -9.84 27.25
O18 1JU EA . 33.38 -12.41 24.86
C19 1JU EA . 33.31 -11.09 25.27
C20 1JU EA . 32.97 -13.19 25.98
O21 1JU EA . 32.73 -12.30 27.11
C22 1JU EA . 32.91 -11.04 26.59
C23 1JU EA . 33.59 -9.96 24.57
PA NAD FA . 24.16 10.54 -11.21
O1A NAD FA . 23.51 10.17 -12.51
O2A NAD FA . 24.45 11.94 -10.95
O5B NAD FA . 25.55 9.78 -10.86
C5B NAD FA . 26.02 8.64 -11.63
C4B NAD FA . 27.47 8.96 -12.00
O4B NAD FA . 28.15 7.76 -12.49
C3B NAD FA . 27.54 10.05 -13.10
O3B NAD FA . 28.34 11.17 -12.74
C2B NAD FA . 28.12 9.30 -14.29
O2B NAD FA . 28.87 10.23 -15.07
C1B NAD FA . 28.92 8.22 -13.58
N9A NAD FA . 29.22 7.20 -14.58
C8A NAD FA . 28.42 6.43 -15.37
N7A NAD FA . 29.18 5.65 -16.15
C5A NAD FA . 30.47 5.97 -15.82
C6A NAD FA . 31.69 5.45 -16.33
N6A NAD FA . 31.74 4.52 -17.27
N1A NAD FA . 32.86 5.97 -15.81
C2A NAD FA . 32.85 6.94 -14.83
N3A NAD FA . 31.69 7.45 -14.33
C4A NAD FA . 30.50 6.95 -14.83
O3 NAD FA . 23.20 9.87 -10.08
PN NAD FA . 23.44 9.62 -8.54
O1N NAD FA . 22.18 9.23 -8.02
O2N NAD FA . 24.09 10.85 -8.01
O5D NAD FA . 24.40 8.36 -8.43
C5D NAD FA . 25.68 8.36 -7.85
C4D NAD FA . 25.77 7.02 -7.17
O4D NAD FA . 24.75 7.01 -6.16
C3D NAD FA . 25.50 5.66 -7.86
O3D NAD FA . 26.42 4.64 -7.33
C2D NAD FA . 24.07 5.28 -7.48
O2D NAD FA . 23.67 3.89 -7.59
C1D NAD FA . 24.08 5.71 -6.09
N1N NAD FA . 22.74 5.68 -5.49
C2N NAD FA . 21.71 6.60 -5.98
C3N NAD FA . 20.42 6.56 -5.38
C7N NAD FA . 19.27 7.36 -6.02
O7N NAD FA . 18.11 7.06 -5.76
N7N NAD FA . 19.53 8.39 -6.85
C4N NAD FA . 20.19 5.64 -4.34
C5N NAD FA . 21.21 4.77 -3.89
C6N NAD FA . 22.48 4.78 -4.45
C1 1JU GA . 17.68 4.95 -8.73
C2 1JU GA . 16.67 3.91 -8.28
C3 1JU GA . 22.66 2.80 -12.77
C4 1JU GA . 21.66 3.33 -11.77
C5 1JU GA . 22.50 3.39 -14.12
C6 1JU GA . 21.06 3.36 -14.58
C7 1JU GA . 20.17 4.17 -13.67
C8 1JU GA . 20.45 3.91 -12.21
C9 1JU GA . 19.50 4.30 -11.27
C10 1JU GA . 21.92 3.19 -10.41
C11 1JU GA . 19.77 4.13 -9.93
N12 1JU GA . 19.05 4.43 -8.78
C13 1JU GA . 19.85 4.07 -7.73
C14 1JU GA . 20.97 3.59 -9.48
N15 1JU GA . 21.01 3.56 -8.09
C16 1JU GA . 16.42 3.71 -6.92
C17 1JU GA . 16.02 3.10 -9.21
O18 1JU GA . 14.09 0.86 -7.21
C19 1JU GA . 14.95 1.92 -7.42
C20 1JU GA . 13.79 0.35 -8.51
O21 1JU GA . 14.50 1.15 -9.49
C22 1JU GA . 15.17 2.11 -8.76
C23 1JU GA . 15.56 2.73 -6.48
NA NA HA . 41.48 0.48 -22.67
C1 GOL IA . 12.79 -3.05 4.08
O1 GOL IA . 12.68 -2.20 5.22
C2 GOL IA . 11.67 -2.94 3.03
O2 GOL IA . 11.47 -4.27 2.58
C3 GOL IA . 10.29 -2.30 3.40
O3 GOL IA . 9.39 -2.30 2.25
C1 GOL JA . 26.38 -7.62 -0.71
O1 GOL JA . 27.03 -8.82 -1.03
C2 GOL JA . 25.03 -7.93 -0.07
O2 GOL JA . 24.05 -7.06 -0.66
C3 GOL JA . 25.19 -7.64 1.42
O3 GOL JA . 26.16 -6.59 1.48
#